data_8G7B
#
_entry.id   8G7B
#
_cell.length_a   1.00
_cell.length_b   1.00
_cell.length_c   1.00
_cell.angle_alpha   90.00
_cell.angle_beta   90.00
_cell.angle_gamma   90.00
#
_symmetry.space_group_name_H-M   'P 1'
#
loop_
_entity.id
_entity.type
_entity.pdbx_description
1 polymer Nanosota-3
2 polymer 'Spike glycoprotein'
3 non-polymer 2-acetamido-2-deoxy-beta-D-glucopyranose
#
loop_
_entity_poly.entity_id
_entity_poly.type
_entity_poly.pdbx_seq_one_letter_code
_entity_poly.pdbx_strand_id
1 'polypeptide(L)'
;MAQVQLQESGGGLVQAGGSLRLSCAASGSIFSPNTMGWFRQALGKQREMVAVISSIASTQYANFVKGRFTITRDNTKNTV
HLQMNSLIPEDTAVYYCYAVDKSQDYWGQGTQVTVSSGGQHHHHHHGAYPYDVPDYAS
;
E,C
2 'polypeptide(L)'
;QCVNLTTRTQLPPAYTNSFTRGVYYPDKVFRSSVLHSTQDLFLPFFSNVTWFHAIHVSGTNGTKRFDNPVLPFNDGVYFA
STEKSNIIRGWIFGTTLDSKTQSLLIVNNATNVVIKVCEFQFCNDPFLGVYYHKNNKSWMESEFRVYSSANNCTFEYVSQ
PFLMDLEGKQGNFKNLREFVFKNIDGYFKIYSKHTPINLVRDLPQGFSALEPLVDLPIGINITRFQTLLALHRSYLTPGD
SSSGWTAGAAAYYVGYLQPRTFLLKYNENGTITDAVDCALDPLSETKCTLKSFTVEKGIYQTSNFRVQPTESIVRFPNIT
NLCPFGEVFNATRFASVYAWNRKRISNCVADYSVLYNSASFSTFKCYGVSPTKLNDLCFTNVYADSFVIRGDEVRQIAPG
QTGKIADYNYKLPDDFTGCVIAWNSNNLDSKVGGNYNYLYRLFRKSNLKPFERDISTEIYQAGSTPCNGVEGFNCYFPLQ
SYGFQPTNGVGYQPYRVVVLSFELLHAPATVCGPKKSTNLVKNKCVNFNFNGLTGTGVLTESNKKFLPFQQFGRDIADTT
DAVRDPQTLEILDITPCSFGGVSVITPGTNTSNQVAVLYQGVNCTEVPVAIHADQLTPTWRVYSTGSNVFQTRAGCLIGA
EHVNNSYECDIPIGAGICASYQTQTNSPAGARSVASQSIIAYTMSLGAENSVAYSNNSIAIPTNFTISVTTEILPVSMTK
TSVDCTMYICGDSTECSNLLLQYGSFCTQLNRALTGIAVEQDKNTQEVFAQVKQIYKTPPIKDFGGFNFSQILPDPSKPS
KRSPIEDLLFNKVTLADAGFIKQYGDCLGDIAARDLICAQKFNGLTVLPPLLTDEMIAQYTSALLAGTITSGWTFGAGPA
LQIPFPMQMAYRFNGIGVTQNVLYENQKLIANQFNSAIGKIQDSLSSTPSALGKLQDVVNQNAQALNTLVKQLSSNFGAI
SSVLNDILSRLDPPEAEVQIDRLITGRLQSLQTYVTQQLIRAAEIRASANLAATKMSECVLGQSKRVDFCGKGYHLMSFP
QSAPHGVVFLHVTYVPAQEKNFTTAPAICHDGKAHFPREGVFVSNGTHWFVTQRNFYEPQIITTDNTFVSGNCDVVIGIV
NNTVYDPLQPELDSFKEELDKYFKNHTSPDVDLGDISGINASVVNIQKEIDRLNEVAKNLNESLIDLQELGKYEQYIKGS
GYIPEAPRDGQAYVRKDGEWVLLSTFLGHHHHHH
;
A,B,D
#
loop_
_chem_comp.id
_chem_comp.type
_chem_comp.name
_chem_comp.formula
NAG D-saccharide, beta linking 2-acetamido-2-deoxy-beta-D-glucopyranose 'C8 H15 N O6'
#
# COMPACT_ATOMS: atom_id res chain seq x y z
N GLN A 3 -0.06 26.58 29.14
CA GLN A 3 0.76 27.56 28.43
C GLN A 3 2.10 27.76 29.13
N VAL A 4 2.97 26.78 29.04
CA VAL A 4 4.31 26.86 29.62
C VAL A 4 5.10 27.99 29.01
N GLN A 5 5.56 28.91 29.85
CA GLN A 5 6.38 30.03 29.41
C GLN A 5 7.82 29.81 29.86
N LEU A 6 8.76 30.07 28.95
CA LEU A 6 10.18 29.88 29.19
C LEU A 6 10.85 31.25 29.21
N GLN A 7 11.25 31.68 30.41
CA GLN A 7 11.88 32.97 30.60
C GLN A 7 13.38 32.82 30.34
N GLU A 8 13.88 33.57 29.34
CA GLU A 8 15.28 33.52 28.94
C GLU A 8 15.93 34.89 29.16
N SER A 9 17.13 34.88 29.74
CA SER A 9 17.83 36.14 29.98
C SER A 9 19.32 35.87 30.21
N GLY A 10 20.14 36.83 29.83
CA GLY A 10 21.55 36.82 30.13
C GLY A 10 22.54 36.85 28.96
N GLY A 11 22.13 37.30 27.78
CA GLY A 11 23.00 37.41 26.63
C GLY A 11 23.49 38.83 26.41
N GLY A 12 23.96 39.09 25.18
CA GLY A 12 24.34 40.43 24.80
C GLY A 12 25.64 40.44 24.02
N LEU A 13 26.33 41.58 24.10
CA LEU A 13 27.56 41.85 23.37
C LEU A 13 28.74 41.66 24.32
N VAL A 14 29.68 40.80 23.93
CA VAL A 14 30.88 40.54 24.74
C VAL A 14 32.07 40.37 23.80
N GLN A 15 33.22 40.91 24.21
CA GLN A 15 34.43 40.75 23.41
C GLN A 15 34.92 39.30 23.44
N ALA A 16 35.84 38.99 22.54
CA ALA A 16 36.38 37.64 22.45
C ALA A 16 37.08 37.26 23.74
N GLY A 17 36.78 36.06 24.26
CA GLY A 17 37.37 35.56 25.47
C GLY A 17 36.56 35.80 26.72
N GLY A 18 35.39 36.44 26.61
CA GLY A 18 34.57 36.76 27.76
C GLY A 18 33.72 35.58 28.20
N SER A 19 32.78 35.88 29.10
CA SER A 19 31.87 34.88 29.64
C SER A 19 30.53 35.53 29.94
N LEU A 20 29.46 34.78 29.70
CA LEU A 20 28.10 35.21 29.98
C LEU A 20 27.35 34.10 30.71
N ARG A 21 26.18 34.44 31.22
CA ARG A 21 25.39 33.51 32.03
C ARG A 21 23.91 33.64 31.62
N LEU A 22 23.46 32.71 30.79
CA LEU A 22 22.06 32.64 30.38
C LEU A 22 21.24 31.85 31.39
N SER A 23 19.93 32.05 31.35
CA SER A 23 19.01 31.38 32.25
C SER A 23 17.67 31.21 31.56
N CYS A 24 17.09 30.01 31.67
CA CYS A 24 15.73 29.76 31.21
C CYS A 24 14.96 29.09 32.34
N ALA A 25 13.75 29.61 32.57
CA ALA A 25 12.88 29.19 33.67
C ALA A 25 11.53 28.81 33.11
N ALA A 26 11.07 27.60 33.44
CA ALA A 26 9.76 27.13 32.98
C ALA A 26 8.71 27.43 34.04
N SER A 27 7.76 28.30 33.71
CA SER A 27 6.72 28.70 34.65
C SER A 27 5.43 27.93 34.47
N GLY A 28 5.36 27.01 33.50
CA GLY A 28 4.14 26.30 33.21
C GLY A 28 3.96 25.03 34.01
N SER A 29 3.09 24.16 33.48
CA SER A 29 2.69 22.95 34.20
C SER A 29 3.86 22.00 34.44
N ILE A 30 4.59 21.64 33.38
CA ILE A 30 5.75 20.75 33.48
C ILE A 30 5.37 19.45 34.18
N PHE A 31 4.51 18.65 33.54
CA PHE A 31 4.12 17.37 34.12
C PHE A 31 5.33 16.46 34.31
N SER A 32 5.51 16.01 35.56
CA SER A 32 6.39 14.91 35.93
C SER A 32 7.79 15.24 35.39
N PRO A 33 8.69 14.31 34.95
CA PRO A 33 10.01 14.78 34.54
C PRO A 33 9.96 15.65 33.31
N ASN A 34 10.95 16.54 33.20
CA ASN A 34 11.15 17.36 32.02
C ASN A 34 12.50 17.00 31.41
N THR A 35 12.85 17.69 30.34
CA THR A 35 14.19 17.68 29.78
C THR A 35 14.46 19.05 29.18
N MET A 36 15.38 19.79 29.79
CA MET A 36 15.64 21.17 29.42
C MET A 36 16.81 21.22 28.44
N GLY A 37 16.61 21.87 27.30
CA GLY A 37 17.61 21.92 26.27
C GLY A 37 17.86 23.35 25.81
N TRP A 38 19.03 23.52 25.20
CA TRP A 38 19.45 24.77 24.58
C TRP A 38 19.86 24.51 23.14
N PHE A 39 19.33 25.36 22.25
CA PHE A 39 19.45 25.26 20.80
C PHE A 39 20.04 26.56 20.26
N ARG A 40 20.87 26.43 19.22
CA ARG A 40 21.59 27.53 18.59
C ARG A 40 21.04 27.77 17.19
N GLN A 41 21.01 29.05 16.78
CA GLN A 41 20.64 29.39 15.41
C GLN A 41 21.33 30.68 15.00
N ALA A 42 22.22 30.61 14.03
CA ALA A 42 22.81 31.77 13.40
C ALA A 42 22.08 32.08 12.11
N LEU A 43 22.07 33.36 11.73
CA LEU A 43 21.32 33.80 10.55
C LEU A 43 21.78 33.08 9.30
N GLY A 44 20.89 32.27 8.72
CA GLY A 44 21.20 31.52 7.51
C GLY A 44 21.40 30.04 7.70
N LYS A 45 21.20 29.51 8.91
CA LYS A 45 21.42 28.10 9.20
C LYS A 45 20.20 27.52 9.89
N GLN A 46 20.32 26.26 10.30
CA GLN A 46 19.24 25.54 10.96
C GLN A 46 19.37 25.69 12.48
N ARG A 47 18.53 24.95 13.22
CA ARG A 47 18.63 24.91 14.66
C ARG A 47 19.65 23.86 15.07
N GLU A 48 20.66 24.28 15.83
CA GLU A 48 21.67 23.38 16.38
C GLU A 48 21.52 23.35 17.89
N MET A 49 21.16 22.20 18.43
CA MET A 49 20.96 22.06 19.87
C MET A 49 22.32 22.00 20.57
N VAL A 50 22.54 22.94 21.48
CA VAL A 50 23.77 22.92 22.26
C VAL A 50 23.76 21.74 23.22
N ALA A 51 22.69 21.59 23.99
CA ALA A 51 22.67 20.50 24.96
C ALA A 51 21.27 20.30 25.52
N VAL A 52 20.89 19.04 25.69
CA VAL A 52 19.53 18.65 26.05
C VAL A 52 19.57 17.85 27.36
N ILE A 53 20.44 18.26 28.28
CA ILE A 53 20.51 17.63 29.59
C ILE A 53 19.11 17.49 30.19
N SER A 54 18.83 16.29 30.71
CA SER A 54 17.58 16.06 31.43
C SER A 54 17.74 16.44 32.90
N SER A 55 16.61 16.51 33.60
CA SER A 55 16.64 16.83 35.03
C SER A 55 17.39 15.75 35.81
N ILE A 56 17.15 14.48 35.47
CA ILE A 56 17.83 13.39 36.17
C ILE A 56 19.28 13.29 35.72
N ALA A 57 19.49 13.04 34.42
CA ALA A 57 20.81 12.67 33.92
C ALA A 57 20.93 12.87 32.41
N SER A 58 21.88 12.15 31.81
CA SER A 58 22.08 11.91 30.39
C SER A 58 22.88 12.99 29.66
N THR A 59 23.37 14.04 30.33
CA THR A 59 24.38 14.91 29.73
C THR A 59 23.93 15.50 28.40
N GLN A 60 24.28 14.82 27.30
CA GLN A 60 23.90 15.17 25.93
C GLN A 60 24.63 16.39 25.37
N TYR A 61 25.93 16.50 25.63
CA TYR A 61 26.69 17.64 25.16
C TYR A 61 27.12 17.46 23.71
N ALA A 62 27.10 18.58 22.96
CA ALA A 62 27.56 18.57 21.58
C ALA A 62 29.05 18.89 21.49
N ASN A 63 29.64 18.55 20.35
CA ASN A 63 31.07 18.77 20.13
C ASN A 63 31.41 20.15 19.63
N PHE A 64 30.40 20.97 19.29
CA PHE A 64 30.67 22.28 18.71
C PHE A 64 31.52 23.13 19.64
N VAL A 65 31.17 23.18 20.92
CA VAL A 65 31.82 24.08 21.86
C VAL A 65 32.36 23.22 23.01
N LYS A 66 32.80 22.00 22.67
CA LYS A 66 33.28 21.01 23.62
C LYS A 66 34.19 21.59 24.69
N GLY A 67 33.82 21.42 25.96
CA GLY A 67 34.65 21.82 27.08
C GLY A 67 34.59 23.28 27.47
N ARG A 68 33.62 24.03 26.95
CA ARG A 68 33.59 25.49 27.11
C ARG A 68 32.34 25.99 27.80
N PHE A 69 31.16 25.49 27.44
CA PHE A 69 29.93 25.86 28.13
C PHE A 69 29.60 24.82 29.20
N THR A 70 28.82 25.24 30.19
CA THR A 70 28.33 24.32 31.20
C THR A 70 26.88 24.68 31.54
N ILE A 71 26.16 23.68 32.06
CA ILE A 71 24.75 23.82 32.40
C ILE A 71 24.56 23.49 33.88
N THR A 72 23.87 24.37 34.58
CA THR A 72 23.54 24.18 35.99
C THR A 72 22.03 24.05 36.14
N ARG A 73 21.60 23.07 36.93
CA ARG A 73 20.20 22.79 37.18
C ARG A 73 19.85 23.26 38.59
N ASP A 74 18.71 23.94 38.73
CA ASP A 74 18.20 24.35 40.04
C ASP A 74 16.88 23.63 40.27
N ASN A 75 16.89 22.68 41.22
CA ASN A 75 15.71 21.86 41.47
C ASN A 75 14.64 22.65 42.21
N THR A 76 15.04 23.60 43.06
CA THR A 76 14.07 24.33 43.88
C THR A 76 13.10 25.12 43.01
N LYS A 77 13.61 25.80 41.99
CA LYS A 77 12.78 26.51 41.02
C LYS A 77 12.74 25.82 39.66
N ASN A 78 13.43 24.70 39.51
CA ASN A 78 13.46 23.92 38.26
C ASN A 78 13.91 24.80 37.10
N THR A 79 15.00 25.53 37.32
CA THR A 79 15.55 26.44 36.31
C THR A 79 16.83 25.85 35.73
N VAL A 80 17.26 26.40 34.60
CA VAL A 80 18.50 25.98 33.97
C VAL A 80 19.34 27.21 33.63
N HIS A 81 20.64 27.13 33.91
CA HIS A 81 21.58 28.22 33.61
C HIS A 81 22.65 27.70 32.66
N LEU A 82 22.95 28.49 31.64
CA LEU A 82 24.01 28.23 30.67
C LEU A 82 25.17 29.18 30.95
N GLN A 83 26.22 28.66 31.59
CA GLN A 83 27.44 29.45 31.77
C GLN A 83 28.30 29.26 30.54
N MET A 84 28.46 30.32 29.74
CA MET A 84 29.20 30.26 28.48
C MET A 84 30.49 31.04 28.62
N ASN A 85 31.62 30.32 28.62
CA ASN A 85 32.94 30.90 28.75
C ASN A 85 33.77 30.61 27.51
N SER A 86 34.83 31.40 27.33
CA SER A 86 35.77 31.26 26.21
C SER A 86 35.03 31.37 24.87
N LEU A 87 34.47 32.55 24.61
CA LEU A 87 33.67 32.73 23.42
C LEU A 87 34.53 33.07 22.20
N ILE A 88 33.95 32.82 21.03
CA ILE A 88 34.57 33.01 19.71
C ILE A 88 33.47 33.48 18.78
N PRO A 89 33.76 34.30 17.76
CA PRO A 89 32.68 34.79 16.87
C PRO A 89 31.89 33.69 16.17
N GLU A 90 32.47 32.51 15.96
CA GLU A 90 31.71 31.42 15.36
C GLU A 90 30.57 30.97 16.27
N ASP A 91 30.82 30.88 17.57
CA ASP A 91 29.81 30.37 18.49
C ASP A 91 28.60 31.30 18.59
N THR A 92 28.78 32.58 18.26
CA THR A 92 27.72 33.57 18.44
C THR A 92 26.52 33.25 17.56
N ALA A 93 25.34 33.29 18.17
CA ALA A 93 24.07 33.07 17.48
C ALA A 93 22.94 33.41 18.44
N VAL A 94 21.70 33.17 18.01
CA VAL A 94 20.52 33.34 18.84
C VAL A 94 20.13 31.99 19.42
N TYR A 95 19.84 31.96 20.72
CA TYR A 95 19.63 30.71 21.43
C TYR A 95 18.20 30.61 21.93
N TYR A 96 17.71 29.37 22.00
CA TYR A 96 16.37 29.09 22.51
C TYR A 96 16.43 27.92 23.47
N CYS A 97 15.82 28.10 24.65
CA CYS A 97 15.75 27.02 25.62
C CYS A 97 14.60 26.08 25.26
N TYR A 98 14.76 24.81 25.61
CA TYR A 98 13.88 23.75 25.10
C TYR A 98 13.37 22.93 26.26
N ALA A 99 12.05 22.72 26.31
CA ALA A 99 11.41 21.97 27.40
C ALA A 99 10.68 20.78 26.79
N VAL A 100 11.23 19.58 27.00
CA VAL A 100 10.65 18.37 26.42
C VAL A 100 9.29 18.07 27.04
N ASP A 101 9.21 18.03 28.37
CA ASP A 101 7.96 17.85 29.11
C ASP A 101 7.35 16.46 28.89
N LYS A 102 6.16 16.22 29.46
CA LYS A 102 5.46 14.95 29.32
C LYS A 102 4.39 14.99 28.23
N SER A 103 3.94 16.18 27.83
CA SER A 103 2.87 16.30 26.85
C SER A 103 3.40 16.78 25.50
N GLN A 104 4.08 17.92 25.49
CA GLN A 104 4.57 18.53 24.26
C GLN A 104 5.81 19.36 24.57
N ASP A 105 6.54 19.72 23.52
CA ASP A 105 7.75 20.53 23.66
C ASP A 105 7.46 21.99 23.33
N TYR A 106 8.06 22.89 24.11
CA TYR A 106 7.88 24.32 23.95
C TYR A 106 9.20 24.97 23.55
N TRP A 107 9.20 26.30 23.47
CA TRP A 107 10.37 27.03 23.03
C TRP A 107 10.41 28.38 23.74
N GLY A 108 11.58 29.02 23.68
CA GLY A 108 11.75 30.35 24.26
C GLY A 108 11.48 31.46 23.25
N GLN A 109 11.79 32.68 23.66
CA GLN A 109 11.64 33.84 22.80
C GLN A 109 12.96 34.36 22.26
N GLY A 110 14.09 33.86 22.75
CA GLY A 110 15.38 34.18 22.15
C GLY A 110 16.31 35.02 23.00
N THR A 111 17.61 34.80 22.83
CA THR A 111 18.64 35.57 23.52
C THR A 111 19.78 35.81 22.54
N GLN A 112 20.05 37.08 22.24
CA GLN A 112 21.12 37.41 21.31
C GLN A 112 22.47 37.30 21.99
N VAL A 113 23.40 36.59 21.34
CA VAL A 113 24.77 36.46 21.81
C VAL A 113 25.68 36.90 20.67
N THR A 114 26.51 37.91 20.92
CA THR A 114 27.44 38.40 19.92
C THR A 114 28.82 38.56 20.55
N VAL A 115 29.83 38.04 19.87
CA VAL A 115 31.22 38.10 20.31
C VAL A 115 32.09 38.35 19.08
N SER A 116 32.86 39.43 19.09
CA SER A 116 33.73 39.76 17.98
C SER A 116 34.73 40.81 18.44
N SER A 117 35.74 41.04 17.61
CA SER A 117 36.75 42.05 17.89
C SER A 117 37.26 42.69 16.60
N GLN B 1 -53.79 22.58 -27.92
CA GLN B 1 -54.25 23.27 -26.73
C GLN B 1 -55.30 22.44 -25.98
N CYS B 2 -55.25 22.51 -24.65
CA CYS B 2 -56.08 21.68 -23.79
C CYS B 2 -57.49 22.25 -23.67
N VAL B 3 -58.42 21.38 -23.29
CA VAL B 3 -59.83 21.74 -23.13
C VAL B 3 -60.28 21.29 -21.74
N ASN B 4 -60.96 22.19 -21.03
CA ASN B 4 -61.41 21.90 -19.67
C ASN B 4 -62.68 21.07 -19.69
N LEU B 5 -62.67 19.97 -18.94
CA LEU B 5 -63.84 19.12 -18.75
C LEU B 5 -64.44 19.37 -17.37
N THR B 6 -65.44 18.57 -17.01
CA THR B 6 -66.13 18.72 -15.74
C THR B 6 -65.34 18.05 -14.61
N THR B 7 -65.79 18.29 -13.38
CA THR B 7 -65.13 17.72 -12.21
C THR B 7 -65.39 16.23 -12.11
N ARG B 8 -64.38 15.48 -11.67
CA ARG B 8 -64.47 14.03 -11.58
C ARG B 8 -65.40 13.56 -10.47
N THR B 9 -65.68 14.41 -9.48
CA THR B 9 -66.61 14.16 -8.38
C THR B 9 -66.18 13.03 -7.47
N GLN B 10 -64.96 12.48 -7.65
CA GLN B 10 -64.37 11.49 -6.75
C GLN B 10 -65.29 10.27 -6.59
N LEU B 11 -65.42 9.54 -7.69
CA LEU B 11 -66.22 8.32 -7.68
C LEU B 11 -65.66 7.32 -6.67
N PRO B 12 -66.52 6.60 -5.95
CA PRO B 12 -66.03 5.57 -5.04
C PRO B 12 -65.34 4.47 -5.82
N PRO B 13 -64.34 3.83 -5.23
CA PRO B 13 -63.58 2.81 -5.95
C PRO B 13 -64.38 1.52 -6.15
N ALA B 14 -64.00 0.79 -7.20
CA ALA B 14 -64.58 -0.52 -7.48
C ALA B 14 -63.44 -1.49 -7.77
N TYR B 15 -63.59 -2.72 -7.30
CA TYR B 15 -62.54 -3.73 -7.41
C TYR B 15 -63.06 -4.96 -8.14
N THR B 16 -62.12 -5.76 -8.63
CA THR B 16 -62.44 -7.05 -9.23
C THR B 16 -61.24 -7.97 -9.06
N ASN B 17 -61.46 -9.25 -9.29
CA ASN B 17 -60.45 -10.27 -9.03
C ASN B 17 -59.66 -10.59 -10.30
N SER B 18 -58.35 -10.74 -10.15
CA SER B 18 -57.46 -11.09 -11.26
C SER B 18 -57.07 -12.56 -11.13
N PHE B 19 -57.76 -13.42 -11.87
CA PHE B 19 -57.54 -14.86 -11.79
C PHE B 19 -56.27 -15.23 -12.56
N THR B 20 -55.13 -15.12 -11.89
CA THR B 20 -53.84 -15.56 -12.41
C THR B 20 -53.54 -14.92 -13.78
N ARG B 21 -53.47 -13.59 -13.78
CA ARG B 21 -53.17 -12.81 -14.96
C ARG B 21 -51.95 -11.93 -14.70
N GLY B 22 -51.31 -11.52 -15.79
CA GLY B 22 -50.19 -10.61 -15.71
C GLY B 22 -48.82 -11.25 -15.63
N VAL B 23 -48.66 -12.49 -16.10
CA VAL B 23 -47.37 -13.16 -16.07
C VAL B 23 -46.65 -12.88 -17.39
N TYR B 24 -45.48 -12.27 -17.30
CA TYR B 24 -44.69 -11.90 -18.46
C TYR B 24 -43.39 -12.71 -18.48
N TYR B 25 -42.66 -12.59 -19.59
CA TYR B 25 -41.38 -13.27 -19.69
C TYR B 25 -40.31 -12.46 -18.99
N PRO B 26 -39.74 -12.95 -17.90
CA PRO B 26 -38.74 -12.16 -17.16
C PRO B 26 -37.43 -12.02 -17.91
N ASP B 27 -37.07 -12.98 -18.75
CA ASP B 27 -35.82 -12.97 -19.49
C ASP B 27 -36.10 -13.20 -20.97
N LYS B 28 -35.06 -13.04 -21.79
CA LYS B 28 -35.14 -13.26 -23.23
C LYS B 28 -34.45 -14.56 -23.63
N VAL B 29 -34.31 -15.49 -22.70
CA VAL B 29 -33.60 -16.75 -22.90
C VAL B 29 -34.61 -17.85 -23.12
N PHE B 30 -34.41 -18.61 -24.19
CA PHE B 30 -35.32 -19.70 -24.53
C PHE B 30 -35.15 -20.87 -23.57
N ARG B 31 -36.23 -21.25 -22.89
CA ARG B 31 -36.24 -22.40 -22.01
C ARG B 31 -37.38 -23.32 -22.41
N SER B 32 -37.11 -24.62 -22.45
CA SER B 32 -38.08 -25.59 -22.95
C SER B 32 -38.34 -26.67 -21.91
N SER B 33 -39.63 -26.88 -21.61
CA SER B 33 -40.07 -27.96 -20.72
C SER B 33 -39.33 -27.95 -19.39
N VAL B 34 -39.16 -26.76 -18.82
CA VAL B 34 -38.41 -26.62 -17.57
C VAL B 34 -39.19 -25.71 -16.64
N LEU B 35 -39.00 -25.93 -15.33
CA LEU B 35 -39.66 -25.14 -14.29
C LEU B 35 -38.60 -24.21 -13.69
N HIS B 36 -38.75 -22.91 -13.96
CA HIS B 36 -37.78 -21.92 -13.54
C HIS B 36 -38.40 -20.99 -12.50
N SER B 37 -37.69 -20.75 -11.41
CA SER B 37 -38.16 -19.89 -10.34
C SER B 37 -37.46 -18.54 -10.43
N THR B 38 -38.25 -17.48 -10.59
CA THR B 38 -37.72 -16.13 -10.76
C THR B 38 -38.32 -15.21 -9.71
N GLN B 39 -37.46 -14.41 -9.07
CA GLN B 39 -37.88 -13.43 -8.07
C GLN B 39 -37.87 -12.06 -8.74
N ASP B 40 -39.04 -11.53 -9.03
CA ASP B 40 -39.15 -10.28 -9.77
C ASP B 40 -40.47 -9.61 -9.40
N LEU B 41 -40.79 -8.52 -10.10
CA LEU B 41 -41.99 -7.74 -9.81
C LEU B 41 -43.15 -8.30 -10.64
N PHE B 42 -44.10 -8.94 -9.96
CA PHE B 42 -45.23 -9.58 -10.60
C PHE B 42 -46.53 -9.13 -9.94
N LEU B 43 -47.62 -9.24 -10.69
CA LEU B 43 -48.94 -9.00 -10.13
C LEU B 43 -49.36 -10.22 -9.31
N PRO B 44 -49.68 -10.05 -8.03
CA PRO B 44 -50.07 -11.19 -7.21
C PRO B 44 -51.32 -11.88 -7.75
N PHE B 45 -51.35 -13.20 -7.60
CA PHE B 45 -52.48 -13.98 -8.09
C PHE B 45 -53.72 -13.75 -7.22
N PHE B 46 -54.88 -13.78 -7.88
CA PHE B 46 -56.17 -13.58 -7.21
C PHE B 46 -56.18 -12.27 -6.42
N SER B 47 -55.62 -11.23 -7.02
CA SER B 47 -55.55 -9.93 -6.38
C SER B 47 -56.73 -9.05 -6.78
N ASN B 48 -56.96 -8.02 -5.96
CA ASN B 48 -58.03 -7.06 -6.20
C ASN B 48 -57.46 -5.91 -7.03
N VAL B 49 -57.79 -5.90 -8.33
CA VAL B 49 -57.38 -4.82 -9.22
C VAL B 49 -58.55 -3.87 -9.36
N THR B 50 -58.25 -2.57 -9.43
CA THR B 50 -59.29 -1.56 -9.43
C THR B 50 -59.72 -1.27 -10.86
N TRP B 51 -61.02 -1.26 -11.10
CA TRP B 51 -61.59 -1.25 -12.44
C TRP B 51 -62.42 0.01 -12.67
N PHE B 52 -62.18 0.65 -13.81
CA PHE B 52 -62.84 1.91 -14.16
C PHE B 52 -63.46 1.83 -15.55
N HIS B 53 -64.68 2.36 -15.66
CA HIS B 53 -65.29 2.58 -16.97
C HIS B 53 -64.55 3.65 -17.74
N ALA B 54 -64.50 3.49 -19.06
CA ALA B 54 -64.02 4.58 -19.90
C ALA B 54 -64.99 5.75 -19.88
N ILE B 55 -66.27 5.47 -20.08
CA ILE B 55 -67.35 6.44 -19.94
C ILE B 55 -68.27 5.94 -18.84
N HIS B 56 -68.53 6.79 -17.84
CA HIS B 56 -69.43 6.44 -16.74
C HIS B 56 -70.60 7.40 -16.74
N VAL B 57 -71.81 6.86 -16.77
CA VAL B 57 -73.03 7.66 -16.68
C VAL B 57 -73.66 7.45 -15.30
N SER B 58 -73.46 8.42 -14.40
CA SER B 58 -73.98 8.33 -13.04
C SER B 58 -75.03 9.37 -12.70
N GLY B 59 -75.04 10.52 -13.36
CA GLY B 59 -75.97 11.56 -13.00
C GLY B 59 -77.41 11.20 -13.33
N THR B 60 -78.32 11.78 -12.54
CA THR B 60 -79.74 11.56 -12.78
C THR B 60 -80.15 12.09 -14.15
N ASN B 61 -79.53 13.19 -14.58
CA ASN B 61 -79.76 13.70 -15.92
C ASN B 61 -79.23 12.76 -16.99
N GLY B 62 -78.08 12.14 -16.75
CA GLY B 62 -77.48 11.26 -17.73
C GLY B 62 -76.14 11.74 -18.24
N THR B 63 -75.37 12.42 -17.37
CA THR B 63 -74.11 12.99 -17.78
C THR B 63 -73.10 11.90 -18.13
N LYS B 64 -72.30 12.17 -19.16
CA LYS B 64 -71.25 11.28 -19.62
C LYS B 64 -69.90 12.00 -19.45
N ARG B 65 -68.95 11.34 -18.79
CA ARG B 65 -67.67 11.98 -18.51
C ARG B 65 -66.56 10.94 -18.48
N PHE B 66 -65.35 11.38 -18.84
CA PHE B 66 -64.18 10.54 -18.75
C PHE B 66 -63.88 10.14 -17.32
N ASP B 67 -63.47 8.89 -17.13
CA ASP B 67 -62.95 8.42 -15.85
C ASP B 67 -61.45 8.18 -16.05
N ASN B 68 -60.66 9.24 -15.84
CA ASN B 68 -59.20 9.16 -16.02
C ASN B 68 -58.40 9.71 -14.82
N PRO B 69 -58.69 9.21 -13.61
CA PRO B 69 -58.00 9.73 -12.42
C PRO B 69 -56.50 9.48 -12.47
N VAL B 70 -55.76 10.37 -11.81
CA VAL B 70 -54.32 10.19 -11.70
C VAL B 70 -54.05 9.03 -10.76
N LEU B 71 -53.54 7.92 -11.29
CA LEU B 71 -53.32 6.78 -10.43
C LEU B 71 -51.86 6.68 -10.01
N PRO B 72 -51.58 6.20 -8.81
CA PRO B 72 -50.19 6.00 -8.39
C PRO B 72 -49.50 4.94 -9.24
N PHE B 73 -48.17 4.97 -9.19
CA PHE B 73 -47.30 4.05 -9.93
C PHE B 73 -46.29 3.48 -8.93
N ASN B 74 -46.69 2.40 -8.25
CA ASN B 74 -45.88 1.79 -7.20
C ASN B 74 -45.21 0.54 -7.77
N ASP B 75 -43.96 0.70 -8.21
CA ASP B 75 -43.12 -0.43 -8.64
C ASP B 75 -43.74 -1.19 -9.81
N GLY B 76 -44.24 -0.45 -10.79
CA GLY B 76 -44.79 -1.07 -11.98
C GLY B 76 -46.31 -1.10 -11.95
N VAL B 77 -46.89 -1.35 -13.11
CA VAL B 77 -48.35 -1.38 -13.27
C VAL B 77 -48.74 -2.43 -14.29
N TYR B 78 -49.71 -3.27 -13.94
CA TYR B 78 -50.40 -4.13 -14.89
C TYR B 78 -51.67 -3.41 -15.31
N PHE B 79 -51.75 -3.05 -16.58
CA PHE B 79 -52.89 -2.31 -17.11
C PHE B 79 -53.60 -3.19 -18.13
N ALA B 80 -54.83 -3.57 -17.82
CA ALA B 80 -55.64 -4.39 -18.70
C ALA B 80 -56.78 -3.55 -19.26
N SER B 81 -57.24 -3.91 -20.45
CA SER B 81 -58.31 -3.16 -21.10
C SER B 81 -59.20 -4.11 -21.88
N THR B 82 -60.50 -4.01 -21.64
CA THR B 82 -61.48 -4.73 -22.44
C THR B 82 -62.25 -3.69 -23.24
N GLU B 83 -62.03 -3.66 -24.55
CA GLU B 83 -62.65 -2.64 -25.37
C GLU B 83 -62.81 -3.10 -26.82
N LYS B 84 -63.64 -2.35 -27.54
CA LYS B 84 -64.01 -2.70 -28.91
C LYS B 84 -63.99 -1.52 -29.86
N SER B 85 -63.73 -0.29 -29.39
CA SER B 85 -63.84 0.90 -30.23
C SER B 85 -62.64 1.83 -30.11
N ASN B 86 -61.52 1.36 -29.58
CA ASN B 86 -60.25 2.12 -29.58
C ASN B 86 -60.40 3.45 -28.84
N ILE B 87 -61.21 3.44 -27.77
CA ILE B 87 -61.39 4.64 -26.96
C ILE B 87 -60.32 4.80 -25.91
N ILE B 88 -59.38 3.87 -25.81
CA ILE B 88 -58.18 4.01 -24.99
C ILE B 88 -56.99 4.17 -25.92
N ARG B 89 -56.15 5.18 -25.66
CA ARG B 89 -55.14 5.57 -26.63
C ARG B 89 -53.72 5.62 -26.08
N GLY B 90 -53.52 5.77 -24.78
CA GLY B 90 -52.17 5.85 -24.26
C GLY B 90 -52.16 6.33 -22.82
N TRP B 91 -50.96 6.71 -22.39
CA TRP B 91 -50.71 7.03 -20.98
C TRP B 91 -49.69 8.16 -20.88
N ILE B 92 -49.68 8.78 -19.70
CA ILE B 92 -48.63 9.72 -19.30
C ILE B 92 -48.11 9.29 -17.94
N PHE B 93 -46.80 9.42 -17.76
CA PHE B 93 -46.12 8.97 -16.54
C PHE B 93 -45.25 10.11 -16.01
N GLY B 94 -45.22 10.27 -14.70
CA GLY B 94 -44.39 11.30 -14.10
C GLY B 94 -44.63 11.38 -12.62
N THR B 95 -43.95 12.36 -12.00
CA THR B 95 -44.08 12.61 -10.56
C THR B 95 -45.03 13.76 -10.28
N THR B 96 -44.73 14.95 -10.81
CA THR B 96 -45.59 16.12 -10.64
C THR B 96 -46.50 16.37 -11.84
N LEU B 97 -46.22 15.75 -12.98
CA LEU B 97 -47.05 15.85 -14.17
C LEU B 97 -47.20 17.29 -14.66
N ASP B 98 -46.14 18.08 -14.53
CA ASP B 98 -46.14 19.46 -15.01
C ASP B 98 -44.76 19.77 -15.59
N SER B 99 -44.52 21.05 -15.86
CA SER B 99 -43.26 21.47 -16.48
C SER B 99 -42.08 21.37 -15.54
N LYS B 100 -42.32 21.29 -14.22
CA LYS B 100 -41.21 21.24 -13.27
C LYS B 100 -40.38 19.97 -13.45
N THR B 101 -41.03 18.83 -13.64
CA THR B 101 -40.34 17.55 -13.72
C THR B 101 -40.60 16.90 -15.08
N GLN B 102 -39.67 16.01 -15.46
CA GLN B 102 -39.78 15.30 -16.73
C GLN B 102 -40.96 14.34 -16.70
N SER B 103 -41.55 14.10 -17.87
CA SER B 103 -42.69 13.20 -17.97
C SER B 103 -42.65 12.45 -19.29
N LEU B 104 -43.24 11.25 -19.27
CA LEU B 104 -43.32 10.36 -20.42
C LEU B 104 -44.73 10.43 -20.98
N LEU B 105 -44.84 10.45 -22.30
CA LEU B 105 -46.12 10.37 -22.99
C LEU B 105 -46.04 9.27 -24.03
N ILE B 106 -46.99 8.35 -23.99
CA ILE B 106 -47.17 7.33 -25.03
C ILE B 106 -48.57 7.48 -25.57
N VAL B 107 -48.69 7.69 -26.89
CA VAL B 107 -50.00 7.82 -27.52
C VAL B 107 -49.99 7.02 -28.82
N ASN B 108 -51.11 6.36 -29.11
CA ASN B 108 -51.22 5.54 -30.31
C ASN B 108 -52.38 6.06 -31.16
N ASN B 109 -52.05 6.69 -32.28
CA ASN B 109 -53.05 7.07 -33.27
C ASN B 109 -53.20 5.95 -34.28
N ALA B 110 -53.88 6.22 -35.39
CA ALA B 110 -54.18 5.15 -36.36
C ALA B 110 -52.95 4.61 -37.06
N THR B 111 -51.83 5.33 -37.01
CA THR B 111 -50.65 4.98 -37.80
C THR B 111 -49.52 4.37 -36.98
N ASN B 112 -49.15 5.00 -35.86
CA ASN B 112 -47.89 4.66 -35.20
C ASN B 112 -47.96 5.10 -33.74
N VAL B 113 -46.90 4.78 -33.00
CA VAL B 113 -46.78 5.12 -31.59
C VAL B 113 -45.90 6.36 -31.45
N VAL B 114 -46.31 7.28 -30.61
CA VAL B 114 -45.51 8.44 -30.25
C VAL B 114 -45.11 8.29 -28.80
N ILE B 115 -43.81 8.18 -28.55
CA ILE B 115 -43.27 8.10 -27.19
C ILE B 115 -42.30 9.24 -27.02
N LYS B 116 -42.59 10.12 -26.06
CA LYS B 116 -41.77 11.32 -25.83
C LYS B 116 -41.47 11.46 -24.34
N VAL B 117 -40.31 12.02 -24.05
CA VAL B 117 -39.87 12.30 -22.68
C VAL B 117 -39.56 13.79 -22.63
N CYS B 118 -40.49 14.58 -22.12
CA CYS B 118 -40.33 16.04 -22.12
C CYS B 118 -40.95 16.62 -20.86
N GLU B 119 -40.71 17.91 -20.66
CA GLU B 119 -41.31 18.65 -19.55
C GLU B 119 -42.68 19.18 -19.97
N PHE B 120 -43.60 18.24 -20.20
CA PHE B 120 -44.94 18.60 -20.63
C PHE B 120 -45.68 19.35 -19.54
N GLN B 121 -46.42 20.37 -19.92
CA GLN B 121 -47.34 21.05 -19.02
C GLN B 121 -48.72 20.45 -19.28
N PHE B 122 -48.96 19.31 -18.64
CA PHE B 122 -50.21 18.58 -18.84
C PHE B 122 -51.37 19.33 -18.19
N CYS B 123 -52.55 19.19 -18.80
CA CYS B 123 -53.76 19.77 -18.24
C CYS B 123 -54.44 18.80 -17.28
N ASN B 124 -55.53 19.25 -16.67
CA ASN B 124 -56.22 18.43 -15.68
C ASN B 124 -56.88 17.21 -16.29
N ASP B 125 -57.38 17.32 -17.53
CA ASP B 125 -58.08 16.22 -18.21
C ASP B 125 -57.45 16.01 -19.57
N PRO B 126 -56.25 15.42 -19.63
CA PRO B 126 -55.61 15.16 -20.92
C PRO B 126 -56.36 14.08 -21.67
N PHE B 127 -56.42 14.22 -23.00
CA PHE B 127 -57.15 13.29 -23.84
C PHE B 127 -56.96 13.61 -25.31
N LEU B 128 -57.59 12.77 -26.15
CA LEU B 128 -57.48 12.84 -27.59
C LEU B 128 -58.88 12.82 -28.19
N GLY B 129 -59.15 13.78 -29.06
CA GLY B 129 -60.45 13.86 -29.72
C GLY B 129 -60.40 13.14 -31.05
N VAL B 130 -61.40 12.30 -31.30
CA VAL B 130 -61.47 11.49 -32.51
C VAL B 130 -62.65 11.95 -33.36
N TYR B 131 -62.38 12.22 -34.63
CA TYR B 131 -63.40 12.57 -35.61
C TYR B 131 -63.21 11.72 -36.86
N TYR B 132 -64.29 11.20 -37.40
CA TYR B 132 -64.21 10.44 -38.65
C TYR B 132 -64.35 11.39 -39.84
N HIS B 133 -63.67 11.03 -40.93
CA HIS B 133 -63.78 11.81 -42.15
C HIS B 133 -65.13 11.59 -42.81
N LYS B 134 -65.50 12.53 -43.68
CA LYS B 134 -66.86 12.57 -44.23
C LYS B 134 -67.13 11.50 -45.27
N ASN B 135 -66.11 10.91 -45.88
CA ASN B 135 -66.31 9.96 -46.96
C ASN B 135 -65.72 8.58 -46.71
N ASN B 136 -64.54 8.49 -46.10
CA ASN B 136 -63.86 7.20 -45.98
C ASN B 136 -64.30 6.43 -44.74
N LYS B 137 -64.14 7.02 -43.56
CA LYS B 137 -64.42 6.41 -42.27
C LYS B 137 -63.60 5.16 -42.01
N SER B 138 -62.61 4.85 -42.86
CA SER B 138 -61.74 3.71 -42.62
C SER B 138 -60.77 4.00 -41.49
N TRP B 139 -60.15 5.17 -41.50
CA TRP B 139 -59.30 5.63 -40.42
C TRP B 139 -59.99 6.84 -39.78
N MET B 140 -59.45 7.27 -38.64
CA MET B 140 -60.13 8.23 -37.78
C MET B 140 -59.12 9.27 -37.29
N GLU B 141 -59.39 10.55 -37.61
CA GLU B 141 -58.42 11.62 -37.32
C GLU B 141 -58.47 12.03 -35.85
N SER B 142 -57.29 12.20 -35.26
CA SER B 142 -57.15 12.47 -33.84
C SER B 142 -56.46 13.81 -33.61
N GLU B 143 -57.07 14.65 -32.78
CA GLU B 143 -56.41 15.87 -32.31
C GLU B 143 -56.02 15.67 -30.85
N PHE B 144 -54.74 15.91 -30.55
CA PHE B 144 -54.17 15.70 -29.24
C PHE B 144 -54.38 16.95 -28.41
N ARG B 145 -54.95 16.82 -27.21
CA ARG B 145 -54.93 17.98 -26.32
C ARG B 145 -54.42 17.56 -24.96
N VAL B 146 -53.28 16.87 -24.95
CA VAL B 146 -52.71 16.30 -23.74
C VAL B 146 -51.94 17.34 -22.95
N TYR B 147 -51.05 18.09 -23.61
CA TYR B 147 -50.19 19.05 -22.95
C TYR B 147 -50.31 20.41 -23.62
N SER B 148 -50.17 21.48 -22.83
CA SER B 148 -50.15 22.82 -23.39
C SER B 148 -48.81 23.14 -24.03
N SER B 149 -47.72 22.68 -23.43
CA SER B 149 -46.39 22.97 -23.93
C SER B 149 -45.45 21.82 -23.60
N ALA B 150 -44.38 21.72 -24.38
CA ALA B 150 -43.35 20.69 -24.19
C ALA B 150 -41.98 21.33 -24.28
N ASN B 151 -41.09 20.95 -23.37
CA ASN B 151 -39.75 21.54 -23.33
C ASN B 151 -38.77 20.48 -22.83
N ASN B 152 -37.51 20.65 -23.23
CA ASN B 152 -36.40 19.78 -22.79
C ASN B 152 -36.66 18.32 -23.13
N CYS B 153 -36.98 18.07 -24.40
CA CYS B 153 -37.20 16.71 -24.87
C CYS B 153 -35.87 15.98 -25.02
N THR B 154 -35.78 14.78 -24.44
CA THR B 154 -34.56 13.99 -24.47
C THR B 154 -34.77 12.61 -25.06
N PHE B 155 -35.96 12.32 -25.60
CA PHE B 155 -36.25 11.00 -26.13
C PHE B 155 -37.39 11.12 -27.13
N GLU B 156 -37.29 10.36 -28.22
CA GLU B 156 -38.35 10.27 -29.21
C GLU B 156 -38.37 8.85 -29.77
N TYR B 157 -39.53 8.21 -29.76
CA TYR B 157 -39.63 6.85 -30.25
C TYR B 157 -40.91 6.68 -31.06
N VAL B 158 -40.78 6.05 -32.23
CA VAL B 158 -41.89 5.77 -33.12
C VAL B 158 -41.73 4.34 -33.63
N SER B 159 -42.84 3.59 -33.64
CA SER B 159 -42.82 2.21 -34.11
C SER B 159 -44.24 1.83 -34.52
N GLN B 160 -44.45 0.54 -34.73
CA GLN B 160 -45.78 0.04 -35.07
C GLN B 160 -46.72 0.22 -33.88
N PRO B 161 -48.01 0.42 -34.12
CA PRO B 161 -48.95 0.71 -33.03
C PRO B 161 -48.99 -0.43 -32.01
N PHE B 162 -48.87 -0.06 -30.74
CA PHE B 162 -49.07 -1.02 -29.66
C PHE B 162 -50.50 -1.52 -29.66
N LEU B 163 -51.44 -0.64 -29.97
CA LEU B 163 -52.86 -0.93 -29.97
C LEU B 163 -53.36 -0.98 -31.41
N MET B 164 -53.92 -2.11 -31.82
CA MET B 164 -54.36 -2.23 -33.20
C MET B 164 -55.68 -1.49 -33.40
N ASP B 165 -56.14 -1.50 -34.65
CA ASP B 165 -57.44 -0.95 -34.99
C ASP B 165 -58.54 -1.91 -34.54
N LEU B 166 -59.55 -1.38 -33.87
CA LEU B 166 -60.69 -2.17 -33.38
C LEU B 166 -61.95 -1.96 -34.20
N GLU B 167 -61.85 -1.36 -35.38
CA GLU B 167 -63.01 -1.13 -36.21
C GLU B 167 -63.28 -2.32 -37.14
N GLY B 171 -71.45 -6.86 -32.83
CA GLY B 171 -70.57 -5.82 -32.34
C GLY B 171 -70.04 -6.10 -30.94
N ASN B 172 -70.09 -7.37 -30.54
CA ASN B 172 -69.60 -7.81 -29.24
C ASN B 172 -68.20 -8.40 -29.32
N PHE B 173 -67.41 -7.99 -30.31
CA PHE B 173 -66.05 -8.52 -30.48
C PHE B 173 -65.07 -7.71 -29.62
N LYS B 174 -65.34 -7.70 -28.32
CA LYS B 174 -64.45 -7.06 -27.38
C LYS B 174 -63.08 -7.75 -27.40
N ASN B 175 -62.04 -6.98 -27.13
CA ASN B 175 -60.68 -7.50 -27.05
C ASN B 175 -60.10 -7.17 -25.69
N LEU B 176 -59.37 -8.15 -25.12
CA LEU B 176 -58.67 -7.99 -23.85
C LEU B 176 -57.19 -7.80 -24.15
N ARG B 177 -56.69 -6.63 -23.81
CA ARG B 177 -55.28 -6.28 -24.03
C ARG B 177 -54.65 -6.04 -22.67
N GLU B 178 -53.60 -6.78 -22.37
CA GLU B 178 -52.91 -6.69 -21.10
C GLU B 178 -51.51 -6.14 -21.33
N PHE B 179 -51.10 -5.21 -20.48
CA PHE B 179 -49.79 -4.60 -20.58
C PHE B 179 -49.15 -4.58 -19.20
N VAL B 180 -47.83 -4.67 -19.18
CA VAL B 180 -47.06 -4.53 -17.95
C VAL B 180 -46.01 -3.45 -18.19
N PHE B 181 -46.02 -2.42 -17.35
CA PHE B 181 -45.08 -1.31 -17.42
C PHE B 181 -44.20 -1.34 -16.18
N LYS B 182 -42.89 -1.38 -16.39
CA LYS B 182 -41.95 -1.42 -15.27
C LYS B 182 -40.92 -0.29 -15.39
N ASN B 183 -40.46 0.19 -14.24
CA ASN B 183 -39.39 1.18 -14.17
C ASN B 183 -38.31 0.64 -13.26
N ILE B 184 -37.22 0.13 -13.85
CA ILE B 184 -36.11 -0.44 -13.09
C ILE B 184 -34.81 0.08 -13.67
N ASP B 185 -33.96 0.63 -12.79
CA ASP B 185 -32.61 1.08 -13.16
C ASP B 185 -32.63 2.08 -14.31
N GLY B 186 -33.60 2.98 -14.29
CA GLY B 186 -33.71 3.98 -15.34
C GLY B 186 -34.29 3.48 -16.64
N TYR B 187 -34.79 2.24 -16.68
CA TYR B 187 -35.36 1.65 -17.88
C TYR B 187 -36.85 1.46 -17.70
N PHE B 188 -37.63 1.82 -18.71
CA PHE B 188 -39.07 1.67 -18.70
C PHE B 188 -39.42 0.56 -19.69
N LYS B 189 -39.84 -0.59 -19.17
CA LYS B 189 -40.09 -1.77 -19.99
C LYS B 189 -41.57 -1.96 -20.21
N ILE B 190 -41.94 -2.24 -21.46
CA ILE B 190 -43.30 -2.55 -21.88
C ILE B 190 -43.35 -4.00 -22.31
N TYR B 191 -44.18 -4.78 -21.62
CA TYR B 191 -44.58 -6.13 -22.02
C TYR B 191 -46.06 -6.07 -22.37
N SER B 192 -46.50 -6.86 -23.34
CA SER B 192 -47.89 -6.77 -23.74
C SER B 192 -48.36 -8.08 -24.35
N LYS B 193 -49.68 -8.26 -24.35
CA LYS B 193 -50.33 -9.40 -24.98
C LYS B 193 -51.76 -9.02 -25.30
N HIS B 194 -52.24 -9.46 -26.45
CA HIS B 194 -53.59 -9.13 -26.90
C HIS B 194 -54.34 -10.41 -27.23
N THR B 195 -55.56 -10.54 -26.70
CA THR B 195 -56.35 -11.75 -26.91
C THR B 195 -57.81 -11.41 -27.19
N PRO B 196 -58.42 -12.08 -28.17
CA PRO B 196 -59.87 -11.92 -28.37
C PRO B 196 -60.63 -12.49 -27.19
N ILE B 197 -61.63 -11.73 -26.73
CA ILE B 197 -62.45 -12.13 -25.60
C ILE B 197 -63.86 -12.41 -26.12
N ASN B 198 -64.65 -13.09 -25.28
CA ASN B 198 -66.02 -13.39 -25.67
C ASN B 198 -66.88 -13.55 -24.42
N LEU B 199 -67.86 -12.67 -24.25
CA LEU B 199 -68.96 -12.79 -23.30
C LEU B 199 -68.51 -12.74 -21.85
N VAL B 200 -67.30 -12.27 -21.57
CA VAL B 200 -66.80 -12.16 -20.20
C VAL B 200 -66.64 -10.68 -19.88
N ARG B 201 -67.45 -10.19 -18.94
CA ARG B 201 -67.39 -8.77 -18.56
C ARG B 201 -66.09 -8.44 -17.83
N ASP B 202 -65.73 -9.25 -16.84
CA ASP B 202 -64.53 -9.00 -16.05
C ASP B 202 -63.33 -9.69 -16.71
N LEU B 203 -62.22 -9.79 -15.98
CA LEU B 203 -61.04 -10.45 -16.52
C LEU B 203 -61.32 -11.93 -16.75
N PRO B 204 -60.96 -12.48 -17.91
CA PRO B 204 -61.14 -13.91 -18.14
C PRO B 204 -60.46 -14.75 -17.07
N GLN B 205 -60.94 -15.98 -16.93
CA GLN B 205 -60.23 -16.99 -16.17
C GLN B 205 -59.39 -17.82 -17.13
N GLY B 206 -58.09 -17.89 -16.87
CA GLY B 206 -57.17 -18.60 -17.75
C GLY B 206 -55.78 -18.04 -17.59
N PHE B 207 -54.88 -18.51 -18.45
CA PHE B 207 -53.48 -18.11 -18.40
C PHE B 207 -53.02 -17.69 -19.78
N SER B 208 -52.41 -16.50 -19.85
CA SER B 208 -51.80 -15.98 -21.07
C SER B 208 -50.49 -15.30 -20.71
N ALA B 209 -49.44 -15.60 -21.46
CA ALA B 209 -48.14 -15.00 -21.21
C ALA B 209 -48.02 -13.67 -21.93
N LEU B 210 -47.35 -12.72 -21.28
CA LEU B 210 -47.16 -11.38 -21.83
C LEU B 210 -45.73 -11.28 -22.38
N GLU B 211 -45.61 -11.27 -23.70
CA GLU B 211 -44.29 -11.16 -24.31
C GLU B 211 -43.79 -9.72 -24.23
N PRO B 212 -42.47 -9.53 -24.07
CA PRO B 212 -41.93 -8.18 -24.05
C PRO B 212 -42.17 -7.46 -25.37
N LEU B 213 -42.41 -6.15 -25.27
CA LEU B 213 -42.53 -5.30 -26.44
C LEU B 213 -41.33 -4.38 -26.63
N VAL B 214 -40.89 -3.68 -25.58
CA VAL B 214 -39.80 -2.72 -25.76
C VAL B 214 -39.18 -2.41 -24.41
N ASP B 215 -37.93 -1.94 -24.44
CA ASP B 215 -37.22 -1.47 -23.26
C ASP B 215 -36.69 -0.07 -23.56
N LEU B 216 -37.38 0.96 -23.03
CA LEU B 216 -37.08 2.37 -23.28
C LEU B 216 -36.05 2.89 -22.30
N PRO B 217 -34.97 3.50 -22.78
CA PRO B 217 -34.08 4.26 -21.88
C PRO B 217 -34.68 5.61 -21.51
N ILE B 218 -35.51 5.66 -20.47
CA ILE B 218 -36.12 6.93 -20.07
C ILE B 218 -35.29 7.64 -19.02
N GLY B 219 -34.77 6.92 -18.03
CA GLY B 219 -33.90 7.50 -17.02
C GLY B 219 -34.52 8.64 -16.22
N ILE B 220 -35.80 8.53 -15.88
CA ILE B 220 -36.49 9.55 -15.10
C ILE B 220 -37.29 8.87 -13.99
N ASN B 221 -37.88 9.70 -13.13
CA ASN B 221 -38.60 9.24 -11.95
C ASN B 221 -40.10 9.29 -12.21
N ILE B 222 -40.81 8.24 -11.80
CA ILE B 222 -42.25 8.12 -11.96
C ILE B 222 -42.88 7.82 -10.62
N THR B 223 -43.97 8.53 -10.30
CA THR B 223 -44.71 8.26 -9.08
C THR B 223 -46.20 8.08 -9.39
N ARG B 224 -46.67 8.72 -10.46
CA ARG B 224 -48.07 8.69 -10.83
C ARG B 224 -48.20 8.51 -12.33
N PHE B 225 -49.40 8.11 -12.75
CA PHE B 225 -49.68 7.93 -14.17
C PHE B 225 -51.16 8.13 -14.42
N GLN B 226 -51.51 8.37 -15.68
CA GLN B 226 -52.87 8.65 -16.09
C GLN B 226 -53.13 7.97 -17.43
N THR B 227 -54.40 7.92 -17.81
CA THR B 227 -54.83 7.24 -19.02
C THR B 227 -55.33 8.25 -20.05
N LEU B 228 -54.97 8.03 -21.31
CA LEU B 228 -55.44 8.86 -22.41
C LEU B 228 -56.66 8.21 -23.05
N LEU B 229 -57.74 8.96 -23.15
CA LEU B 229 -59.01 8.46 -23.67
C LEU B 229 -59.40 9.25 -24.92
N ALA B 230 -60.13 8.57 -25.79
CA ALA B 230 -60.58 9.14 -27.06
C ALA B 230 -62.04 9.54 -26.93
N LEU B 231 -62.33 10.80 -27.25
CA LEU B 231 -63.70 11.30 -27.19
C LEU B 231 -64.25 11.39 -28.60
N HIS B 232 -65.35 10.68 -28.84
CA HIS B 232 -66.07 10.75 -30.10
C HIS B 232 -67.15 11.82 -30.10
N ARG B 233 -67.69 12.15 -28.93
CA ARG B 233 -68.66 13.21 -28.80
C ARG B 233 -67.94 14.56 -28.78
N SER B 234 -68.69 15.62 -28.51
CA SER B 234 -68.16 16.98 -28.50
C SER B 234 -68.27 17.57 -27.10
N TYR B 235 -67.20 18.23 -26.66
CA TYR B 235 -67.21 18.90 -25.36
C TYR B 235 -68.03 20.19 -25.41
N LEU B 236 -68.06 20.86 -26.56
CA LEU B 236 -68.86 22.08 -26.68
C LEU B 236 -70.35 21.78 -26.55
N THR B 237 -70.83 20.77 -27.26
CA THR B 237 -72.25 20.40 -27.24
C THR B 237 -72.37 18.93 -26.83
N PRO B 238 -72.67 18.64 -25.57
CA PRO B 238 -72.87 17.25 -25.16
C PRO B 238 -74.26 16.77 -25.52
N GLY B 239 -74.33 15.65 -26.25
CA GLY B 239 -75.62 15.09 -26.61
C GLY B 239 -76.33 14.46 -25.43
N ASP B 240 -77.64 14.27 -25.59
CA ASP B 240 -78.42 13.66 -24.53
C ASP B 240 -77.98 12.23 -24.27
N SER B 241 -77.74 11.46 -25.33
CA SER B 241 -77.27 10.08 -25.22
C SER B 241 -76.83 9.63 -26.60
N SER B 242 -76.05 8.53 -26.62
CA SER B 242 -75.55 7.86 -27.81
C SER B 242 -74.53 8.69 -28.58
N SER B 243 -74.25 9.93 -28.18
CA SER B 243 -73.17 10.67 -28.79
C SER B 243 -71.82 10.01 -28.49
N GLY B 244 -71.64 9.54 -27.26
CA GLY B 244 -70.48 8.75 -26.92
C GLY B 244 -70.64 7.31 -27.35
N TRP B 245 -69.76 6.46 -26.82
CA TRP B 245 -69.71 5.05 -27.19
C TRP B 245 -70.42 4.23 -26.12
N THR B 246 -71.68 3.89 -26.39
CA THR B 246 -72.54 2.99 -25.62
C THR B 246 -72.38 3.11 -24.11
N ALA B 247 -72.27 4.35 -23.61
CA ALA B 247 -72.22 4.64 -22.18
C ALA B 247 -71.09 3.88 -21.49
N GLY B 248 -69.94 3.80 -22.17
CA GLY B 248 -68.75 3.23 -21.57
C GLY B 248 -68.81 1.76 -21.20
N ALA B 249 -69.30 0.93 -22.12
CA ALA B 249 -69.21 -0.52 -21.92
C ALA B 249 -67.75 -0.95 -21.85
N ALA B 250 -66.90 -0.38 -22.68
CA ALA B 250 -65.48 -0.66 -22.67
C ALA B 250 -64.81 -0.01 -21.46
N ALA B 251 -63.87 -0.73 -20.85
CA ALA B 251 -63.31 -0.27 -19.58
C ALA B 251 -61.92 -0.85 -19.39
N TYR B 252 -61.30 -0.48 -18.26
CA TYR B 252 -59.93 -0.92 -18.01
C TYR B 252 -59.73 -1.24 -16.54
N TYR B 253 -58.81 -2.18 -16.30
CA TYR B 253 -58.43 -2.66 -14.98
C TYR B 253 -57.00 -2.24 -14.70
N VAL B 254 -56.71 -1.90 -13.45
CA VAL B 254 -55.36 -1.49 -13.05
C VAL B 254 -54.96 -2.28 -11.82
N GLY B 255 -53.80 -2.94 -11.88
CA GLY B 255 -53.24 -3.61 -10.73
C GLY B 255 -51.78 -3.21 -10.57
N TYR B 256 -51.28 -3.41 -9.35
CA TYR B 256 -49.95 -2.93 -8.98
C TYR B 256 -49.03 -4.11 -8.73
N LEU B 257 -47.89 -4.12 -9.41
CA LEU B 257 -46.92 -5.19 -9.25
C LEU B 257 -46.25 -5.11 -7.88
N GLN B 258 -45.79 -6.26 -7.41
CA GLN B 258 -45.13 -6.38 -6.12
C GLN B 258 -43.97 -7.36 -6.26
N PRO B 259 -42.96 -7.24 -5.40
CA PRO B 259 -41.86 -8.21 -5.41
C PRO B 259 -42.33 -9.59 -4.99
N ARG B 260 -42.30 -10.56 -5.90
CA ARG B 260 -42.76 -11.91 -5.63
C ARG B 260 -41.89 -12.90 -6.38
N THR B 261 -41.87 -14.13 -5.88
CA THR B 261 -41.17 -15.23 -6.53
C THR B 261 -42.20 -16.10 -7.23
N PHE B 262 -42.05 -16.27 -8.54
CA PHE B 262 -42.96 -17.07 -9.34
C PHE B 262 -42.23 -18.29 -9.88
N LEU B 263 -42.93 -19.41 -9.95
CA LEU B 263 -42.42 -20.62 -10.57
C LEU B 263 -43.11 -20.79 -11.92
N LEU B 264 -42.36 -20.60 -13.00
CA LEU B 264 -42.89 -20.61 -14.35
C LEU B 264 -42.57 -21.92 -15.05
N LYS B 265 -43.56 -22.45 -15.76
CA LYS B 265 -43.43 -23.75 -16.45
C LYS B 265 -43.32 -23.49 -17.95
N TYR B 266 -42.10 -23.48 -18.47
CA TYR B 266 -41.92 -23.41 -19.91
C TYR B 266 -42.19 -24.77 -20.52
N ASN B 267 -43.08 -24.81 -21.50
CA ASN B 267 -43.44 -26.05 -22.17
C ASN B 267 -42.37 -26.38 -23.20
N GLU B 268 -42.66 -27.37 -24.07
CA GLU B 268 -41.67 -27.82 -25.04
C GLU B 268 -41.33 -26.74 -26.05
N ASN B 269 -42.32 -25.95 -26.48
CA ASN B 269 -42.11 -24.92 -27.48
C ASN B 269 -41.52 -23.64 -26.91
N GLY B 270 -41.35 -23.56 -25.59
CA GLY B 270 -40.77 -22.38 -24.97
C GLY B 270 -41.74 -21.36 -24.46
N THR B 271 -43.03 -21.70 -24.37
CA THR B 271 -44.05 -20.77 -23.89
C THR B 271 -44.35 -21.04 -22.43
N ILE B 272 -44.57 -19.97 -21.66
CA ILE B 272 -44.92 -20.08 -20.26
C ILE B 272 -46.40 -20.44 -20.19
N THR B 273 -46.70 -21.72 -19.99
CA THR B 273 -48.07 -22.20 -19.99
C THR B 273 -48.70 -22.24 -18.59
N ASP B 274 -47.91 -22.09 -17.54
CA ASP B 274 -48.45 -22.11 -16.19
C ASP B 274 -47.46 -21.46 -15.24
N ALA B 275 -47.99 -20.91 -14.16
CA ALA B 275 -47.17 -20.26 -13.14
C ALA B 275 -47.76 -20.52 -11.77
N VAL B 276 -46.89 -20.53 -10.76
CA VAL B 276 -47.27 -20.75 -9.38
C VAL B 276 -46.75 -19.59 -8.56
N ASP B 277 -47.66 -18.93 -7.83
CA ASP B 277 -47.32 -17.79 -6.97
C ASP B 277 -46.99 -18.32 -5.58
N CYS B 278 -45.74 -18.17 -5.16
CA CYS B 278 -45.26 -18.85 -3.96
C CYS B 278 -45.92 -18.35 -2.68
N ALA B 279 -46.44 -17.13 -2.64
CA ALA B 279 -46.95 -16.55 -1.42
C ALA B 279 -48.48 -16.61 -1.32
N LEU B 280 -49.14 -17.32 -2.21
CA LEU B 280 -50.61 -17.33 -2.22
C LEU B 280 -51.18 -18.27 -1.15
N ASP B 281 -50.90 -19.56 -1.28
CA ASP B 281 -51.47 -20.58 -0.43
C ASP B 281 -50.37 -21.54 0.02
N PRO B 282 -50.60 -22.27 1.11
CA PRO B 282 -49.60 -23.27 1.54
C PRO B 282 -49.30 -24.31 0.48
N LEU B 283 -50.28 -24.70 -0.34
CA LEU B 283 -50.01 -25.63 -1.43
C LEU B 283 -49.04 -25.00 -2.42
N SER B 284 -49.19 -23.71 -2.70
CA SER B 284 -48.25 -23.02 -3.57
C SER B 284 -46.86 -22.96 -2.95
N GLU B 285 -46.78 -22.74 -1.63
CA GLU B 285 -45.50 -22.77 -0.95
C GLU B 285 -44.84 -24.15 -1.09
N THR B 286 -45.63 -25.21 -0.93
CA THR B 286 -45.10 -26.55 -1.11
C THR B 286 -44.60 -26.77 -2.53
N LYS B 287 -45.36 -26.29 -3.52
CA LYS B 287 -44.95 -26.42 -4.90
C LYS B 287 -43.63 -25.70 -5.16
N CYS B 288 -43.48 -24.50 -4.61
CA CYS B 288 -42.25 -23.75 -4.83
C CYS B 288 -41.06 -24.39 -4.11
N THR B 289 -41.28 -24.92 -2.90
CA THR B 289 -40.19 -25.56 -2.18
C THR B 289 -39.76 -26.85 -2.88
N LEU B 290 -40.72 -27.63 -3.37
CA LEU B 290 -40.40 -28.86 -4.09
C LEU B 290 -40.03 -28.61 -5.55
N LYS B 291 -40.22 -27.39 -6.05
CA LYS B 291 -39.92 -27.03 -7.43
C LYS B 291 -40.65 -27.95 -8.41
N SER B 292 -41.92 -28.21 -8.13
CA SER B 292 -42.74 -29.03 -9.01
C SER B 292 -44.19 -28.62 -8.86
N PHE B 293 -44.98 -28.92 -9.89
CA PHE B 293 -46.40 -28.60 -9.88
C PHE B 293 -47.25 -29.70 -9.26
N THR B 294 -46.68 -30.87 -9.00
CA THR B 294 -47.44 -31.98 -8.44
C THR B 294 -46.78 -32.53 -7.18
N PHE B 305 -41.72 -18.51 9.80
CA PHE B 305 -42.44 -17.35 10.31
C PHE B 305 -41.67 -16.72 11.45
N ARG B 306 -41.60 -15.39 11.47
CA ARG B 306 -40.87 -14.72 12.54
C ARG B 306 -41.49 -13.34 12.77
N VAL B 307 -41.80 -13.04 14.02
CA VAL B 307 -42.51 -11.80 14.33
C VAL B 307 -41.62 -10.60 14.05
N GLN B 308 -42.15 -9.63 13.31
CA GLN B 308 -41.42 -8.43 12.92
C GLN B 308 -41.52 -7.35 14.00
N PRO B 309 -40.51 -6.48 14.09
CA PRO B 309 -40.58 -5.40 15.08
C PRO B 309 -41.48 -4.27 14.63
N THR B 310 -42.23 -3.71 15.58
CA THR B 310 -43.19 -2.66 15.26
C THR B 310 -42.50 -1.33 15.00
N GLU B 311 -41.73 -0.86 15.98
CA GLU B 311 -41.05 0.42 15.83
C GLU B 311 -39.62 0.34 16.37
N SER B 312 -38.88 1.44 16.30
CA SER B 312 -37.50 1.50 16.77
C SER B 312 -37.43 2.44 17.96
N ILE B 313 -36.77 1.97 19.03
CA ILE B 313 -36.56 2.77 20.23
C ILE B 313 -35.07 2.93 20.46
N VAL B 314 -34.66 4.13 20.85
CA VAL B 314 -33.27 4.45 21.13
C VAL B 314 -33.18 4.91 22.57
N ARG B 315 -32.20 4.38 23.30
CA ARG B 315 -32.12 4.60 24.74
C ARG B 315 -30.66 4.88 25.12
N PHE B 316 -30.38 6.11 25.54
CA PHE B 316 -29.03 6.61 25.82
C PHE B 316 -28.96 7.23 27.22
N PRO B 317 -27.76 7.45 27.76
CA PRO B 317 -27.66 8.06 29.10
C PRO B 317 -28.02 9.54 29.09
N ASN B 318 -28.31 10.06 30.27
CA ASN B 318 -28.66 11.46 30.45
C ASN B 318 -27.37 12.28 30.59
N ILE B 319 -26.89 12.78 29.46
CA ILE B 319 -25.68 13.58 29.39
C ILE B 319 -26.00 14.88 28.67
N THR B 320 -25.64 16.01 29.27
CA THR B 320 -25.88 17.33 28.71
C THR B 320 -24.59 18.10 28.42
N ASN B 321 -23.44 17.46 28.57
CA ASN B 321 -22.17 18.15 28.42
C ASN B 321 -21.82 18.36 26.94
N LEU B 322 -20.83 19.21 26.72
CA LEU B 322 -20.29 19.48 25.39
C LEU B 322 -18.79 19.24 25.39
N CYS B 323 -18.27 18.90 24.22
CA CYS B 323 -16.89 18.45 24.06
C CYS B 323 -15.94 19.60 23.77
N PRO B 324 -14.66 19.43 24.09
CA PRO B 324 -13.66 20.43 23.72
C PRO B 324 -13.08 20.18 22.33
N PHE B 325 -13.83 19.46 21.49
CA PHE B 325 -13.39 19.17 20.13
C PHE B 325 -12.94 20.43 19.40
N GLY B 326 -13.59 21.56 19.66
CA GLY B 326 -13.16 22.81 19.07
C GLY B 326 -11.75 23.19 19.48
N GLU B 327 -11.46 23.04 20.79
CA GLU B 327 -10.13 23.41 21.28
C GLU B 327 -9.04 22.51 20.69
N VAL B 328 -9.31 21.21 20.60
CA VAL B 328 -8.31 20.28 20.10
C VAL B 328 -8.00 20.55 18.64
N PHE B 329 -9.03 20.78 17.82
CA PHE B 329 -8.88 20.93 16.38
C PHE B 329 -8.58 22.36 15.95
N ASN B 330 -8.87 23.36 16.78
CA ASN B 330 -8.59 24.75 16.47
C ASN B 330 -7.61 25.33 17.48
N ALA B 331 -6.58 24.55 17.82
CA ALA B 331 -5.55 24.99 18.74
C ALA B 331 -4.48 25.80 18.01
N THR B 332 -3.88 26.75 18.73
CA THR B 332 -2.87 27.62 18.13
C THR B 332 -1.54 26.91 17.91
N ARG B 333 -1.20 25.95 18.78
CA ARG B 333 0.09 25.27 18.69
C ARG B 333 -0.13 23.77 18.82
N PHE B 334 0.72 23.00 18.15
CA PHE B 334 0.68 21.55 18.19
C PHE B 334 2.04 21.01 18.60
N ALA B 335 2.04 19.78 19.10
CA ALA B 335 3.28 19.14 19.52
C ALA B 335 4.07 18.68 18.31
N SER B 336 5.34 18.35 18.54
CA SER B 336 6.18 17.82 17.48
C SER B 336 5.79 16.37 17.18
N VAL B 337 6.39 15.81 16.13
CA VAL B 337 6.05 14.44 15.73
C VAL B 337 6.35 13.47 16.86
N TYR B 338 7.56 13.52 17.38
CA TYR B 338 7.88 12.92 18.66
C TYR B 338 7.32 13.78 19.78
N ALA B 339 7.03 13.14 20.92
CA ALA B 339 6.37 13.81 22.04
C ALA B 339 5.02 14.41 21.61
N TRP B 340 4.25 13.60 20.88
CA TRP B 340 2.94 14.03 20.42
C TRP B 340 1.99 14.21 21.61
N ASN B 341 1.17 15.26 21.55
CA ASN B 341 0.22 15.51 22.63
C ASN B 341 -0.96 14.56 22.53
N ARG B 342 -1.31 13.95 23.66
CA ARG B 342 -2.42 12.99 23.74
C ARG B 342 -3.39 13.46 24.81
N LYS B 343 -4.59 13.84 24.38
CA LYS B 343 -5.64 14.30 25.29
C LYS B 343 -6.75 13.26 25.34
N ARG B 344 -7.36 13.15 26.52
CA ARG B 344 -8.48 12.24 26.75
C ARG B 344 -9.76 13.04 26.71
N ILE B 345 -10.73 12.58 25.92
CA ILE B 345 -12.02 13.23 25.80
C ILE B 345 -13.09 12.25 26.25
N SER B 346 -13.95 12.71 27.14
CA SER B 346 -14.91 11.88 27.86
C SER B 346 -16.04 12.77 28.36
N ASN B 347 -17.14 12.12 28.76
CA ASN B 347 -18.25 12.77 29.44
C ASN B 347 -18.80 13.96 28.65
N CYS B 348 -19.03 13.75 27.35
CA CYS B 348 -19.52 14.82 26.49
C CYS B 348 -20.13 14.20 25.24
N VAL B 349 -20.97 14.98 24.56
CA VAL B 349 -21.64 14.54 23.35
C VAL B 349 -20.86 15.05 22.14
N ALA B 350 -20.48 14.14 21.26
CA ALA B 350 -19.55 14.42 20.17
C ALA B 350 -20.32 14.50 18.86
N ASP B 351 -20.26 15.64 18.19
CA ASP B 351 -20.84 15.82 16.86
C ASP B 351 -19.70 15.74 15.85
N TYR B 352 -19.67 14.65 15.07
CA TYR B 352 -18.65 14.45 14.06
C TYR B 352 -19.03 15.02 12.71
N SER B 353 -20.26 15.51 12.55
CA SER B 353 -20.65 16.11 11.28
C SER B 353 -19.89 17.40 11.00
N VAL B 354 -19.68 18.23 12.03
CA VAL B 354 -18.88 19.44 11.87
C VAL B 354 -17.48 19.08 11.36
N LEU B 355 -17.00 17.91 11.77
CA LEU B 355 -15.67 17.46 11.36
C LEU B 355 -15.71 16.85 9.96
N TYR B 356 -16.60 15.88 9.75
CA TYR B 356 -16.61 15.12 8.50
C TYR B 356 -17.00 16.00 7.31
N ASN B 357 -17.95 16.92 7.51
CA ASN B 357 -18.54 17.67 6.41
C ASN B 357 -17.95 19.07 6.25
N SER B 358 -16.90 19.42 7.00
CA SER B 358 -16.30 20.74 6.86
C SER B 358 -15.50 20.87 5.58
N ALA B 359 -15.03 19.75 5.01
CA ALA B 359 -14.23 19.71 3.79
C ALA B 359 -12.95 20.52 3.88
N SER B 360 -12.54 20.93 5.09
CA SER B 360 -11.30 21.66 5.27
C SER B 360 -10.11 20.73 5.54
N PHE B 361 -10.35 19.44 5.67
CA PHE B 361 -9.29 18.47 5.90
C PHE B 361 -8.94 17.77 4.60
N SER B 362 -7.64 17.71 4.29
CA SER B 362 -7.20 17.01 3.10
C SER B 362 -7.29 15.50 3.26
N THR B 363 -7.06 14.98 4.47
CA THR B 363 -7.05 13.55 4.70
C THR B 363 -8.00 13.20 5.84
N PHE B 364 -8.81 12.17 5.63
CA PHE B 364 -9.81 11.71 6.60
C PHE B 364 -10.01 10.22 6.37
N LYS B 365 -9.34 9.38 7.17
CA LYS B 365 -9.53 7.94 7.03
C LYS B 365 -9.93 7.32 8.35
N CYS B 366 -10.98 6.53 8.34
CA CYS B 366 -11.46 5.83 9.52
C CYS B 366 -11.31 4.33 9.32
N TYR B 367 -10.78 3.66 10.35
CA TYR B 367 -10.52 2.22 10.32
C TYR B 367 -11.30 1.58 11.44
N GLY B 368 -12.02 0.51 11.12
CA GLY B 368 -12.88 -0.17 12.07
C GLY B 368 -14.26 0.45 12.21
N VAL B 369 -14.53 1.55 11.53
CA VAL B 369 -15.84 2.20 11.61
C VAL B 369 -15.96 3.15 10.43
N SER B 370 -17.16 3.20 9.84
CA SER B 370 -17.44 4.14 8.77
C SER B 370 -17.53 5.56 9.32
N PRO B 371 -17.02 6.56 8.59
CA PRO B 371 -17.02 7.93 9.14
C PRO B 371 -18.40 8.56 9.21
N THR B 372 -19.39 8.03 8.48
CA THR B 372 -20.74 8.57 8.54
C THR B 372 -21.53 8.00 9.71
N LYS B 373 -21.05 6.93 10.35
CA LYS B 373 -21.73 6.34 11.50
C LYS B 373 -21.10 6.75 12.82
N LEU B 374 -20.06 7.59 12.80
CA LEU B 374 -19.50 8.12 14.04
C LEU B 374 -20.57 8.84 14.84
N ASN B 375 -21.47 9.54 14.16
CA ASN B 375 -22.56 10.27 14.81
C ASN B 375 -23.55 9.34 15.50
N ASP B 376 -23.51 8.04 15.20
CA ASP B 376 -24.49 7.10 15.75
C ASP B 376 -23.94 6.30 16.93
N LEU B 377 -22.66 5.94 16.91
CA LEU B 377 -22.09 5.04 17.90
C LEU B 377 -21.83 5.76 19.21
N CYS B 378 -21.64 4.97 20.26
CA CYS B 378 -21.38 5.48 21.60
C CYS B 378 -20.14 4.79 22.16
N PHE B 379 -19.15 5.57 22.57
CA PHE B 379 -17.84 5.05 22.93
C PHE B 379 -17.56 5.30 24.41
N THR B 380 -16.72 4.44 24.99
CA THR B 380 -16.29 4.64 26.37
C THR B 380 -15.46 5.92 26.51
N ASN B 381 -14.44 6.06 25.66
CA ASN B 381 -13.58 7.24 25.68
C ASN B 381 -13.02 7.45 24.28
N VAL B 382 -12.54 8.67 24.02
CA VAL B 382 -11.79 8.91 22.80
C VAL B 382 -10.49 9.60 23.17
N TYR B 383 -9.44 9.32 22.39
CA TYR B 383 -8.13 9.90 22.62
C TYR B 383 -7.69 10.66 21.38
N ALA B 384 -7.32 11.92 21.57
CA ALA B 384 -6.92 12.79 20.47
C ALA B 384 -5.41 12.98 20.53
N ASP B 385 -4.72 12.54 19.48
CA ASP B 385 -3.28 12.74 19.33
C ASP B 385 -3.05 13.84 18.30
N SER B 386 -2.20 14.80 18.63
CA SER B 386 -2.07 15.98 17.77
C SER B 386 -0.61 16.29 17.49
N PHE B 387 -0.27 16.54 16.23
CA PHE B 387 1.07 16.95 15.85
C PHE B 387 1.05 17.47 14.41
N VAL B 388 2.24 17.77 13.89
CA VAL B 388 2.41 18.30 12.54
C VAL B 388 3.47 17.49 11.81
N ILE B 389 3.26 17.29 10.51
CA ILE B 389 4.15 16.47 9.67
C ILE B 389 4.31 17.07 8.28
N ARG B 390 5.08 16.42 7.41
CA ARG B 390 5.12 16.74 6.00
C ARG B 390 4.06 15.96 5.23
N GLY B 391 3.97 16.23 3.93
CA GLY B 391 2.98 15.57 3.10
C GLY B 391 3.31 14.12 2.80
N ASP B 392 4.55 13.86 2.39
CA ASP B 392 4.96 12.51 2.02
C ASP B 392 4.89 11.55 3.20
N GLU B 393 4.79 12.06 4.42
CA GLU B 393 4.68 11.24 5.61
C GLU B 393 3.24 11.09 6.10
N VAL B 394 2.28 11.78 5.47
CA VAL B 394 0.87 11.61 5.83
C VAL B 394 0.44 10.18 5.61
N ARG B 395 0.93 9.55 4.55
CA ARG B 395 0.63 8.16 4.26
C ARG B 395 1.12 7.23 5.35
N GLN B 396 2.04 7.69 6.21
CA GLN B 396 2.61 6.85 7.26
C GLN B 396 1.72 6.69 8.49
N ILE B 397 0.66 7.50 8.63
CA ILE B 397 -0.22 7.41 9.79
C ILE B 397 -1.40 6.54 9.39
N ALA B 398 -1.24 5.23 9.58
CA ALA B 398 -2.25 4.20 9.31
C ALA B 398 -1.71 2.87 9.79
N PRO B 399 -2.57 1.90 10.13
CA PRO B 399 -2.06 0.63 10.67
C PRO B 399 -1.35 -0.20 9.60
N GLY B 400 -0.39 -1.00 10.08
CA GLY B 400 0.32 -1.93 9.22
C GLY B 400 1.40 -1.34 8.36
N GLN B 401 1.74 -0.06 8.54
CA GLN B 401 2.71 0.61 7.70
C GLN B 401 4.07 0.71 8.39
N THR B 402 5.09 0.97 7.57
CA THR B 402 6.46 1.14 8.03
C THR B 402 6.96 2.51 7.59
N GLY B 403 8.15 2.87 8.10
CA GLY B 403 8.74 4.16 7.81
C GLY B 403 9.23 4.85 9.06
N LYS B 404 10.00 5.93 8.91
CA LYS B 404 10.69 6.52 10.06
C LYS B 404 9.69 7.02 11.10
N ILE B 405 8.56 7.60 10.68
CA ILE B 405 7.53 7.96 11.64
C ILE B 405 6.79 6.72 12.14
N ALA B 406 6.47 5.80 11.23
CA ALA B 406 5.72 4.60 11.60
C ALA B 406 6.53 3.63 12.45
N ASP B 407 7.86 3.76 12.49
CA ASP B 407 8.69 2.86 13.27
C ASP B 407 9.41 3.53 14.43
N TYR B 408 9.60 4.85 14.40
CA TYR B 408 10.37 5.52 15.43
C TYR B 408 9.60 6.61 16.16
N ASN B 409 8.44 7.03 15.65
CA ASN B 409 7.77 8.22 16.15
C ASN B 409 6.36 7.97 16.66
N TYR B 410 5.50 7.34 15.86
CA TYR B 410 4.12 7.11 16.27
C TYR B 410 3.58 5.93 15.49
N LYS B 411 3.37 4.80 16.17
CA LYS B 411 2.93 3.56 15.55
C LYS B 411 1.46 3.34 15.88
N LEU B 412 0.64 3.24 14.83
CA LEU B 412 -0.72 2.78 15.08
C LEU B 412 -0.77 1.25 15.01
N PRO B 413 -1.48 0.61 15.94
CA PRO B 413 -1.48 -0.85 15.96
C PRO B 413 -2.25 -1.42 14.78
N ASP B 414 -1.92 -2.66 14.41
CA ASP B 414 -2.58 -3.31 13.28
C ASP B 414 -4.08 -3.43 13.51
N ASP B 415 -4.52 -3.44 14.77
CA ASP B 415 -5.93 -3.48 15.13
C ASP B 415 -6.46 -2.11 15.50
N PHE B 416 -5.96 -1.06 14.84
CA PHE B 416 -6.38 0.30 15.17
C PHE B 416 -7.83 0.54 14.76
N THR B 417 -8.59 1.16 15.67
CA THR B 417 -9.96 1.55 15.41
C THR B 417 -10.11 3.03 15.74
N GLY B 418 -10.44 3.83 14.74
CA GLY B 418 -10.54 5.26 14.93
C GLY B 418 -10.28 5.98 13.62
N CYS B 419 -10.25 7.31 13.71
CA CYS B 419 -10.18 8.16 12.53
C CYS B 419 -8.96 9.07 12.59
N VAL B 420 -8.16 9.06 11.53
CA VAL B 420 -7.03 9.97 11.38
C VAL B 420 -7.44 11.11 10.47
N ILE B 421 -7.18 12.34 10.92
CA ILE B 421 -7.61 13.55 10.24
C ILE B 421 -6.39 14.45 10.08
N ALA B 422 -6.20 15.01 8.89
CA ALA B 422 -5.09 15.93 8.69
C ALA B 422 -5.46 16.97 7.66
N TRP B 423 -4.95 18.18 7.84
CA TRP B 423 -5.28 19.29 6.97
C TRP B 423 -4.07 20.20 6.80
N ASN B 424 -4.11 21.00 5.73
CA ASN B 424 -2.97 21.83 5.36
C ASN B 424 -2.77 22.97 6.34
N SER B 425 -1.51 23.27 6.64
CA SER B 425 -1.15 24.31 7.59
C SER B 425 0.06 25.11 7.12
N ASN B 426 0.09 25.46 5.83
CA ASN B 426 1.18 26.31 5.33
C ASN B 426 1.17 27.68 5.99
N ASN B 427 0.00 28.28 6.10
CA ASN B 427 -0.14 29.64 6.58
C ASN B 427 -0.27 29.74 8.10
N LEU B 428 -0.16 28.62 8.81
CA LEU B 428 -0.13 28.62 10.26
C LEU B 428 1.24 28.28 10.84
N ASP B 429 1.94 27.29 10.27
CA ASP B 429 3.13 26.74 10.88
C ASP B 429 4.43 27.07 10.16
N SER B 430 4.37 27.66 8.97
CA SER B 430 5.58 28.01 8.23
C SER B 430 5.89 29.50 8.33
N LYS B 431 7.18 29.81 8.36
CA LYS B 431 7.70 31.16 8.45
C LYS B 431 8.82 31.27 7.43
N VAL B 432 9.05 32.49 6.92
CA VAL B 432 9.82 32.67 5.69
C VAL B 432 11.21 32.05 5.80
N GLY B 433 11.90 32.27 6.90
CA GLY B 433 13.22 31.71 7.07
C GLY B 433 13.27 30.28 7.58
N GLY B 434 12.12 29.66 7.79
CA GLY B 434 12.08 28.29 8.27
C GLY B 434 11.62 28.17 9.70
N ASN B 435 10.62 27.31 9.93
CA ASN B 435 10.11 27.01 11.26
C ASN B 435 10.76 25.73 11.75
N TYR B 436 11.76 25.87 12.63
CA TYR B 436 12.50 24.74 13.17
C TYR B 436 12.04 24.36 14.57
N ASN B 437 10.77 24.59 14.88
CA ASN B 437 10.25 24.30 16.21
C ASN B 437 9.75 22.88 16.35
N TYR B 438 9.79 22.08 15.29
CA TYR B 438 9.30 20.71 15.29
C TYR B 438 10.43 19.79 14.82
N LEU B 439 10.52 18.61 15.43
CA LEU B 439 11.62 17.70 15.12
C LEU B 439 11.17 16.26 14.97
N TYR B 440 12.13 15.38 14.68
CA TYR B 440 11.89 13.94 14.56
C TYR B 440 13.19 13.23 14.93
N ARG B 441 13.10 11.90 15.03
CA ARG B 441 14.28 11.08 15.30
C ARG B 441 14.55 10.18 14.10
N LEU B 442 15.70 10.38 13.44
CA LEU B 442 16.15 9.49 12.40
C LEU B 442 16.76 8.20 12.93
N PHE B 443 17.07 8.14 14.21
CA PHE B 443 17.81 7.01 14.76
C PHE B 443 17.15 6.55 16.05
N ARG B 444 17.18 5.24 16.25
CA ARG B 444 16.78 4.63 17.51
C ARG B 444 17.32 3.20 17.55
N LYS B 445 17.47 2.69 18.77
CA LYS B 445 17.97 1.33 18.93
C LYS B 445 16.98 0.29 18.42
N SER B 446 15.68 0.58 18.51
CA SER B 446 14.66 -0.38 18.10
C SER B 446 13.39 0.37 17.72
N ASN B 447 12.51 -0.32 17.02
CA ASN B 447 11.24 0.25 16.60
C ASN B 447 10.29 0.38 17.79
N LEU B 448 9.28 1.23 17.63
CA LEU B 448 8.36 1.50 18.73
C LEU B 448 7.31 0.40 18.87
N LYS B 449 6.67 0.42 20.02
CA LYS B 449 5.41 -0.25 20.30
C LYS B 449 4.26 0.69 20.01
N PRO B 450 3.07 0.17 19.70
CA PRO B 450 1.98 1.08 19.33
C PRO B 450 1.57 1.97 20.49
N PHE B 451 1.37 3.26 20.17
CA PHE B 451 1.07 4.31 21.13
C PHE B 451 2.14 4.49 22.21
N GLU B 452 3.28 3.82 22.10
CA GLU B 452 4.39 4.11 22.98
C GLU B 452 5.13 5.33 22.45
N ARG B 453 5.42 6.27 23.34
CA ARG B 453 6.02 7.54 22.96
C ARG B 453 7.34 7.67 23.72
N ASP B 454 8.45 7.45 23.02
CA ASP B 454 9.77 7.60 23.62
C ASP B 454 10.26 9.00 23.35
N ILE B 455 10.63 9.70 24.42
CA ILE B 455 11.05 11.09 24.32
C ILE B 455 12.51 11.25 24.74
N SER B 456 13.25 10.16 24.87
CA SER B 456 14.64 10.23 25.26
C SER B 456 15.47 10.91 24.19
N THR B 457 16.45 11.72 24.61
CA THR B 457 17.32 12.45 23.70
C THR B 457 18.73 11.87 23.66
N GLU B 458 18.90 10.62 24.07
CA GLU B 458 20.23 10.03 24.19
C GLU B 458 20.94 9.98 22.83
N ILE B 459 22.21 10.40 22.82
CA ILE B 459 22.97 10.45 21.58
C ILE B 459 23.18 9.05 21.02
N TYR B 460 22.99 8.93 19.71
CA TYR B 460 23.04 7.62 19.06
C TYR B 460 24.48 7.14 18.96
N GLN B 461 24.64 5.83 18.83
CA GLN B 461 25.96 5.20 18.92
C GLN B 461 26.22 4.34 17.69
N ALA B 462 26.09 4.93 16.50
CA ALA B 462 26.24 4.18 15.25
C ALA B 462 27.53 3.36 15.21
N GLY B 463 28.60 3.84 15.84
CA GLY B 463 29.87 3.14 15.85
C GLY B 463 29.94 2.09 16.93
N SER B 464 31.16 1.61 17.18
CA SER B 464 31.40 0.63 18.22
C SER B 464 31.83 1.24 19.54
N THR B 465 32.38 2.46 19.51
CA THR B 465 32.81 3.22 20.67
C THR B 465 31.63 3.93 21.31
N PRO B 466 31.59 4.02 22.64
CA PRO B 466 30.48 4.70 23.30
C PRO B 466 30.61 6.21 23.19
N CYS B 467 29.45 6.88 23.15
CA CYS B 467 29.40 8.32 23.00
C CYS B 467 29.43 9.05 24.34
N ASN B 468 28.96 8.41 25.40
CA ASN B 468 28.93 8.99 26.75
C ASN B 468 28.24 10.35 26.76
N GLY B 469 27.20 10.50 25.94
CA GLY B 469 26.48 11.75 25.88
C GLY B 469 27.20 12.87 25.18
N VAL B 470 28.23 12.58 24.39
CA VAL B 470 28.93 13.58 23.60
C VAL B 470 28.87 13.13 22.14
N GLU B 471 28.36 14.02 21.28
CA GLU B 471 28.20 13.72 19.87
C GLU B 471 29.45 14.18 19.12
N GLY B 472 30.22 13.22 18.62
CA GLY B 472 31.39 13.51 17.82
C GLY B 472 31.30 12.94 16.43
N PHE B 473 31.98 11.81 16.21
CA PHE B 473 31.88 11.05 14.99
C PHE B 473 31.18 9.73 15.28
N ASN B 474 30.25 9.36 14.40
CA ASN B 474 29.36 8.21 14.59
C ASN B 474 28.45 8.41 15.79
N CYS B 475 28.45 9.63 16.35
CA CYS B 475 27.58 9.99 17.46
C CYS B 475 26.72 11.15 17.02
N TYR B 476 25.41 10.94 16.96
CA TYR B 476 24.47 11.96 16.48
C TYR B 476 23.33 12.10 17.47
N PHE B 477 22.92 13.35 17.69
CA PHE B 477 21.76 13.61 18.51
C PHE B 477 20.51 13.06 17.82
N PRO B 478 19.60 12.45 18.57
CA PRO B 478 18.47 11.75 17.92
C PRO B 478 17.63 12.64 17.03
N LEU B 479 17.42 13.89 17.41
CA LEU B 479 16.38 14.73 16.80
C LEU B 479 16.99 15.65 15.76
N GLN B 480 16.38 15.65 14.58
CA GLN B 480 16.65 16.62 13.53
C GLN B 480 15.42 17.48 13.33
N SER B 481 15.65 18.75 13.03
CA SER B 481 14.57 19.72 12.92
C SER B 481 13.73 19.48 11.67
N TYR B 482 12.52 20.03 11.69
CA TYR B 482 11.59 19.93 10.57
C TYR B 482 11.70 21.23 9.78
N GLY B 483 11.97 21.13 8.48
CA GLY B 483 12.04 22.33 7.65
C GLY B 483 10.69 22.78 7.11
N PHE B 484 10.13 23.84 7.70
CA PHE B 484 8.90 24.46 7.23
C PHE B 484 9.24 25.82 6.62
N GLN B 485 9.01 25.95 5.32
CA GLN B 485 9.04 27.24 4.66
C GLN B 485 7.78 27.38 3.82
N PRO B 486 7.25 28.59 3.69
CA PRO B 486 6.00 28.75 2.92
C PRO B 486 6.19 28.58 1.42
N THR B 487 7.43 28.51 0.94
CA THR B 487 7.73 28.25 -0.46
C THR B 487 8.01 26.78 -0.74
N ASN B 488 7.88 25.92 0.25
CA ASN B 488 8.19 24.51 0.07
C ASN B 488 7.14 23.82 -0.80
N GLY B 489 7.55 22.71 -1.41
CA GLY B 489 6.60 21.91 -2.16
C GLY B 489 5.63 21.18 -1.26
N VAL B 490 4.56 20.66 -1.88
CA VAL B 490 3.47 20.05 -1.11
C VAL B 490 3.99 18.92 -0.23
N GLY B 491 4.92 18.12 -0.75
CA GLY B 491 5.50 17.06 0.06
C GLY B 491 6.26 17.57 1.26
N TYR B 492 6.78 18.80 1.18
CA TYR B 492 7.57 19.38 2.25
C TYR B 492 6.81 20.42 3.06
N GLN B 493 5.50 20.57 2.84
CA GLN B 493 4.65 21.52 3.51
C GLN B 493 4.12 20.97 4.82
N PRO B 494 3.70 21.83 5.76
CA PRO B 494 3.14 21.34 7.02
C PRO B 494 1.71 20.87 6.90
N TYR B 495 1.43 19.78 7.60
CA TYR B 495 0.09 19.23 7.76
C TYR B 495 -0.17 19.01 9.24
N ARG B 496 -1.24 19.61 9.75
CA ARG B 496 -1.67 19.37 11.12
C ARG B 496 -2.56 18.14 11.15
N VAL B 497 -2.19 17.17 11.99
CA VAL B 497 -2.82 15.86 12.03
C VAL B 497 -3.25 15.56 13.47
N VAL B 498 -4.44 14.99 13.60
CA VAL B 498 -4.97 14.49 14.86
C VAL B 498 -5.55 13.10 14.60
N VAL B 499 -5.17 12.15 15.44
CA VAL B 499 -5.71 10.80 15.41
C VAL B 499 -6.68 10.67 16.57
N LEU B 500 -7.94 10.39 16.26
CA LEU B 500 -8.98 10.12 17.26
C LEU B 500 -9.12 8.61 17.38
N SER B 501 -8.61 8.06 18.48
CA SER B 501 -8.76 6.64 18.75
C SER B 501 -9.99 6.42 19.63
N PHE B 502 -10.91 5.59 19.16
CA PHE B 502 -12.16 5.31 19.83
C PHE B 502 -11.97 4.05 20.66
N GLU B 503 -12.52 4.03 21.88
CA GLU B 503 -12.54 2.79 22.65
C GLU B 503 -13.99 2.31 22.76
N LEU B 504 -14.26 1.14 22.17
CA LEU B 504 -15.57 0.50 22.24
C LEU B 504 -15.39 -0.76 23.09
N LEU B 505 -15.66 -0.63 24.39
CA LEU B 505 -15.49 -1.72 25.33
C LEU B 505 -16.81 -1.98 26.06
N HIS B 506 -16.81 -3.05 26.86
CA HIS B 506 -17.99 -3.43 27.65
C HIS B 506 -18.04 -2.60 28.94
N ALA B 507 -18.06 -1.28 28.75
CA ALA B 507 -18.02 -0.32 29.84
C ALA B 507 -19.06 0.76 29.54
N PRO B 508 -19.56 1.46 30.57
CA PRO B 508 -20.52 2.52 30.30
C PRO B 508 -19.87 3.65 29.52
N ALA B 509 -20.54 4.08 28.46
CA ALA B 509 -19.96 5.02 27.52
C ALA B 509 -20.11 6.45 28.04
N THR B 510 -19.06 7.25 27.83
CA THR B 510 -19.04 8.63 28.25
C THR B 510 -19.08 9.63 27.11
N VAL B 511 -18.51 9.30 25.96
CA VAL B 511 -18.60 10.12 24.76
C VAL B 511 -19.70 9.52 23.88
N CYS B 512 -20.72 10.32 23.59
CA CYS B 512 -21.95 9.86 22.97
C CYS B 512 -22.10 10.53 21.60
N GLY B 513 -23.15 10.13 20.88
CA GLY B 513 -23.55 10.81 19.67
C GLY B 513 -24.77 11.67 19.93
N PRO B 514 -24.98 12.69 19.09
CA PRO B 514 -26.16 13.55 19.33
C PRO B 514 -27.44 12.92 18.80
N LYS B 515 -27.82 11.79 19.41
CA LYS B 515 -29.07 11.12 19.14
C LYS B 515 -30.01 11.33 20.32
N LYS B 516 -31.30 11.33 20.03
CA LYS B 516 -32.33 11.63 21.03
C LYS B 516 -32.91 10.32 21.52
N SER B 517 -32.84 10.10 22.83
CA SER B 517 -33.45 8.92 23.43
C SER B 517 -34.96 9.01 23.31
N THR B 518 -35.59 7.86 23.07
CA THR B 518 -37.03 7.78 22.88
C THR B 518 -37.67 7.08 24.07
N ASN B 519 -38.99 6.95 24.02
CA ASN B 519 -39.71 6.28 25.09
C ASN B 519 -39.42 4.79 25.07
N LEU B 520 -39.56 4.15 26.23
CA LEU B 520 -39.33 2.72 26.37
C LEU B 520 -40.66 1.99 26.19
N VAL B 521 -40.74 1.15 25.17
CA VAL B 521 -41.93 0.35 24.88
C VAL B 521 -41.61 -1.09 25.27
N LYS B 522 -42.43 -1.64 26.15
CA LYS B 522 -42.10 -2.88 26.85
C LYS B 522 -43.05 -4.00 26.45
N ASN B 523 -42.58 -5.25 26.62
CA ASN B 523 -43.37 -6.45 26.37
C ASN B 523 -43.88 -6.50 24.93
N LYS B 524 -43.05 -6.01 24.01
CA LYS B 524 -43.42 -5.93 22.60
C LYS B 524 -42.14 -6.10 21.77
N CYS B 525 -42.23 -6.87 20.69
CA CYS B 525 -41.08 -7.00 19.80
C CYS B 525 -40.76 -5.65 19.18
N VAL B 526 -39.50 -5.23 19.32
CA VAL B 526 -39.13 -3.85 19.00
C VAL B 526 -37.65 -3.84 18.66
N ASN B 527 -37.25 -2.90 17.79
CA ASN B 527 -35.85 -2.59 17.58
C ASN B 527 -35.38 -1.68 18.72
N PHE B 528 -34.32 -2.09 19.39
CA PHE B 528 -33.81 -1.40 20.56
C PHE B 528 -32.35 -1.02 20.36
N ASN B 529 -31.93 0.01 21.10
CA ASN B 529 -30.55 0.50 21.05
C ASN B 529 -30.21 1.06 22.43
N PHE B 530 -29.58 0.25 23.26
CA PHE B 530 -29.11 0.67 24.58
C PHE B 530 -27.61 0.90 24.55
N ASN B 531 -27.20 2.16 24.76
CA ASN B 531 -25.79 2.51 24.91
C ASN B 531 -24.96 2.07 23.71
N GLY B 532 -25.54 2.17 22.51
CA GLY B 532 -24.87 1.78 21.30
C GLY B 532 -25.12 0.35 20.87
N LEU B 533 -25.61 -0.50 21.77
CA LEU B 533 -25.97 -1.87 21.41
C LEU B 533 -27.32 -1.87 20.71
N THR B 534 -27.34 -2.30 19.45
CA THR B 534 -28.55 -2.35 18.65
C THR B 534 -28.99 -3.79 18.46
N GLY B 535 -30.30 -4.01 18.47
CA GLY B 535 -30.83 -5.35 18.29
C GLY B 535 -32.33 -5.32 18.11
N THR B 536 -32.90 -6.52 17.94
CA THR B 536 -34.33 -6.68 17.80
C THR B 536 -34.81 -7.73 18.80
N GLY B 537 -35.86 -7.42 19.54
CA GLY B 537 -36.41 -8.38 20.47
C GLY B 537 -37.44 -7.77 21.38
N VAL B 538 -37.92 -8.60 22.31
CA VAL B 538 -38.90 -8.20 23.32
C VAL B 538 -38.19 -8.08 24.66
N LEU B 539 -38.70 -7.21 25.51
CA LEU B 539 -38.08 -6.90 26.78
C LEU B 539 -39.05 -7.21 27.92
N THR B 540 -38.50 -7.67 29.04
CA THR B 540 -39.32 -7.97 30.22
C THR B 540 -38.60 -7.47 31.48
N GLU B 541 -39.38 -7.24 32.54
CA GLU B 541 -38.78 -6.99 33.84
C GLU B 541 -37.96 -8.19 34.25
N SER B 542 -36.80 -7.93 34.84
CA SER B 542 -35.92 -8.98 35.30
C SER B 542 -35.66 -8.83 36.80
N ASN B 543 -35.73 -9.94 37.51
CA ASN B 543 -35.38 -10.00 38.92
C ASN B 543 -33.91 -10.33 39.14
N LYS B 544 -33.12 -10.38 38.06
CA LYS B 544 -31.72 -10.75 38.15
C LYS B 544 -30.98 -9.80 39.09
N LYS B 545 -30.10 -10.37 39.91
CA LYS B 545 -29.38 -9.63 40.95
C LYS B 545 -28.13 -9.01 40.33
N PHE B 546 -28.33 -7.98 39.52
CA PHE B 546 -27.24 -7.15 39.06
C PHE B 546 -26.73 -6.31 40.22
N LEU B 547 -25.44 -6.41 40.52
CA LEU B 547 -24.91 -5.58 41.57
C LEU B 547 -24.74 -4.14 41.06
N PRO B 548 -24.75 -3.15 41.97
CA PRO B 548 -24.75 -1.74 41.56
C PRO B 548 -23.78 -1.36 40.44
N PHE B 549 -22.77 -2.19 40.19
CA PHE B 549 -21.79 -1.87 39.15
C PHE B 549 -22.03 -2.61 37.84
N GLN B 550 -22.82 -3.68 37.85
CA GLN B 550 -23.07 -4.43 36.62
C GLN B 550 -23.75 -3.54 35.58
N GLN B 551 -23.32 -3.67 34.33
CA GLN B 551 -23.91 -2.94 33.21
C GLN B 551 -24.63 -3.86 32.24
N PHE B 552 -23.97 -4.90 31.75
CA PHE B 552 -24.54 -5.77 30.76
C PHE B 552 -24.82 -7.15 31.37
N GLY B 553 -25.26 -8.09 30.53
CA GLY B 553 -25.51 -9.43 30.98
C GLY B 553 -25.50 -10.44 29.85
N ARG B 554 -24.82 -11.57 30.06
CA ARG B 554 -24.75 -12.62 29.03
C ARG B 554 -24.63 -13.96 29.75
N ASP B 555 -25.77 -14.60 29.99
CA ASP B 555 -25.74 -15.91 30.63
C ASP B 555 -25.19 -16.96 29.68
N ILE B 556 -25.43 -16.81 28.37
CA ILE B 556 -24.96 -17.77 27.38
C ILE B 556 -23.64 -17.32 26.75
N ALA B 557 -23.18 -16.10 27.02
CA ALA B 557 -21.94 -15.50 26.52
C ALA B 557 -21.98 -15.26 25.03
N ASP B 558 -23.11 -15.48 24.36
CA ASP B 558 -23.25 -15.17 22.94
C ASP B 558 -24.46 -14.31 22.63
N THR B 559 -25.37 -14.11 23.58
CA THR B 559 -26.55 -13.29 23.39
C THR B 559 -26.79 -12.46 24.64
N THR B 560 -26.90 -11.14 24.47
CA THR B 560 -27.09 -10.27 25.62
C THR B 560 -28.50 -10.44 26.17
N ASP B 561 -28.65 -11.32 27.16
CA ASP B 561 -29.99 -11.61 27.67
C ASP B 561 -30.54 -10.46 28.50
N ALA B 562 -29.69 -9.74 29.22
CA ALA B 562 -30.13 -8.68 30.11
C ALA B 562 -29.28 -7.43 29.93
N VAL B 563 -29.91 -6.27 30.14
CA VAL B 563 -29.23 -4.98 30.04
C VAL B 563 -29.72 -4.10 31.17
N ARG B 564 -28.92 -3.07 31.47
CA ARG B 564 -29.30 -1.96 32.33
C ARG B 564 -29.72 -0.79 31.47
N ASP B 565 -30.91 -0.26 31.71
CA ASP B 565 -31.34 0.94 31.01
C ASP B 565 -30.50 2.12 31.50
N PRO B 566 -29.93 2.91 30.59
CA PRO B 566 -29.09 4.04 31.01
C PRO B 566 -29.84 5.14 31.75
N GLN B 567 -31.00 5.57 31.25
CA GLN B 567 -31.74 6.64 31.91
C GLN B 567 -32.17 6.22 33.31
N THR B 568 -32.97 5.17 33.41
CA THR B 568 -33.39 4.64 34.70
C THR B 568 -32.68 3.32 34.94
N LEU B 569 -31.98 3.22 36.07
CA LEU B 569 -31.15 2.05 36.37
C LEU B 569 -32.06 0.89 36.77
N GLU B 570 -32.61 0.23 35.76
CA GLU B 570 -33.47 -0.92 35.97
C GLU B 570 -33.02 -2.04 35.02
N ILE B 571 -33.08 -3.27 35.52
CA ILE B 571 -32.62 -4.43 34.76
C ILE B 571 -33.77 -4.88 33.87
N LEU B 572 -33.59 -4.78 32.56
CA LEU B 572 -34.55 -5.32 31.62
C LEU B 572 -33.89 -6.44 30.83
N ASP B 573 -34.54 -7.60 30.80
CA ASP B 573 -33.96 -8.75 30.15
C ASP B 573 -34.58 -8.92 28.77
N ILE B 574 -33.73 -9.27 27.80
CA ILE B 574 -34.12 -9.34 26.40
C ILE B 574 -34.40 -10.79 26.05
N THR B 575 -35.67 -11.07 25.76
CA THR B 575 -35.95 -12.31 25.06
C THR B 575 -36.03 -12.02 23.57
N PRO B 576 -35.53 -12.87 22.68
CA PRO B 576 -35.78 -12.64 21.26
C PRO B 576 -37.26 -12.75 20.96
N CYS B 577 -37.84 -11.68 20.40
CA CYS B 577 -39.24 -11.75 20.00
C CYS B 577 -39.46 -12.79 18.92
N SER B 578 -38.39 -13.23 18.27
CA SER B 578 -38.44 -14.42 17.44
C SER B 578 -39.00 -15.58 18.24
N PHE B 579 -40.00 -16.26 17.68
CA PHE B 579 -40.64 -17.38 18.35
C PHE B 579 -40.60 -18.65 17.52
N GLN C 1 2.85 18.35 58.58
CA GLN C 1 4.28 18.11 58.47
C GLN C 1 4.63 16.69 58.91
N CYS C 2 5.78 16.20 58.44
CA CYS C 2 6.19 14.83 58.68
C CYS C 2 7.03 14.72 59.95
N VAL C 3 7.12 13.51 60.47
CA VAL C 3 7.89 13.19 61.66
C VAL C 3 8.85 12.05 61.33
N ASN C 4 10.13 12.25 61.66
CA ASN C 4 11.14 11.23 61.40
C ASN C 4 11.03 10.11 62.42
N LEU C 5 11.05 8.87 61.95
CA LEU C 5 11.04 7.69 62.79
C LEU C 5 12.41 7.01 62.72
N THR C 6 12.53 5.87 63.40
CA THR C 6 13.79 5.16 63.48
C THR C 6 14.03 4.33 62.22
N THR C 7 15.25 3.80 62.12
CA THR C 7 15.63 3.01 60.96
C THR C 7 14.88 1.68 60.93
N ARG C 8 14.44 1.29 59.73
CA ARG C 8 13.70 0.03 59.57
C ARG C 8 14.57 -1.20 59.81
N THR C 9 15.89 -1.06 59.71
CA THR C 9 16.88 -2.10 59.97
C THR C 9 16.79 -3.29 59.02
N GLN C 10 15.94 -3.20 57.99
CA GLN C 10 15.85 -4.22 56.94
C GLN C 10 15.56 -5.60 57.53
N LEU C 11 14.35 -5.70 58.09
CA LEU C 11 13.92 -6.97 58.68
C LEU C 11 13.90 -8.06 57.62
N PRO C 12 14.38 -9.26 57.93
CA PRO C 12 14.40 -10.33 56.94
C PRO C 12 13.00 -10.67 56.49
N PRO C 13 12.82 -10.97 55.20
CA PRO C 13 11.48 -11.26 54.69
C PRO C 13 10.93 -12.56 55.23
N ALA C 14 9.60 -12.61 55.38
CA ALA C 14 8.89 -13.80 55.80
C ALA C 14 7.71 -14.02 54.87
N TYR C 15 7.44 -15.28 54.56
CA TYR C 15 6.44 -15.63 53.55
C TYR C 15 5.29 -16.40 54.19
N THR C 16 4.22 -16.54 53.42
CA THR C 16 3.10 -17.40 53.78
C THR C 16 2.40 -17.83 52.49
N ASN C 17 1.49 -18.78 52.62
CA ASN C 17 0.83 -19.39 51.47
C ASN C 17 -0.55 -18.80 51.27
N SER C 18 -0.90 -18.54 50.01
CA SER C 18 -2.18 -17.95 49.64
C SER C 18 -3.06 -19.04 49.04
N PHE C 19 -3.96 -19.59 49.85
CA PHE C 19 -4.84 -20.68 49.44
C PHE C 19 -5.99 -20.14 48.60
N THR C 20 -5.75 -20.04 47.30
CA THR C 20 -6.79 -19.68 46.31
C THR C 20 -7.52 -18.40 46.70
N ARG C 21 -6.75 -17.33 46.86
CA ARG C 21 -7.28 -16.01 47.18
C ARG C 21 -6.91 -15.02 46.08
N GLY C 22 -7.69 -13.96 45.99
CA GLY C 22 -7.41 -12.91 45.04
C GLY C 22 -8.15 -12.99 43.71
N VAL C 23 -9.18 -13.83 43.61
CA VAL C 23 -9.94 -13.94 42.38
C VAL C 23 -11.00 -12.85 42.34
N TYR C 24 -11.03 -12.09 41.26
CA TYR C 24 -11.95 -10.98 41.09
C TYR C 24 -12.78 -11.18 39.84
N TYR C 25 -13.65 -10.22 39.55
CA TYR C 25 -14.51 -10.30 38.38
C TYR C 25 -13.80 -9.64 37.21
N PRO C 26 -13.40 -10.40 36.18
CA PRO C 26 -12.63 -9.79 35.09
C PRO C 26 -13.46 -8.85 34.21
N ASP C 27 -14.66 -9.25 33.82
CA ASP C 27 -15.49 -8.43 32.95
C ASP C 27 -16.80 -8.10 33.65
N LYS C 28 -17.41 -6.99 33.22
CA LYS C 28 -18.61 -6.45 33.85
C LYS C 28 -19.87 -6.93 33.13
N VAL C 29 -20.10 -8.24 33.18
CA VAL C 29 -21.28 -8.86 32.60
C VAL C 29 -21.86 -9.83 33.63
N PHE C 30 -23.16 -10.07 33.54
CA PHE C 30 -23.80 -11.06 34.38
C PHE C 30 -23.66 -12.43 33.73
N ARG C 31 -23.11 -13.39 34.46
CA ARG C 31 -23.03 -14.77 34.01
C ARG C 31 -23.59 -15.67 35.10
N SER C 32 -24.46 -16.59 34.71
CA SER C 32 -25.17 -17.45 35.66
C SER C 32 -25.01 -18.91 35.27
N SER C 33 -24.55 -19.71 36.23
CA SER C 33 -24.42 -21.16 36.07
C SER C 33 -23.61 -21.51 34.82
N VAL C 34 -22.44 -20.89 34.69
CA VAL C 34 -21.60 -21.09 33.52
C VAL C 34 -20.14 -21.11 33.95
N LEU C 35 -19.34 -21.84 33.18
CA LEU C 35 -17.90 -21.94 33.40
C LEU C 35 -17.21 -21.14 32.30
N HIS C 36 -16.54 -20.05 32.68
CA HIS C 36 -15.91 -19.14 31.74
C HIS C 36 -14.40 -19.13 31.94
N SER C 37 -13.65 -19.16 30.84
CA SER C 37 -12.20 -19.14 30.88
C SER C 37 -11.72 -17.73 30.57
N THR C 38 -11.00 -17.13 31.51
CA THR C 38 -10.52 -15.76 31.37
C THR C 38 -9.01 -15.71 31.54
N GLN C 39 -8.33 -15.05 30.61
CA GLN C 39 -6.89 -14.82 30.70
C GLN C 39 -6.67 -13.38 31.13
N ASP C 40 -6.07 -13.20 32.31
CA ASP C 40 -5.90 -11.87 32.87
C ASP C 40 -4.85 -11.92 33.97
N LEU C 41 -4.63 -10.79 34.62
CA LEU C 41 -3.67 -10.70 35.71
C LEU C 41 -4.33 -11.23 36.97
N PHE C 42 -4.00 -12.46 37.34
CA PHE C 42 -4.51 -13.10 38.54
C PHE C 42 -3.35 -13.48 39.45
N LEU C 43 -3.65 -13.56 40.75
CA LEU C 43 -2.66 -14.08 41.69
C LEU C 43 -2.64 -15.60 41.59
N PRO C 44 -1.51 -16.21 41.26
CA PRO C 44 -1.48 -17.67 41.11
C PRO C 44 -1.84 -18.38 42.40
N PHE C 45 -2.50 -19.52 42.26
CA PHE C 45 -2.96 -20.29 43.41
C PHE C 45 -1.79 -20.88 44.17
N PHE C 46 -1.95 -20.95 45.50
CA PHE C 46 -0.94 -21.51 46.39
C PHE C 46 0.41 -20.81 46.21
N SER C 47 0.36 -19.49 46.08
CA SER C 47 1.56 -18.68 45.90
C SER C 47 2.11 -18.25 47.25
N ASN C 48 3.38 -17.83 47.24
CA ASN C 48 4.04 -17.31 48.42
C ASN C 48 3.88 -15.79 48.44
N VAL C 49 3.11 -15.29 49.39
CA VAL C 49 2.90 -13.86 49.57
C VAL C 49 3.66 -13.42 50.82
N THR C 50 4.23 -12.23 50.76
CA THR C 50 5.07 -11.74 51.85
C THR C 50 4.21 -11.01 52.87
N TRP C 51 4.35 -11.38 54.13
CA TRP C 51 3.50 -10.85 55.19
C TRP C 51 4.30 -9.98 56.14
N PHE C 52 3.77 -8.81 56.46
CA PHE C 52 4.42 -7.85 57.34
C PHE C 52 3.51 -7.53 58.51
N HIS C 53 4.08 -7.54 59.71
CA HIS C 53 3.40 -7.02 60.88
C HIS C 53 3.27 -5.51 60.78
N ALA C 54 2.11 -4.99 61.20
CA ALA C 54 1.97 -3.55 61.32
C ALA C 54 2.93 -2.99 62.36
N ILE C 55 3.01 -3.65 63.52
CA ILE C 55 3.97 -3.32 64.56
C ILE C 55 4.77 -4.57 64.87
N HIS C 56 6.10 -4.46 64.79
CA HIS C 56 6.98 -5.57 65.08
C HIS C 56 7.83 -5.26 66.30
N VAL C 57 7.82 -6.17 67.27
CA VAL C 57 8.68 -6.09 68.44
C VAL C 57 9.81 -7.11 68.25
N SER C 58 10.98 -6.62 67.86
CA SER C 58 12.12 -7.48 67.57
C SER C 58 13.37 -7.13 68.37
N GLY C 59 13.49 -5.91 68.87
CA GLY C 59 14.66 -5.56 69.66
C GLY C 59 14.66 -6.24 71.01
N THR C 60 15.85 -6.40 71.57
CA THR C 60 15.97 -6.99 72.90
C THR C 60 15.31 -6.12 73.96
N ASN C 61 15.46 -4.81 73.84
CA ASN C 61 14.83 -3.90 74.79
C ASN C 61 13.31 -3.92 74.68
N GLY C 62 12.78 -4.12 73.47
CA GLY C 62 11.34 -4.15 73.27
C GLY C 62 10.84 -3.01 72.41
N THR C 63 11.67 -2.58 71.46
CA THR C 63 11.30 -1.44 70.62
C THR C 63 10.11 -1.76 69.74
N LYS C 64 9.22 -0.79 69.59
CA LYS C 64 8.02 -0.90 68.76
C LYS C 64 8.18 0.04 67.58
N ARG C 65 8.49 -0.52 66.41
CA ARG C 65 8.65 0.27 65.19
C ARG C 65 7.82 -0.34 64.07
N PHE C 66 7.24 0.52 63.24
CA PHE C 66 6.41 0.04 62.15
C PHE C 66 7.24 -0.67 61.09
N ASP C 67 6.61 -1.62 60.41
CA ASP C 67 7.21 -2.33 59.29
C ASP C 67 6.45 -1.90 58.04
N ASN C 68 6.91 -0.81 57.42
CA ASN C 68 6.28 -0.25 56.23
C ASN C 68 7.33 -0.03 55.13
N PRO C 69 7.83 -1.10 54.55
CA PRO C 69 8.78 -0.96 53.43
C PRO C 69 8.08 -0.44 52.19
N VAL C 70 8.87 0.15 51.30
CA VAL C 70 8.38 0.59 50.01
C VAL C 70 8.55 -0.57 49.04
N LEU C 71 7.44 -1.22 48.71
CA LEU C 71 7.41 -2.49 47.99
C LEU C 71 7.16 -2.26 46.50
N PRO C 72 7.60 -3.18 45.64
CA PRO C 72 7.36 -3.04 44.21
C PRO C 72 5.89 -3.18 43.86
N PHE C 73 5.55 -2.72 42.65
CA PHE C 73 4.20 -2.80 42.10
C PHE C 73 4.33 -3.42 40.71
N ASN C 74 4.37 -4.75 40.67
CA ASN C 74 4.66 -5.48 39.44
C ASN C 74 3.35 -6.02 38.86
N ASP C 75 2.79 -5.27 37.91
CA ASP C 75 1.61 -5.70 37.15
C ASP C 75 0.42 -5.99 38.06
N GLY C 76 0.26 -5.22 39.13
CA GLY C 76 -0.83 -5.42 40.05
C GLY C 76 -0.35 -5.96 41.39
N VAL C 77 -1.15 -5.72 42.42
CA VAL C 77 -0.83 -6.14 43.77
C VAL C 77 -2.08 -6.65 44.45
N TYR C 78 -1.99 -7.83 45.07
CA TYR C 78 -3.02 -8.34 45.96
C TYR C 78 -2.61 -7.99 47.37
N PHE C 79 -3.32 -7.06 47.99
CA PHE C 79 -3.05 -6.59 49.35
C PHE C 79 -4.17 -7.09 50.25
N ALA C 80 -3.86 -8.06 51.11
CA ALA C 80 -4.80 -8.53 52.11
C ALA C 80 -4.38 -7.99 53.46
N SER C 81 -5.33 -7.75 54.34
CA SER C 81 -5.02 -7.26 55.67
C SER C 81 -5.94 -7.92 56.68
N THR C 82 -5.36 -8.55 57.69
CA THR C 82 -6.13 -9.09 58.81
C THR C 82 -5.86 -8.20 60.01
N GLU C 83 -6.90 -7.53 60.49
CA GLU C 83 -6.70 -6.59 61.58
C GLU C 83 -7.99 -6.47 62.40
N LYS C 84 -7.89 -5.70 63.48
CA LYS C 84 -8.97 -5.56 64.45
C LYS C 84 -9.27 -4.11 64.83
N SER C 85 -8.32 -3.18 64.71
CA SER C 85 -8.55 -1.82 65.22
C SER C 85 -8.09 -0.74 64.25
N ASN C 86 -8.16 -0.99 62.94
CA ASN C 86 -8.02 0.05 61.92
C ASN C 86 -6.65 0.73 61.99
N ILE C 87 -5.59 -0.06 62.13
CA ILE C 87 -4.24 0.51 62.10
C ILE C 87 -3.77 0.82 60.69
N ILE C 88 -4.31 0.14 59.67
CA ILE C 88 -3.98 0.41 58.27
C ILE C 88 -5.01 1.38 57.73
N ARG C 89 -4.54 2.48 57.13
CA ARG C 89 -5.43 3.55 56.71
C ARG C 89 -5.45 3.82 55.21
N GLY C 90 -4.41 3.45 54.49
CA GLY C 90 -4.38 3.75 53.06
C GLY C 90 -3.03 3.42 52.47
N TRP C 91 -2.83 3.91 51.25
CA TRP C 91 -1.64 3.58 50.47
C TRP C 91 -1.18 4.78 49.67
N ILE C 92 0.10 4.74 49.30
CA ILE C 92 0.71 5.72 48.42
C ILE C 92 1.38 4.97 47.27
N PHE C 93 1.13 5.42 46.06
CA PHE C 93 1.65 4.79 44.85
C PHE C 93 2.44 5.82 44.05
N GLY C 94 3.53 5.40 43.45
CA GLY C 94 4.29 6.28 42.59
C GLY C 94 5.63 5.68 42.27
N THR C 95 6.34 6.32 41.34
CA THR C 95 7.61 5.80 40.85
C THR C 95 8.78 6.24 41.74
N THR C 96 8.91 7.54 41.97
CA THR C 96 9.94 8.06 42.85
C THR C 96 9.39 8.49 44.21
N LEU C 97 8.06 8.63 44.34
CA LEU C 97 7.42 9.04 45.59
C LEU C 97 7.97 10.38 46.07
N ASP C 98 8.21 11.30 45.14
CA ASP C 98 8.75 12.62 45.45
C ASP C 98 8.12 13.62 44.49
N SER C 99 8.63 14.85 44.52
CA SER C 99 8.08 15.92 43.70
C SER C 99 8.43 15.78 42.22
N LYS C 100 9.41 14.96 41.87
CA LYS C 100 9.79 14.81 40.47
C LYS C 100 8.71 14.09 39.67
N THR C 101 7.97 13.18 40.31
CA THR C 101 6.95 12.39 39.64
C THR C 101 5.62 12.53 40.36
N GLN C 102 4.54 12.30 39.61
CA GLN C 102 3.20 12.32 40.18
C GLN C 102 2.99 11.12 41.09
N SER C 103 2.13 11.28 42.09
CA SER C 103 1.90 10.23 43.08
C SER C 103 0.43 10.17 43.44
N LEU C 104 -0.01 8.97 43.81
CA LEU C 104 -1.40 8.67 44.14
C LEU C 104 -1.51 8.38 45.63
N LEU C 105 -2.46 9.03 46.29
CA LEU C 105 -2.67 8.87 47.73
C LEU C 105 -4.12 8.47 47.98
N ILE C 106 -4.31 7.34 48.65
CA ILE C 106 -5.64 6.91 49.09
C ILE C 106 -5.61 6.80 50.60
N VAL C 107 -6.55 7.48 51.26
CA VAL C 107 -6.63 7.50 52.72
C VAL C 107 -8.07 7.30 53.14
N ASN C 108 -8.27 6.52 54.20
CA ASN C 108 -9.60 6.27 54.77
C ASN C 108 -9.59 6.81 56.20
N ASN C 109 -10.22 7.96 56.42
CA ASN C 109 -10.39 8.47 57.77
C ASN C 109 -11.73 7.98 58.31
N ALA C 110 -12.15 8.53 59.45
CA ALA C 110 -13.35 8.03 60.10
C ALA C 110 -14.63 8.33 59.33
N THR C 111 -14.59 9.25 58.37
CA THR C 111 -15.78 9.72 57.69
C THR C 111 -15.91 9.25 56.25
N ASN C 112 -14.84 9.37 55.46
CA ASN C 112 -14.93 9.16 54.03
C ASN C 112 -13.56 8.71 53.51
N VAL C 113 -13.41 8.71 52.19
CA VAL C 113 -12.12 8.44 51.56
C VAL C 113 -11.59 9.73 50.97
N VAL C 114 -10.27 9.81 50.86
CA VAL C 114 -9.58 10.88 50.16
C VAL C 114 -8.67 10.23 49.14
N ILE C 115 -8.96 10.46 47.86
CA ILE C 115 -8.09 9.99 46.78
C ILE C 115 -7.57 11.22 46.05
N LYS C 116 -6.25 11.38 46.06
CA LYS C 116 -5.59 12.52 45.44
C LYS C 116 -4.49 12.05 44.51
N VAL C 117 -4.26 12.81 43.45
CA VAL C 117 -3.18 12.52 42.51
C VAL C 117 -2.33 13.77 42.35
N CYS C 118 -1.28 13.87 43.14
CA CYS C 118 -0.44 15.06 43.20
C CYS C 118 1.00 14.63 43.38
N GLU C 119 1.93 15.55 43.11
CA GLU C 119 3.35 15.28 43.33
C GLU C 119 3.71 15.63 44.79
N PHE C 120 3.27 14.76 45.69
CA PHE C 120 3.53 14.97 47.11
C PHE C 120 5.01 14.79 47.44
N GLN C 121 5.47 15.51 48.47
CA GLN C 121 6.79 15.31 49.04
C GLN C 121 6.66 14.32 50.21
N PHE C 122 6.56 13.05 49.85
CA PHE C 122 6.42 12.01 50.87
C PHE C 122 7.70 11.89 51.68
N CYS C 123 7.55 11.81 53.00
CA CYS C 123 8.69 11.61 53.88
C CYS C 123 9.08 10.14 53.90
N ASN C 124 10.12 9.82 54.69
CA ASN C 124 10.57 8.44 54.77
C ASN C 124 9.54 7.55 55.46
N ASP C 125 8.82 8.08 56.44
CA ASP C 125 7.85 7.31 57.22
C ASP C 125 6.52 8.04 57.28
N PRO C 126 5.75 8.03 56.19
CA PRO C 126 4.38 8.58 56.23
C PRO C 126 3.50 7.81 57.19
N PHE C 127 2.65 8.52 57.94
CA PHE C 127 1.70 7.87 58.83
C PHE C 127 0.64 8.86 59.32
N LEU C 128 -0.42 8.29 59.89
CA LEU C 128 -1.50 9.06 60.50
C LEU C 128 -1.42 8.90 62.02
N GLY C 129 -1.29 10.02 62.72
CA GLY C 129 -1.36 9.99 64.17
C GLY C 129 -2.80 9.99 64.63
N VAL C 130 -3.25 8.89 65.24
CA VAL C 130 -4.65 8.71 65.60
C VAL C 130 -4.80 8.90 67.11
N TYR C 131 -5.72 9.78 67.50
CA TYR C 131 -5.99 10.01 68.91
C TYR C 131 -7.49 10.08 69.14
N TYR C 132 -7.93 9.53 70.27
CA TYR C 132 -9.33 9.57 70.64
C TYR C 132 -9.64 10.84 71.43
N HIS C 133 -10.91 11.24 71.40
CA HIS C 133 -11.32 12.40 72.16
C HIS C 133 -11.43 12.04 73.64
N LYS C 134 -11.44 13.08 74.48
CA LYS C 134 -11.40 12.89 75.92
C LYS C 134 -12.73 12.40 76.50
N ASN C 135 -13.84 12.58 75.78
CA ASN C 135 -15.15 12.25 76.32
C ASN C 135 -15.93 11.22 75.51
N ASN C 136 -15.83 11.22 74.18
CA ASN C 136 -16.64 10.34 73.36
C ASN C 136 -15.97 9.00 73.09
N LYS C 137 -14.78 9.04 72.48
CA LYS C 137 -14.01 7.87 72.07
C LYS C 137 -14.73 7.02 71.03
N SER C 138 -15.85 7.50 70.48
CA SER C 138 -16.57 6.75 69.46
C SER C 138 -15.83 6.79 68.12
N TRP C 139 -15.25 7.94 67.79
CA TRP C 139 -14.45 8.10 66.58
C TRP C 139 -13.04 8.50 66.97
N MET C 140 -12.14 8.48 65.97
CA MET C 140 -10.73 8.76 66.18
C MET C 140 -10.31 9.89 65.26
N GLU C 141 -9.75 10.95 65.85
CA GLU C 141 -9.23 12.06 65.06
C GLU C 141 -7.84 11.73 64.55
N SER C 142 -7.61 12.02 63.28
CA SER C 142 -6.39 11.64 62.59
C SER C 142 -5.61 12.88 62.16
N GLU C 143 -4.31 12.89 62.44
CA GLU C 143 -3.40 13.94 61.98
C GLU C 143 -2.53 13.35 60.88
N PHE C 144 -2.57 13.96 59.70
CA PHE C 144 -1.85 13.44 58.55
C PHE C 144 -0.40 13.91 58.60
N ARG C 145 0.55 12.98 58.52
CA ARG C 145 1.96 13.32 58.47
C ARG C 145 2.64 12.52 57.37
N VAL C 146 2.03 12.50 56.19
CA VAL C 146 2.45 11.60 55.12
C VAL C 146 3.14 12.35 53.99
N TYR C 147 2.86 13.64 53.80
CA TYR C 147 3.56 14.44 52.82
C TYR C 147 3.93 15.79 53.41
N SER C 148 4.96 16.40 52.84
CA SER C 148 5.36 17.74 53.26
C SER C 148 4.57 18.81 52.51
N SER C 149 4.40 18.65 51.19
CA SER C 149 3.73 19.64 50.37
C SER C 149 2.87 18.95 49.33
N ALA C 150 1.70 19.54 49.06
CA ALA C 150 0.80 19.09 48.01
C ALA C 150 0.63 20.21 47.00
N ASN C 151 0.81 19.90 45.72
CA ASN C 151 0.75 20.90 44.67
C ASN C 151 0.46 20.25 43.33
N ASN C 152 -0.16 21.02 42.44
CA ASN C 152 -0.42 20.62 41.06
C ASN C 152 -1.29 19.36 41.00
N CYS C 153 -2.30 19.30 41.86
CA CYS C 153 -3.17 18.13 41.91
C CYS C 153 -4.00 18.02 40.64
N THR C 154 -4.12 16.80 40.12
CA THR C 154 -4.88 16.55 38.90
C THR C 154 -6.04 15.59 39.12
N PHE C 155 -6.41 15.31 40.36
CA PHE C 155 -7.53 14.39 40.63
C PHE C 155 -7.96 14.55 42.08
N GLU C 156 -9.26 14.34 42.30
CA GLU C 156 -9.82 14.36 43.64
C GLU C 156 -11.04 13.44 43.67
N TYR C 157 -11.11 12.58 44.67
CA TYR C 157 -12.20 11.63 44.76
C TYR C 157 -12.57 11.40 46.23
N VAL C 158 -13.86 11.42 46.52
CA VAL C 158 -14.39 11.19 47.86
C VAL C 158 -15.64 10.32 47.75
N SER C 159 -15.73 9.32 48.62
CA SER C 159 -16.87 8.41 48.66
C SER C 159 -16.92 7.76 50.03
N GLN C 160 -17.72 6.69 50.15
CA GLN C 160 -17.85 5.99 51.41
C GLN C 160 -16.54 5.28 51.78
N PRO C 161 -16.24 5.17 53.07
CA PRO C 161 -14.92 4.65 53.47
C PRO C 161 -14.66 3.24 52.95
N PHE C 162 -13.46 3.05 52.39
CA PHE C 162 -13.06 1.73 51.92
C PHE C 162 -13.01 0.75 53.09
N LEU C 163 -12.48 1.19 54.22
CA LEU C 163 -12.34 0.36 55.42
C LEU C 163 -13.40 0.79 56.42
N MET C 164 -14.23 -0.15 56.86
CA MET C 164 -15.23 0.15 57.85
C MET C 164 -14.60 0.29 59.24
N ASP C 165 -15.34 0.90 60.14
CA ASP C 165 -14.88 1.05 61.52
C ASP C 165 -14.78 -0.32 62.18
N LEU C 166 -13.64 -0.57 62.83
CA LEU C 166 -13.37 -1.84 63.48
C LEU C 166 -13.42 -1.76 65.00
N GLU C 167 -13.93 -0.65 65.54
CA GLU C 167 -14.01 -0.48 66.98
C GLU C 167 -15.22 -1.21 67.56
N GLY C 171 -12.27 -9.67 72.26
CA GLY C 171 -11.79 -8.81 71.19
C GLY C 171 -10.95 -9.54 70.16
N ASN C 172 -11.43 -10.72 69.74
CA ASN C 172 -10.75 -11.54 68.75
C ASN C 172 -11.48 -11.58 67.43
N PHE C 173 -12.40 -10.63 67.19
CA PHE C 173 -13.16 -10.60 65.94
C PHE C 173 -12.34 -9.89 64.86
N LYS C 174 -11.24 -10.54 64.49
CA LYS C 174 -10.41 -10.03 63.40
C LYS C 174 -11.18 -10.07 62.09
N ASN C 175 -10.84 -9.14 61.20
CA ASN C 175 -11.47 -9.05 59.90
C ASN C 175 -10.42 -9.06 58.80
N LEU C 176 -10.78 -9.68 57.69
CA LEU C 176 -9.92 -9.80 56.51
C LEU C 176 -10.46 -8.89 55.42
N ARG C 177 -9.64 -7.93 54.99
CA ARG C 177 -9.97 -7.03 53.91
C ARG C 177 -8.99 -7.27 52.77
N GLU C 178 -9.52 -7.64 51.59
CA GLU C 178 -8.69 -7.97 50.45
C GLU C 178 -8.91 -6.93 49.36
N PHE C 179 -7.81 -6.43 48.79
CA PHE C 179 -7.81 -5.49 47.69
C PHE C 179 -6.93 -6.02 46.58
N VAL C 180 -7.30 -5.72 45.35
CA VAL C 180 -6.46 -5.96 44.18
C VAL C 180 -6.31 -4.64 43.45
N PHE C 181 -5.08 -4.22 43.23
CA PHE C 181 -4.75 -2.98 42.56
C PHE C 181 -4.16 -3.29 41.19
N LYS C 182 -4.75 -2.75 40.14
CA LYS C 182 -4.21 -2.89 38.79
C LYS C 182 -4.08 -1.51 38.17
N ASN C 183 -3.09 -1.37 37.29
CA ASN C 183 -2.83 -0.10 36.59
C ASN C 183 -2.71 -0.43 35.11
N ILE C 184 -3.84 -0.39 34.40
CA ILE C 184 -3.91 -0.82 33.01
C ILE C 184 -4.58 0.27 32.18
N ASP C 185 -3.94 0.66 31.09
CA ASP C 185 -4.51 1.59 30.10
C ASP C 185 -4.91 2.90 30.78
N GLY C 186 -3.99 3.47 31.56
CA GLY C 186 -4.27 4.70 32.27
C GLY C 186 -5.38 4.60 33.28
N TYR C 187 -5.80 3.39 33.65
CA TYR C 187 -6.88 3.18 34.59
C TYR C 187 -6.34 2.47 35.82
N PHE C 188 -6.52 3.08 36.99
CA PHE C 188 -6.23 2.44 38.27
C PHE C 188 -7.50 1.77 38.75
N LYS C 189 -7.51 0.44 38.74
CA LYS C 189 -8.67 -0.35 39.12
C LYS C 189 -8.44 -0.97 40.49
N ILE C 190 -9.41 -0.80 41.38
CA ILE C 190 -9.35 -1.35 42.73
C ILE C 190 -10.51 -2.33 42.90
N TYR C 191 -10.19 -3.53 43.36
CA TYR C 191 -11.17 -4.54 43.70
C TYR C 191 -11.08 -4.80 45.19
N SER C 192 -12.23 -5.02 45.85
CA SER C 192 -12.21 -5.14 47.29
C SER C 192 -13.25 -6.16 47.75
N LYS C 193 -12.97 -6.77 48.90
CA LYS C 193 -13.91 -7.65 49.56
C LYS C 193 -13.58 -7.70 51.04
N HIS C 194 -14.61 -7.73 51.88
CA HIS C 194 -14.47 -7.73 53.33
C HIS C 194 -15.15 -8.96 53.91
N THR C 195 -14.43 -9.70 54.77
CA THR C 195 -14.95 -10.92 55.34
C THR C 195 -14.63 -10.99 56.83
N PRO C 196 -15.48 -11.62 57.63
CA PRO C 196 -15.13 -11.87 59.04
C PRO C 196 -14.35 -13.18 59.18
N ILE C 197 -13.24 -13.11 59.89
CA ILE C 197 -12.35 -14.26 60.06
C ILE C 197 -12.28 -14.60 61.53
N ASN C 198 -12.20 -15.90 61.82
CA ASN C 198 -12.24 -16.40 63.19
C ASN C 198 -11.13 -17.44 63.39
N LEU C 199 -10.21 -17.14 64.31
CA LEU C 199 -9.21 -18.09 64.77
C LEU C 199 -8.31 -18.60 63.64
N VAL C 200 -7.97 -17.74 62.69
CA VAL C 200 -7.02 -18.07 61.63
C VAL C 200 -5.94 -17.00 61.63
N ARG C 201 -4.69 -17.40 61.87
CA ARG C 201 -3.60 -16.43 61.95
C ARG C 201 -3.21 -15.93 60.56
N ASP C 202 -3.10 -16.84 59.59
CA ASP C 202 -2.73 -16.52 58.23
C ASP C 202 -3.97 -16.38 57.35
N LEU C 203 -3.76 -16.28 56.05
CA LEU C 203 -4.87 -16.19 55.11
C LEU C 203 -5.72 -17.46 55.19
N PRO C 204 -7.04 -17.33 55.34
CA PRO C 204 -7.86 -18.52 55.55
C PRO C 204 -8.02 -19.35 54.28
N GLN C 205 -8.38 -20.62 54.50
CA GLN C 205 -8.67 -21.53 53.40
C GLN C 205 -10.13 -21.33 52.99
N GLY C 206 -10.33 -21.04 51.71
CA GLY C 206 -11.67 -20.81 51.20
C GLY C 206 -11.61 -19.99 49.92
N PHE C 207 -12.79 -19.57 49.47
CA PHE C 207 -12.93 -18.80 48.25
C PHE C 207 -13.85 -17.61 48.48
N SER C 208 -13.37 -16.41 48.19
CA SER C 208 -14.18 -15.20 48.17
C SER C 208 -13.78 -14.38 46.98
N ALA C 209 -14.75 -13.99 46.16
CA ALA C 209 -14.51 -13.22 44.95
C ALA C 209 -14.49 -11.73 45.26
N LEU C 210 -13.61 -11.00 44.60
CA LEU C 210 -13.43 -9.57 44.84
C LEU C 210 -14.27 -8.77 43.84
N GLU C 211 -15.19 -7.97 44.36
CA GLU C 211 -16.03 -7.12 43.52
C GLU C 211 -15.31 -5.80 43.21
N PRO C 212 -15.36 -5.34 41.96
CA PRO C 212 -14.69 -4.07 41.61
C PRO C 212 -15.25 -2.91 42.42
N LEU C 213 -14.36 -1.97 42.75
CA LEU C 213 -14.72 -0.83 43.58
C LEU C 213 -14.64 0.49 42.80
N VAL C 214 -13.46 0.84 42.28
CA VAL C 214 -13.27 2.08 41.52
C VAL C 214 -12.38 1.79 40.33
N ASP C 215 -12.51 2.66 39.30
CA ASP C 215 -11.85 2.49 38.01
C ASP C 215 -11.26 3.86 37.61
N LEU C 216 -10.50 4.45 38.51
CA LEU C 216 -10.08 5.85 38.35
C LEU C 216 -9.27 6.03 37.07
N PRO C 217 -9.57 7.04 36.26
CA PRO C 217 -8.73 7.31 35.08
C PRO C 217 -7.49 8.14 35.43
N ILE C 218 -6.31 7.51 35.44
CA ILE C 218 -5.10 8.14 35.94
C ILE C 218 -3.91 7.70 35.08
N GLY C 219 -3.17 8.67 34.57
CA GLY C 219 -2.08 8.39 33.65
C GLY C 219 -0.74 8.02 34.26
N ILE C 220 -0.56 8.32 35.55
CA ILE C 220 0.74 8.14 36.20
C ILE C 220 1.09 6.66 36.28
N ASN C 221 2.37 6.34 36.11
CA ASN C 221 2.86 4.99 36.29
C ASN C 221 3.33 4.79 37.73
N ILE C 222 3.26 3.55 38.20
CA ILE C 222 3.35 3.32 39.64
C ILE C 222 4.61 2.56 40.05
N THR C 223 4.68 1.28 39.69
CA THR C 223 5.88 0.43 39.81
C THR C 223 6.54 0.48 41.20
N ARG C 224 5.84 1.03 42.20
CA ARG C 224 6.33 1.18 43.58
C ARG C 224 5.17 1.63 44.45
N PHE C 225 5.12 1.19 45.71
CA PHE C 225 4.00 1.57 46.57
C PHE C 225 4.37 1.33 48.03
N GLN C 226 3.53 1.84 48.92
CA GLN C 226 3.75 1.73 50.36
C GLN C 226 2.40 1.76 51.05
N THR C 227 2.36 1.23 52.28
CA THR C 227 1.15 1.20 53.10
C THR C 227 1.21 2.28 54.17
N LEU C 228 0.09 2.96 54.38
CA LEU C 228 -0.03 3.99 55.40
C LEU C 228 -0.65 3.40 56.65
N LEU C 229 -0.03 3.66 57.80
CA LEU C 229 -0.47 3.11 59.06
C LEU C 229 -0.71 4.23 60.07
N ALA C 230 -1.39 3.89 61.15
CA ALA C 230 -1.76 4.84 62.19
C ALA C 230 -1.02 4.54 63.49
N LEU C 231 -0.45 5.57 64.09
CA LEU C 231 0.16 5.47 65.41
C LEU C 231 -0.86 5.85 66.47
N HIS C 232 -1.10 4.93 67.42
CA HIS C 232 -1.80 5.26 68.64
C HIS C 232 -0.85 5.80 69.71
N ARG C 233 0.38 5.30 69.73
CA ARG C 233 1.38 5.74 70.69
C ARG C 233 1.93 7.10 70.28
N SER C 234 2.90 7.59 71.06
CA SER C 234 3.51 8.89 70.83
C SER C 234 4.95 8.70 70.36
N TYR C 235 5.32 9.39 69.29
CA TYR C 235 6.69 9.34 68.79
C TYR C 235 7.66 10.11 69.69
N LEU C 236 7.18 11.17 70.34
CA LEU C 236 8.02 11.92 71.27
C LEU C 236 8.39 11.08 72.48
N THR C 237 7.41 10.38 73.06
CA THR C 237 7.63 9.54 74.24
C THR C 237 7.12 8.13 73.96
N PRO C 238 8.00 7.20 73.56
CA PRO C 238 7.57 5.82 73.35
C PRO C 238 7.50 5.06 74.67
N GLY C 239 6.35 4.46 74.94
CA GLY C 239 6.17 3.72 76.17
C GLY C 239 6.94 2.41 76.17
N ASP C 240 7.12 1.85 77.37
CA ASP C 240 7.82 0.58 77.50
C ASP C 240 7.07 -0.54 76.80
N SER C 241 5.76 -0.59 76.97
CA SER C 241 4.92 -1.61 76.34
C SER C 241 3.47 -1.20 76.51
N SER C 242 2.61 -1.73 75.63
CA SER C 242 1.16 -1.55 75.61
C SER C 242 0.74 -0.12 75.25
N SER C 243 1.68 0.81 75.08
CA SER C 243 1.32 2.11 74.54
C SER C 243 0.78 1.99 73.12
N GLY C 244 1.41 1.13 72.31
CA GLY C 244 0.86 0.74 71.03
C GLY C 244 -0.22 -0.32 71.20
N TRP C 245 -0.62 -0.89 70.07
CA TRP C 245 -1.72 -1.86 70.06
C TRP C 245 -1.14 -3.26 70.08
N THR C 246 -1.07 -3.84 71.29
CA THR C 246 -0.70 -5.23 71.57
C THR C 246 0.40 -5.81 70.67
N ALA C 247 1.42 -4.99 70.40
CA ALA C 247 2.64 -5.45 69.71
C ALA C 247 2.35 -6.07 68.35
N GLY C 248 1.39 -5.50 67.63
CA GLY C 248 1.19 -5.84 66.23
C GLY C 248 0.80 -7.27 65.91
N ALA C 249 -0.24 -7.79 66.55
CA ALA C 249 -0.77 -9.09 66.16
C ALA C 249 -1.35 -9.05 64.75
N ALA C 250 -2.01 -7.94 64.41
CA ALA C 250 -2.55 -7.75 63.07
C ALA C 250 -1.44 -7.61 62.04
N ALA C 251 -1.76 -7.91 60.79
CA ALA C 251 -0.72 -7.92 59.77
C ALA C 251 -1.36 -7.70 58.39
N TYR C 252 -0.48 -7.48 57.41
CA TYR C 252 -0.91 -7.36 56.02
C TYR C 252 0.00 -8.15 55.10
N TYR C 253 -0.61 -8.80 54.13
CA TYR C 253 0.04 -9.70 53.19
C TYR C 253 0.01 -9.09 51.80
N VAL C 254 1.12 -9.19 51.08
CA VAL C 254 1.24 -8.64 49.74
C VAL C 254 1.67 -9.75 48.79
N GLY C 255 0.91 -9.92 47.71
CA GLY C 255 1.31 -10.78 46.63
C GLY C 255 1.21 -10.03 45.33
N TYR C 256 1.79 -10.60 44.27
CA TYR C 256 1.88 -9.92 42.99
C TYR C 256 1.15 -10.71 41.93
N LEU C 257 0.34 -10.02 41.13
CA LEU C 257 -0.43 -10.67 40.08
C LEU C 257 0.47 -11.07 38.92
N GLN C 258 0.04 -12.09 38.19
CA GLN C 258 0.76 -12.60 37.04
C GLN C 258 -0.24 -12.95 35.95
N PRO C 259 0.17 -12.93 34.69
CA PRO C 259 -0.74 -13.31 33.60
C PRO C 259 -1.09 -14.78 33.63
N ARG C 260 -2.32 -15.10 34.02
CA ARG C 260 -2.75 -16.48 34.17
C ARG C 260 -4.12 -16.65 33.51
N THR C 261 -4.41 -17.89 33.15
CA THR C 261 -5.72 -18.28 32.62
C THR C 261 -6.47 -19.02 33.72
N PHE C 262 -7.64 -18.52 34.08
CA PHE C 262 -8.47 -19.10 35.13
C PHE C 262 -9.77 -19.61 34.54
N LEU C 263 -10.28 -20.69 35.14
CA LEU C 263 -11.62 -21.18 34.83
C LEU C 263 -12.52 -20.82 36.00
N LEU C 264 -13.43 -19.88 35.78
CA LEU C 264 -14.30 -19.36 36.83
C LEU C 264 -15.69 -19.97 36.70
N LYS C 265 -16.29 -20.33 37.83
CA LYS C 265 -17.58 -20.99 37.86
C LYS C 265 -18.61 -20.03 38.46
N TYR C 266 -19.42 -19.41 37.59
CA TYR C 266 -20.51 -18.56 38.06
C TYR C 266 -21.71 -19.42 38.39
N ASN C 267 -22.21 -19.30 39.62
CA ASN C 267 -23.32 -20.11 40.09
C ASN C 267 -24.63 -19.55 39.55
N GLU C 268 -25.75 -20.06 40.06
CA GLU C 268 -27.06 -19.64 39.55
C GLU C 268 -27.38 -18.19 39.92
N ASN C 269 -26.89 -17.71 41.06
CA ASN C 269 -27.11 -16.33 41.44
C ASN C 269 -26.11 -15.37 40.82
N GLY C 270 -25.07 -15.89 40.17
CA GLY C 270 -24.12 -15.07 39.45
C GLY C 270 -22.82 -14.76 40.16
N THR C 271 -22.61 -15.29 41.36
CA THR C 271 -21.36 -15.08 42.08
C THR C 271 -20.34 -16.13 41.67
N ILE C 272 -19.07 -15.73 41.65
CA ILE C 272 -17.99 -16.66 41.34
C ILE C 272 -17.80 -17.56 42.56
N THR C 273 -18.18 -18.82 42.43
CA THR C 273 -18.09 -19.77 43.53
C THR C 273 -16.77 -20.51 43.58
N ASP C 274 -16.20 -20.87 42.43
CA ASP C 274 -14.95 -21.61 42.40
C ASP C 274 -14.13 -21.18 41.19
N ALA C 275 -12.84 -21.45 41.27
CA ALA C 275 -11.93 -21.13 40.17
C ALA C 275 -10.84 -22.19 40.10
N VAL C 276 -10.35 -22.41 38.88
CA VAL C 276 -9.30 -23.38 38.60
C VAL C 276 -8.15 -22.65 37.92
N ASP C 277 -6.94 -22.82 38.46
CA ASP C 277 -5.75 -22.19 37.91
C ASP C 277 -5.09 -23.17 36.94
N CYS C 278 -5.17 -22.86 35.65
CA CYS C 278 -4.77 -23.82 34.62
C CYS C 278 -3.28 -24.16 34.65
N ALA C 279 -2.43 -23.30 35.22
CA ALA C 279 -1.00 -23.51 35.22
C ALA C 279 -0.47 -24.09 36.51
N LEU C 280 -1.34 -24.50 37.43
CA LEU C 280 -0.88 -24.95 38.74
C LEU C 280 -0.40 -26.40 38.70
N ASP C 281 -1.28 -27.32 38.33
CA ASP C 281 -1.01 -28.75 38.37
C ASP C 281 -1.53 -29.39 37.09
N PRO C 282 -1.05 -30.58 36.75
CA PRO C 282 -1.56 -31.25 35.53
C PRO C 282 -3.06 -31.46 35.54
N LEU C 283 -3.66 -31.83 36.68
CA LEU C 283 -5.10 -32.03 36.70
C LEU C 283 -5.84 -30.72 36.45
N SER C 284 -5.28 -29.59 36.90
CA SER C 284 -5.86 -28.30 36.56
C SER C 284 -5.78 -28.07 35.06
N GLU C 285 -4.69 -28.48 34.42
CA GLU C 285 -4.58 -28.38 32.97
C GLU C 285 -5.67 -29.20 32.29
N THR C 286 -5.91 -30.43 32.77
CA THR C 286 -6.96 -31.24 32.19
C THR C 286 -8.33 -30.60 32.39
N LYS C 287 -8.59 -30.08 33.58
CA LYS C 287 -9.87 -29.42 33.85
C LYS C 287 -10.09 -28.25 32.90
N CYS C 288 -9.04 -27.45 32.68
CA CYS C 288 -9.18 -26.31 31.77
C CYS C 288 -9.38 -26.78 30.32
N THR C 289 -8.68 -27.85 29.92
CA THR C 289 -8.84 -28.34 28.56
C THR C 289 -10.26 -28.86 28.30
N LEU C 290 -10.82 -29.60 29.27
CA LEU C 290 -12.20 -30.06 29.12
C LEU C 290 -13.22 -29.00 29.50
N LYS C 291 -12.78 -27.84 29.99
CA LYS C 291 -13.67 -26.74 30.39
C LYS C 291 -14.73 -27.24 31.39
N SER C 292 -14.29 -28.09 32.31
CA SER C 292 -15.18 -28.64 33.32
C SER C 292 -14.39 -28.88 34.60
N PHE C 293 -15.11 -28.84 35.72
CA PHE C 293 -14.50 -29.07 37.03
C PHE C 293 -14.44 -30.54 37.40
N THR C 294 -14.98 -31.43 36.57
CA THR C 294 -14.98 -32.85 36.86
C THR C 294 -14.50 -33.66 35.64
N PHE C 305 3.79 -30.26 23.49
CA PHE C 305 5.12 -30.19 24.09
C PHE C 305 6.19 -30.30 23.02
N ARG C 306 6.90 -29.19 22.77
CA ARG C 306 7.97 -29.15 21.79
C ARG C 306 9.22 -28.59 22.44
N VAL C 307 10.36 -29.24 22.22
CA VAL C 307 11.62 -28.74 22.76
C VAL C 307 12.00 -27.47 22.04
N GLN C 308 12.26 -26.41 22.80
CA GLN C 308 12.59 -25.11 22.24
C GLN C 308 14.04 -25.07 21.77
N PRO C 309 14.33 -24.31 20.72
CA PRO C 309 15.71 -24.17 20.27
C PRO C 309 16.51 -23.27 21.19
N THR C 310 17.77 -23.64 21.43
CA THR C 310 18.59 -22.92 22.39
C THR C 310 19.06 -21.58 21.82
N GLU C 311 19.83 -21.61 20.73
CA GLU C 311 20.24 -20.39 20.07
C GLU C 311 20.04 -20.54 18.56
N SER C 312 20.40 -19.49 17.83
CA SER C 312 20.29 -19.47 16.37
C SER C 312 21.68 -19.57 15.75
N ILE C 313 21.77 -20.35 14.67
CA ILE C 313 23.02 -20.59 13.97
C ILE C 313 22.87 -20.13 12.53
N VAL C 314 23.84 -19.38 12.04
CA VAL C 314 23.87 -18.89 10.67
C VAL C 314 25.21 -19.23 10.07
N ARG C 315 25.21 -19.93 8.94
CA ARG C 315 26.45 -20.31 8.25
C ARG C 315 26.34 -19.95 6.78
N PHE C 316 27.30 -19.18 6.30
CA PHE C 316 27.44 -18.77 4.92
C PHE C 316 28.86 -19.10 4.44
N PRO C 317 29.06 -19.26 3.13
CA PRO C 317 30.37 -19.73 2.65
C PRO C 317 31.45 -18.67 2.82
N ASN C 318 32.69 -19.11 2.63
CA ASN C 318 33.85 -18.27 2.87
C ASN C 318 33.79 -17.01 2.02
N ILE C 319 34.05 -15.86 2.66
CA ILE C 319 34.10 -14.59 1.96
C ILE C 319 35.43 -14.48 1.24
N THR C 320 35.39 -14.40 -0.09
CA THR C 320 36.58 -14.44 -0.92
C THR C 320 36.81 -13.15 -1.69
N ASN C 321 35.82 -12.71 -2.47
CA ASN C 321 36.02 -11.58 -3.35
C ASN C 321 35.67 -10.28 -2.62
N LEU C 322 36.56 -9.29 -2.75
CA LEU C 322 36.40 -8.00 -2.09
C LEU C 322 36.41 -6.91 -3.14
N CYS C 323 35.72 -5.80 -2.86
CA CYS C 323 35.74 -4.65 -3.75
C CYS C 323 37.14 -4.03 -3.80
N PRO C 324 37.53 -3.47 -4.94
CA PRO C 324 38.75 -2.65 -4.97
C PRO C 324 38.49 -1.24 -4.46
N PHE C 325 37.93 -1.14 -3.25
CA PHE C 325 37.76 0.15 -2.60
C PHE C 325 39.11 0.78 -2.26
N GLY C 326 40.11 -0.05 -1.95
CA GLY C 326 41.45 0.46 -1.74
C GLY C 326 42.03 1.10 -2.97
N GLU C 327 41.71 0.57 -4.16
CA GLU C 327 42.15 1.21 -5.39
C GLU C 327 41.40 2.52 -5.65
N VAL C 328 40.26 2.73 -4.99
CA VAL C 328 39.50 3.97 -5.15
C VAL C 328 39.84 4.94 -4.02
N PHE C 329 39.58 4.54 -2.78
CA PHE C 329 39.79 5.44 -1.65
C PHE C 329 41.27 5.60 -1.30
N ASN C 330 42.05 4.53 -1.34
CA ASN C 330 43.46 4.59 -1.00
C ASN C 330 44.35 4.85 -2.21
N ALA C 331 43.78 5.41 -3.27
CA ALA C 331 44.55 5.62 -4.50
C ALA C 331 45.53 6.78 -4.33
N THR C 332 46.64 6.70 -5.09
CA THR C 332 47.70 7.69 -4.97
C THR C 332 47.31 9.02 -5.61
N ARG C 333 46.61 9.00 -6.74
CA ARG C 333 46.32 10.21 -7.48
C ARG C 333 44.87 10.18 -7.95
N PHE C 334 44.15 11.28 -7.70
CA PHE C 334 42.79 11.46 -8.18
C PHE C 334 42.77 12.44 -9.34
N ALA C 335 41.89 12.19 -10.29
CA ALA C 335 41.88 12.95 -11.53
C ALA C 335 41.27 14.33 -11.33
N SER C 336 41.26 15.11 -12.42
CA SER C 336 40.71 16.45 -12.39
C SER C 336 39.19 16.42 -12.27
N VAL C 337 38.60 17.62 -12.31
CA VAL C 337 37.19 17.80 -11.99
C VAL C 337 36.41 17.85 -13.31
N TYR C 338 37.06 17.45 -14.40
CA TYR C 338 36.36 17.25 -15.66
C TYR C 338 36.32 15.79 -16.09
N ALA C 339 37.35 15.02 -15.75
CA ALA C 339 37.46 13.64 -16.17
C ALA C 339 37.43 12.79 -14.91
N TRP C 340 36.21 12.49 -14.47
CA TRP C 340 36.02 11.76 -13.23
C TRP C 340 36.36 10.30 -13.45
N ASN C 341 37.06 9.71 -12.49
CA ASN C 341 37.49 8.31 -12.60
C ASN C 341 36.33 7.37 -12.32
N ARG C 342 35.31 7.46 -13.17
CA ARG C 342 34.16 6.57 -13.07
C ARG C 342 34.61 5.13 -13.22
N LYS C 343 34.51 4.37 -12.14
CA LYS C 343 34.97 3.00 -12.08
C LYS C 343 33.79 2.09 -11.74
N ARG C 344 33.70 0.98 -12.47
CA ARG C 344 32.60 0.04 -12.35
C ARG C 344 32.98 -1.04 -11.34
N ILE C 345 32.03 -1.41 -10.49
CA ILE C 345 32.26 -2.36 -9.41
C ILE C 345 31.14 -3.39 -9.46
N SER C 346 31.52 -4.66 -9.60
CA SER C 346 30.57 -5.75 -9.78
C SER C 346 31.27 -7.07 -9.47
N ASN C 347 30.45 -8.12 -9.32
CA ASN C 347 30.92 -9.51 -9.21
C ASN C 347 31.85 -9.69 -8.02
N CYS C 348 31.64 -8.90 -6.97
CA CYS C 348 32.45 -9.02 -5.77
C CYS C 348 31.65 -8.50 -4.58
N VAL C 349 32.14 -8.83 -3.39
CA VAL C 349 31.46 -8.55 -2.13
C VAL C 349 31.96 -7.21 -1.60
N ALA C 350 31.03 -6.35 -1.23
CA ALA C 350 31.31 -5.01 -0.72
C ALA C 350 31.15 -5.01 0.80
N ASP C 351 32.19 -4.62 1.51
CA ASP C 351 32.15 -4.38 2.96
C ASP C 351 32.17 -2.88 3.18
N TYR C 352 31.00 -2.28 3.40
CA TYR C 352 30.91 -0.86 3.67
C TYR C 352 31.11 -0.52 5.14
N SER C 353 31.22 -1.52 6.01
CA SER C 353 31.56 -1.25 7.40
C SER C 353 32.97 -0.69 7.52
N VAL C 354 33.85 -1.00 6.57
CA VAL C 354 35.20 -0.45 6.58
C VAL C 354 35.15 1.07 6.48
N LEU C 355 34.59 1.60 5.39
CA LEU C 355 34.57 3.03 5.17
C LEU C 355 33.64 3.76 6.14
N TYR C 356 32.72 3.03 6.78
CA TYR C 356 31.81 3.66 7.73
C TYR C 356 32.46 3.77 9.10
N ASN C 357 32.87 2.64 9.67
CA ASN C 357 33.44 2.65 11.02
C ASN C 357 34.82 3.28 11.04
N SER C 358 35.52 3.30 9.91
CA SER C 358 36.82 3.98 9.88
C SER C 358 36.66 5.46 10.19
N ALA C 359 35.63 6.10 9.64
CA ALA C 359 35.26 7.48 9.97
C ALA C 359 36.41 8.45 9.73
N SER C 360 37.24 8.16 8.72
CA SER C 360 38.29 9.08 8.31
C SER C 360 37.81 10.07 7.26
N PHE C 361 36.52 10.01 6.90
CA PHE C 361 35.96 10.82 5.84
C PHE C 361 35.09 11.91 6.45
N SER C 362 35.35 13.16 6.07
CA SER C 362 34.64 14.28 6.69
C SER C 362 33.15 14.22 6.40
N THR C 363 32.78 14.09 5.13
CA THR C 363 31.38 14.02 4.73
C THR C 363 31.03 12.59 4.35
N PHE C 364 29.89 12.11 4.85
CA PHE C 364 29.41 10.77 4.52
C PHE C 364 27.88 10.85 4.49
N LYS C 365 27.34 11.14 3.31
CA LYS C 365 25.91 11.39 3.15
C LYS C 365 25.31 10.39 2.17
N CYS C 366 24.27 9.69 2.60
CA CYS C 366 23.60 8.71 1.76
C CYS C 366 22.17 9.15 1.47
N TYR C 367 21.79 9.08 0.20
CA TYR C 367 20.49 9.54 -0.28
C TYR C 367 19.77 8.37 -0.92
N GLY C 368 18.53 8.14 -0.50
CA GLY C 368 17.75 7.00 -0.95
C GLY C 368 18.03 5.72 -0.19
N VAL C 369 19.13 5.66 0.56
CA VAL C 369 19.49 4.49 1.36
C VAL C 369 20.01 4.97 2.69
N SER C 370 19.62 4.30 3.77
CA SER C 370 20.22 4.61 5.06
C SER C 370 21.64 4.05 5.13
N PRO C 371 22.54 4.72 5.84
CA PRO C 371 23.95 4.32 5.79
C PRO C 371 24.28 3.08 6.61
N THR C 372 23.41 2.67 7.53
CA THR C 372 23.71 1.52 8.37
C THR C 372 23.28 0.19 7.75
N LYS C 373 22.36 0.21 6.79
CA LYS C 373 21.87 -1.00 6.15
C LYS C 373 22.53 -1.26 4.79
N LEU C 374 23.67 -0.63 4.52
CA LEU C 374 24.38 -0.88 3.27
C LEU C 374 24.84 -2.34 3.18
N ASN C 375 25.30 -2.90 4.29
CA ASN C 375 25.80 -4.27 4.30
C ASN C 375 24.70 -5.29 4.02
N ASP C 376 23.42 -4.91 4.21
CA ASP C 376 22.32 -5.84 4.01
C ASP C 376 21.77 -5.82 2.60
N LEU C 377 21.90 -4.70 1.88
CA LEU C 377 21.37 -4.59 0.54
C LEU C 377 22.35 -5.15 -0.49
N CYS C 378 21.80 -5.69 -1.57
CA CYS C 378 22.58 -6.22 -2.68
C CYS C 378 22.24 -5.42 -3.93
N PHE C 379 23.29 -4.99 -4.65
CA PHE C 379 23.13 -4.07 -5.76
C PHE C 379 23.65 -4.69 -7.05
N THR C 380 23.01 -4.31 -8.16
CA THR C 380 23.44 -4.80 -9.47
C THR C 380 24.82 -4.26 -9.83
N ASN C 381 25.04 -2.96 -9.64
CA ASN C 381 26.31 -2.34 -9.97
C ASN C 381 26.61 -1.23 -8.99
N VAL C 382 27.90 -0.91 -8.84
CA VAL C 382 28.33 0.24 -8.06
C VAL C 382 29.25 1.07 -8.94
N TYR C 383 29.02 2.38 -8.99
CA TYR C 383 29.85 3.29 -9.76
C TYR C 383 30.56 4.24 -8.80
N ALA C 384 31.88 4.27 -8.87
CA ALA C 384 32.69 5.10 -7.98
C ALA C 384 33.32 6.21 -8.80
N ASP C 385 33.08 7.45 -8.40
CA ASP C 385 33.74 8.62 -9.01
C ASP C 385 34.66 9.24 -7.98
N SER C 386 35.94 9.34 -8.31
CA SER C 386 36.98 9.80 -7.39
C SER C 386 37.70 11.01 -7.96
N PHE C 387 37.84 12.05 -7.15
CA PHE C 387 38.46 13.30 -7.60
C PHE C 387 38.76 14.17 -6.38
N VAL C 388 39.24 15.39 -6.62
CA VAL C 388 39.73 16.29 -5.58
C VAL C 388 39.06 17.64 -5.76
N ILE C 389 38.57 18.22 -4.66
CA ILE C 389 37.75 19.42 -4.71
C ILE C 389 37.95 20.22 -3.41
N ARG C 390 37.84 21.55 -3.52
CA ARG C 390 38.02 22.41 -2.36
C ARG C 390 36.93 22.19 -1.33
N GLY C 391 37.18 22.70 -0.12
CA GLY C 391 36.29 22.43 1.01
C GLY C 391 34.84 22.74 0.73
N ASP C 392 34.52 24.02 0.50
CA ASP C 392 33.13 24.42 0.33
C ASP C 392 32.42 23.57 -0.72
N GLU C 393 33.10 23.29 -1.82
CA GLU C 393 32.46 22.61 -2.94
C GLU C 393 32.16 21.14 -2.62
N VAL C 394 32.94 20.52 -1.73
CA VAL C 394 32.57 19.15 -1.32
C VAL C 394 31.28 19.20 -0.53
N ARG C 395 31.04 20.30 0.18
CA ARG C 395 29.76 20.53 0.82
C ARG C 395 28.64 20.67 -0.22
N GLN C 396 28.99 21.14 -1.41
CA GLN C 396 27.98 21.45 -2.42
C GLN C 396 27.38 20.18 -3.03
N ILE C 397 28.17 19.11 -3.11
CA ILE C 397 27.71 17.89 -3.78
C ILE C 397 26.63 17.22 -2.95
N ALA C 398 25.38 17.34 -3.41
CA ALA C 398 24.17 16.73 -2.85
C ALA C 398 23.03 17.05 -3.81
N PRO C 399 22.00 16.22 -3.89
CA PRO C 399 21.04 16.37 -4.99
C PRO C 399 20.17 17.61 -4.84
N GLY C 400 19.78 18.17 -5.99
CA GLY C 400 18.89 19.31 -6.02
C GLY C 400 19.53 20.66 -5.80
N GLN C 401 20.86 20.73 -5.70
CA GLN C 401 21.54 21.99 -5.41
C GLN C 401 22.20 22.55 -6.66
N THR C 402 22.69 23.78 -6.53
CA THR C 402 23.30 24.53 -7.61
C THR C 402 24.68 25.01 -7.20
N GLY C 403 25.25 25.92 -7.98
CA GLY C 403 26.61 26.35 -7.83
C GLY C 403 27.42 26.07 -9.08
N LYS C 404 28.68 26.54 -9.06
CA LYS C 404 29.53 26.34 -10.22
C LYS C 404 29.80 24.86 -10.47
N ILE C 405 29.97 24.06 -9.42
CA ILE C 405 30.29 22.65 -9.60
C ILE C 405 29.01 21.84 -9.83
N ALA C 406 27.94 22.16 -9.10
CA ALA C 406 26.69 21.46 -9.28
C ALA C 406 26.02 21.77 -10.61
N ASP C 407 26.51 22.78 -11.34
CA ASP C 407 25.93 23.15 -12.63
C ASP C 407 26.89 23.04 -13.80
N TYR C 408 28.21 22.98 -13.56
CA TYR C 408 29.17 23.07 -14.64
C TYR C 408 30.14 21.90 -14.74
N ASN C 409 30.43 21.19 -13.65
CA ASN C 409 31.29 20.02 -13.73
C ASN C 409 30.54 18.72 -13.45
N TYR C 410 29.89 18.62 -12.29
CA TYR C 410 29.21 17.39 -11.92
C TYR C 410 27.70 17.61 -11.97
N LYS C 411 27.04 16.75 -12.73
CA LYS C 411 25.58 16.77 -12.84
C LYS C 411 25.00 15.68 -11.96
N LEU C 412 24.13 16.08 -11.04
CA LEU C 412 23.64 15.17 -10.02
C LEU C 412 22.12 15.20 -10.01
N PRO C 413 21.44 14.08 -10.24
CA PRO C 413 19.99 14.11 -10.43
C PRO C 413 19.24 14.43 -9.15
N ASP C 414 17.99 14.86 -9.33
CA ASP C 414 17.13 15.18 -8.19
C ASP C 414 16.91 13.95 -7.31
N ASP C 415 16.63 12.80 -7.93
CA ASP C 415 16.54 11.53 -7.22
C ASP C 415 17.83 10.75 -7.46
N PHE C 416 18.60 10.54 -6.40
CA PHE C 416 19.91 9.92 -6.50
C PHE C 416 20.07 8.96 -5.33
N THR C 417 20.15 7.66 -5.63
CA THR C 417 20.39 6.64 -4.61
C THR C 417 21.88 6.33 -4.56
N GLY C 418 22.52 6.71 -3.47
CA GLY C 418 23.96 6.52 -3.33
C GLY C 418 24.52 7.43 -2.27
N CYS C 419 25.83 7.34 -2.09
CA CYS C 419 26.50 8.01 -0.98
C CYS C 419 27.68 8.83 -1.47
N VAL C 420 27.75 10.08 -1.03
CA VAL C 420 28.88 10.98 -1.28
C VAL C 420 29.78 10.96 -0.06
N ILE C 421 31.09 10.83 -0.28
CA ILE C 421 32.06 10.55 0.76
C ILE C 421 33.30 11.40 0.51
N ALA C 422 33.61 12.30 1.43
CA ALA C 422 34.73 13.20 1.27
C ALA C 422 35.60 13.24 2.52
N TRP C 423 36.91 13.40 2.32
CA TRP C 423 37.85 13.53 3.41
C TRP C 423 38.88 14.59 3.05
N ASN C 424 39.51 15.14 4.08
CA ASN C 424 40.50 16.19 3.86
C ASN C 424 41.81 15.59 3.35
N SER C 425 42.46 16.31 2.44
CA SER C 425 43.65 15.81 1.74
C SER C 425 44.74 16.87 1.69
N ASN C 426 45.02 17.52 2.82
CA ASN C 426 46.11 18.50 2.87
C ASN C 426 47.46 17.83 2.66
N ASN C 427 47.72 16.74 3.39
CA ASN C 427 49.03 16.11 3.40
C ASN C 427 49.28 15.25 2.18
N LEU C 428 48.35 15.17 1.24
CA LEU C 428 48.47 14.31 0.07
C LEU C 428 48.43 15.07 -1.24
N ASP C 429 47.63 16.13 -1.34
CA ASP C 429 47.41 16.81 -2.61
C ASP C 429 47.98 18.21 -2.68
N SER C 430 48.45 18.76 -1.56
CA SER C 430 48.99 20.12 -1.53
C SER C 430 50.51 20.10 -1.49
N LYS C 431 51.11 21.03 -2.22
CA LYS C 431 52.55 21.23 -2.22
C LYS C 431 52.89 22.64 -1.77
N VAL C 432 54.15 22.82 -1.39
CA VAL C 432 54.61 24.13 -0.92
C VAL C 432 54.44 25.18 -2.02
N GLY C 433 54.84 24.84 -3.24
CA GLY C 433 54.70 25.71 -4.37
C GLY C 433 53.33 25.74 -5.02
N GLY C 434 52.41 24.89 -4.57
CA GLY C 434 51.07 24.87 -5.11
C GLY C 434 50.88 23.81 -6.18
N ASN C 435 49.82 23.00 -6.03
CA ASN C 435 49.50 21.95 -6.98
C ASN C 435 48.45 22.48 -7.95
N TYR C 436 48.90 22.89 -9.14
CA TYR C 436 48.01 23.38 -10.19
C TYR C 436 47.59 22.29 -11.15
N ASN C 437 47.78 21.02 -10.77
CA ASN C 437 47.40 19.89 -11.62
C ASN C 437 45.90 19.62 -11.59
N TYR C 438 45.15 20.29 -10.73
CA TYR C 438 43.70 20.14 -10.63
C TYR C 438 43.07 21.40 -11.19
N LEU C 439 42.25 21.24 -12.23
CA LEU C 439 41.72 22.36 -13.00
C LEU C 439 40.21 22.43 -12.82
N TYR C 440 39.70 23.67 -12.80
CA TYR C 440 38.29 23.93 -12.55
C TYR C 440 37.76 24.90 -13.59
N ARG C 441 36.51 24.70 -14.01
CA ARG C 441 35.89 25.60 -14.99
C ARG C 441 35.00 26.62 -14.30
N LEU C 442 34.89 27.79 -14.93
CA LEU C 442 33.98 28.83 -14.51
C LEU C 442 32.97 29.22 -15.58
N PHE C 443 33.23 28.90 -16.84
CA PHE C 443 32.41 29.31 -17.96
C PHE C 443 31.99 28.11 -18.78
N ARG C 444 30.69 28.00 -19.07
CA ARG C 444 30.19 27.09 -20.09
C ARG C 444 28.99 27.73 -20.77
N LYS C 445 28.67 27.22 -21.96
CA LYS C 445 27.53 27.72 -22.71
C LYS C 445 26.21 27.41 -22.03
N SER C 446 26.11 26.23 -21.41
CA SER C 446 24.86 25.82 -20.77
C SER C 446 25.17 24.82 -19.67
N ASN C 447 24.17 24.60 -18.81
CA ASN C 447 24.32 23.67 -17.71
C ASN C 447 24.27 22.22 -18.22
N LEU C 448 24.70 21.31 -17.36
CA LEU C 448 24.92 19.93 -17.77
C LEU C 448 23.63 19.11 -17.75
N LYS C 449 23.70 17.97 -18.40
CA LYS C 449 22.70 16.92 -18.41
C LYS C 449 23.26 15.68 -17.70
N PRO C 450 22.40 14.73 -17.31
CA PRO C 450 22.83 13.68 -16.37
C PRO C 450 24.14 13.00 -16.73
N PHE C 451 25.12 13.11 -15.82
CA PHE C 451 26.38 12.40 -15.88
C PHE C 451 27.12 12.63 -17.19
N GLU C 452 27.30 13.90 -17.54
CA GLU C 452 28.07 14.30 -18.71
C GLU C 452 29.46 14.73 -18.28
N ARG C 453 30.47 14.00 -18.75
CA ARG C 453 31.86 14.25 -18.41
C ARG C 453 32.57 15.07 -19.49
N ASP C 454 32.11 16.30 -19.68
CA ASP C 454 32.67 17.16 -20.72
C ASP C 454 34.13 17.52 -20.45
N ILE C 455 35.01 17.14 -21.36
CA ILE C 455 36.44 17.48 -21.27
C ILE C 455 36.86 18.37 -22.44
N SER C 456 35.91 19.04 -23.09
CA SER C 456 36.24 19.90 -24.22
C SER C 456 37.01 21.12 -23.75
N THR C 457 38.02 21.50 -24.54
CA THR C 457 38.90 22.62 -24.22
C THR C 457 38.67 23.83 -25.11
N GLU C 458 37.50 23.90 -25.75
CA GLU C 458 37.20 25.01 -26.64
C GLU C 458 37.10 26.32 -25.86
N ILE C 459 37.66 27.38 -26.42
CA ILE C 459 37.63 28.69 -25.77
C ILE C 459 36.23 29.25 -25.85
N TYR C 460 35.70 29.69 -24.71
CA TYR C 460 34.35 30.21 -24.64
C TYR C 460 34.30 31.68 -25.08
N GLN C 461 33.22 32.03 -25.76
CA GLN C 461 33.03 33.36 -26.31
C GLN C 461 32.23 34.18 -25.31
N ALA C 462 32.93 34.99 -24.51
CA ALA C 462 32.25 35.85 -23.53
C ALA C 462 31.57 37.03 -24.20
N GLY C 463 32.09 37.50 -25.32
CA GLY C 463 31.54 38.62 -26.04
C GLY C 463 30.73 38.20 -27.24
N SER C 464 30.60 39.12 -28.20
CA SER C 464 29.84 38.87 -29.41
C SER C 464 30.70 38.41 -30.59
N THR C 465 32.03 38.54 -30.49
CA THR C 465 32.94 38.12 -31.54
C THR C 465 33.41 36.68 -31.29
N PRO C 466 33.68 35.91 -32.35
CA PRO C 466 34.13 34.54 -32.16
C PRO C 466 35.60 34.48 -31.74
N CYS C 467 35.93 33.43 -30.99
CA CYS C 467 37.29 33.24 -30.51
C CYS C 467 38.14 32.41 -31.45
N ASN C 468 37.54 31.46 -32.16
CA ASN C 468 38.23 30.62 -33.14
C ASN C 468 39.41 29.88 -32.51
N GLY C 469 39.24 29.46 -31.25
CA GLY C 469 40.29 28.74 -30.57
C GLY C 469 41.46 29.59 -30.12
N VAL C 470 41.33 30.91 -30.14
CA VAL C 470 42.39 31.82 -29.72
C VAL C 470 41.83 32.77 -28.68
N GLU C 471 42.53 32.91 -27.55
CA GLU C 471 42.09 33.83 -26.51
C GLU C 471 42.25 35.28 -26.99
N GLY C 472 41.88 36.20 -26.10
CA GLY C 472 41.95 37.62 -26.38
C GLY C 472 40.91 38.36 -25.57
N PHE C 473 40.35 39.40 -26.18
CA PHE C 473 39.29 40.16 -25.54
C PHE C 473 38.00 39.36 -25.54
N ASN C 474 37.44 39.13 -24.34
CA ASN C 474 36.23 38.33 -24.16
C ASN C 474 36.41 36.92 -24.71
N CYS C 475 37.61 36.37 -24.54
CA CYS C 475 37.90 34.98 -24.89
C CYS C 475 38.79 34.41 -23.80
N TYR C 476 38.33 33.32 -23.18
CA TYR C 476 39.02 32.77 -22.02
C TYR C 476 39.10 31.25 -22.13
N PHE C 477 40.21 30.70 -21.66
CA PHE C 477 40.33 29.25 -21.58
C PHE C 477 39.36 28.71 -20.53
N PRO C 478 38.86 27.50 -20.71
CA PRO C 478 37.86 26.98 -19.77
C PRO C 478 38.45 26.60 -18.43
N LEU C 479 39.76 26.38 -18.35
CA LEU C 479 40.37 25.68 -17.23
C LEU C 479 41.26 26.64 -16.44
N GLN C 480 40.87 26.95 -15.21
CA GLN C 480 41.72 27.67 -14.28
C GLN C 480 42.33 26.70 -13.28
N SER C 481 43.42 27.14 -12.66
CA SER C 481 44.19 26.31 -11.75
C SER C 481 43.83 26.64 -10.30
N TYR C 482 43.86 25.60 -9.46
CA TYR C 482 43.58 25.74 -8.04
C TYR C 482 44.89 25.76 -7.27
N GLY C 483 45.06 26.75 -6.41
CA GLY C 483 46.28 26.89 -5.65
C GLY C 483 46.27 26.09 -4.36
N PHE C 484 46.34 24.77 -4.47
CA PHE C 484 46.36 23.91 -3.29
C PHE C 484 47.71 24.04 -2.59
N GLN C 485 47.71 24.61 -1.40
CA GLN C 485 48.90 24.82 -0.60
C GLN C 485 48.64 24.34 0.82
N PRO C 486 49.69 23.89 1.54
CA PRO C 486 49.47 23.36 2.89
C PRO C 486 49.17 24.43 3.93
N THR C 487 49.31 25.70 3.60
CA THR C 487 48.98 26.80 4.50
C THR C 487 47.58 27.36 4.26
N ASN C 488 46.83 26.79 3.30
CA ASN C 488 45.52 27.33 2.97
C ASN C 488 44.52 27.07 4.07
N GLY C 489 43.50 27.93 4.13
CA GLY C 489 42.42 27.76 5.08
C GLY C 489 41.53 26.58 4.70
N VAL C 490 40.71 26.17 5.67
CA VAL C 490 39.94 24.93 5.54
C VAL C 490 39.05 24.97 4.30
N GLY C 491 38.42 26.12 4.03
CA GLY C 491 37.59 26.23 2.85
C GLY C 491 38.35 26.05 1.55
N TYR C 492 39.61 26.50 1.51
CA TYR C 492 40.43 26.43 0.32
C TYR C 492 41.34 25.20 0.30
N GLN C 493 41.25 24.35 1.32
CA GLN C 493 42.06 23.15 1.38
C GLN C 493 41.51 22.06 0.47
N PRO C 494 42.36 21.18 -0.07
CA PRO C 494 41.87 20.11 -0.93
C PRO C 494 41.22 19.00 -0.12
N TYR C 495 40.21 18.38 -0.73
CA TYR C 495 39.52 17.24 -0.15
C TYR C 495 39.39 16.18 -1.24
N ARG C 496 39.79 14.96 -0.91
CA ARG C 496 39.57 13.85 -1.83
C ARG C 496 38.15 13.33 -1.62
N VAL C 497 37.38 13.22 -2.70
CA VAL C 497 35.97 12.85 -2.63
C VAL C 497 35.71 11.69 -3.58
N VAL C 498 34.83 10.79 -3.16
CA VAL C 498 34.33 9.68 -3.96
C VAL C 498 32.82 9.64 -3.79
N VAL C 499 32.10 9.60 -4.90
CA VAL C 499 30.66 9.37 -4.89
C VAL C 499 30.39 7.97 -5.40
N LEU C 500 29.65 7.20 -4.62
CA LEU C 500 29.30 5.82 -4.93
C LEU C 500 27.82 5.77 -5.27
N SER C 501 27.50 5.56 -6.54
CA SER C 501 26.13 5.40 -6.98
C SER C 501 25.79 3.92 -7.06
N PHE C 502 24.71 3.54 -6.39
CA PHE C 502 24.27 2.14 -6.29
C PHE C 502 23.11 1.93 -7.23
N GLU C 503 23.14 0.83 -8.00
CA GLU C 503 22.05 0.53 -8.92
C GLU C 503 21.17 -0.60 -8.36
N LEU C 504 19.90 -0.29 -8.14
CA LEU C 504 18.89 -1.25 -7.68
C LEU C 504 17.79 -1.34 -8.71
N LEU C 505 17.91 -2.31 -9.62
CA LEU C 505 16.90 -2.57 -10.63
C LEU C 505 16.62 -4.07 -10.70
N HIS C 506 15.68 -4.45 -11.56
CA HIS C 506 15.19 -5.83 -11.64
C HIS C 506 16.18 -6.66 -12.47
N ALA C 507 17.35 -6.90 -11.87
CA ALA C 507 18.40 -7.71 -12.45
C ALA C 507 19.14 -8.39 -11.30
N PRO C 508 19.84 -9.50 -11.57
CA PRO C 508 20.59 -10.15 -10.48
C PRO C 508 21.71 -9.26 -9.97
N ALA C 509 21.95 -9.35 -8.66
CA ALA C 509 22.92 -8.49 -8.01
C ALA C 509 24.32 -9.07 -8.13
N THR C 510 25.28 -8.19 -8.43
CA THR C 510 26.68 -8.57 -8.50
C THR C 510 27.52 -7.99 -7.37
N VAL C 511 27.08 -6.91 -6.73
CA VAL C 511 27.73 -6.35 -5.56
C VAL C 511 26.85 -6.65 -4.36
N CYS C 512 27.39 -7.38 -3.39
CA CYS C 512 26.63 -7.83 -2.23
C CYS C 512 27.42 -7.55 -0.96
N GLY C 513 26.69 -7.34 0.13
CA GLY C 513 27.31 -7.15 1.42
C GLY C 513 27.91 -8.43 1.95
N PRO C 514 28.79 -8.32 2.95
CA PRO C 514 29.42 -9.52 3.52
C PRO C 514 28.46 -10.23 4.46
N LYS C 515 28.32 -11.54 4.27
CA LYS C 515 27.44 -12.35 5.11
C LYS C 515 28.21 -12.87 6.32
N LYS C 516 27.63 -12.67 7.50
CA LYS C 516 28.31 -12.95 8.76
C LYS C 516 27.85 -14.31 9.27
N SER C 517 28.69 -15.32 9.08
CA SER C 517 28.40 -16.65 9.61
C SER C 517 28.87 -16.76 11.05
N THR C 518 28.31 -17.75 11.75
CA THR C 518 28.62 -17.99 13.15
C THR C 518 29.26 -19.38 13.29
N ASN C 519 29.47 -19.80 14.54
CA ASN C 519 30.06 -21.09 14.81
C ASN C 519 29.04 -22.21 14.63
N LEU C 520 29.53 -23.44 14.62
CA LEU C 520 28.70 -24.62 14.41
C LEU C 520 28.53 -25.37 15.72
N VAL C 521 27.28 -25.66 16.08
CA VAL C 521 26.94 -26.46 17.25
C VAL C 521 26.23 -27.71 16.76
N LYS C 522 26.85 -28.87 16.98
CA LYS C 522 26.29 -30.16 16.59
C LYS C 522 25.62 -30.83 17.78
N ASN C 523 24.73 -31.77 17.47
CA ASN C 523 24.06 -32.59 18.47
C ASN C 523 23.30 -31.74 19.49
N LYS C 524 22.68 -30.66 19.01
CA LYS C 524 21.90 -29.79 19.86
C LYS C 524 20.78 -29.17 19.04
N CYS C 525 19.62 -29.00 19.67
CA CYS C 525 18.47 -28.43 18.99
C CYS C 525 18.69 -26.93 18.78
N VAL C 526 18.92 -26.53 17.54
CA VAL C 526 19.28 -25.16 17.21
C VAL C 526 18.45 -24.66 16.03
N ASN C 527 18.37 -23.34 15.92
CA ASN C 527 17.89 -22.70 14.70
C ASN C 527 19.06 -22.54 13.74
N PHE C 528 18.88 -22.97 12.50
CA PHE C 528 19.95 -22.99 11.53
C PHE C 528 19.56 -22.22 10.28
N ASN C 529 20.58 -21.64 9.63
CA ASN C 529 20.44 -20.92 8.37
C ASN C 529 21.64 -21.30 7.50
N PHE C 530 21.45 -22.29 6.63
CA PHE C 530 22.50 -22.76 5.72
C PHE C 530 22.25 -22.17 4.34
N ASN C 531 22.99 -21.12 4.00
CA ASN C 531 22.97 -20.52 2.66
C ASN C 531 21.54 -20.15 2.24
N GLY C 532 20.79 -19.62 3.18
CA GLY C 532 19.42 -19.21 2.93
C GLY C 532 18.36 -20.21 3.36
N LEU C 533 18.74 -21.48 3.56
CA LEU C 533 17.80 -22.50 4.02
C LEU C 533 17.67 -22.40 5.52
N THR C 534 16.51 -21.96 6.00
CA THR C 534 16.28 -21.71 7.41
C THR C 534 15.41 -22.82 8.01
N GLY C 535 15.68 -23.13 9.27
CA GLY C 535 14.87 -24.14 9.94
C GLY C 535 15.27 -24.29 11.38
N THR C 536 14.63 -25.24 12.05
CA THR C 536 14.93 -25.59 13.44
C THR C 536 15.08 -27.11 13.55
N GLY C 537 16.14 -27.55 14.22
CA GLY C 537 16.35 -28.97 14.38
C GLY C 537 17.72 -29.24 14.98
N VAL C 538 18.02 -30.53 15.11
CA VAL C 538 19.30 -30.97 15.62
C VAL C 538 20.12 -31.51 14.45
N LEU C 539 21.43 -31.35 14.53
CA LEU C 539 22.34 -31.69 13.44
C LEU C 539 23.31 -32.76 13.88
N THR C 540 23.48 -33.78 13.04
CA THR C 540 24.41 -34.85 13.34
C THR C 540 25.28 -35.15 12.12
N GLU C 541 26.47 -35.69 12.38
CA GLU C 541 27.34 -36.11 11.30
C GLU C 541 26.69 -37.27 10.54
N SER C 542 26.74 -37.19 9.22
CA SER C 542 26.11 -38.18 8.36
C SER C 542 27.13 -38.80 7.42
N ASN C 543 26.90 -40.07 7.08
CA ASN C 543 27.76 -40.80 6.16
C ASN C 543 27.22 -40.78 4.73
N LYS C 544 26.33 -39.85 4.41
CA LYS C 544 25.77 -39.78 3.07
C LYS C 544 26.83 -39.39 2.05
N LYS C 545 26.50 -39.59 0.77
CA LYS C 545 27.43 -39.36 -0.33
C LYS C 545 26.81 -38.32 -1.27
N PHE C 546 26.99 -37.05 -0.93
CA PHE C 546 26.58 -35.98 -1.83
C PHE C 546 27.55 -35.88 -3.00
N LEU C 547 27.06 -35.36 -4.11
CA LEU C 547 27.90 -35.11 -5.28
C LEU C 547 28.61 -33.77 -5.08
N PRO C 548 29.50 -33.35 -5.99
CA PRO C 548 30.13 -32.03 -5.80
C PRO C 548 29.13 -30.89 -5.71
N PHE C 549 28.04 -30.97 -6.45
CA PHE C 549 26.91 -30.06 -6.33
C PHE C 549 25.93 -30.67 -5.33
N GLN C 550 24.64 -30.33 -5.34
CA GLN C 550 23.67 -30.86 -4.38
C GLN C 550 23.99 -30.38 -2.96
N GLN C 551 23.79 -29.08 -2.76
CA GLN C 551 24.12 -28.47 -1.47
C GLN C 551 23.25 -29.01 -0.33
N PHE C 552 21.96 -29.23 -0.58
CA PHE C 552 21.08 -29.71 0.49
C PHE C 552 20.25 -30.88 0.01
N GLY C 553 20.26 -31.96 0.78
CA GLY C 553 19.52 -33.15 0.43
C GLY C 553 18.04 -33.06 0.74
N ARG C 554 17.28 -34.02 0.23
CA ARG C 554 15.83 -34.06 0.40
C ARG C 554 15.37 -35.50 0.56
N ASP C 555 14.26 -35.66 1.28
CA ASP C 555 13.72 -36.99 1.58
C ASP C 555 12.62 -37.34 0.57
N ILE C 556 11.87 -38.40 0.88
CA ILE C 556 10.85 -38.91 -0.05
C ILE C 556 9.81 -37.84 -0.35
N ALA C 557 9.41 -37.06 0.66
CA ALA C 557 8.42 -36.00 0.48
C ALA C 557 8.99 -34.68 1.03
N ASP C 558 9.80 -34.00 0.21
CA ASP C 558 10.35 -32.67 0.52
C ASP C 558 11.01 -32.72 1.89
N THR C 559 10.83 -31.73 2.75
CA THR C 559 11.28 -31.77 4.15
C THR C 559 12.73 -32.21 4.27
N THR C 560 13.62 -31.34 3.79
CA THR C 560 15.06 -31.60 3.67
C THR C 560 15.64 -32.31 4.90
N ASP C 561 16.16 -33.52 4.70
CA ASP C 561 16.73 -34.27 5.82
C ASP C 561 18.17 -33.87 6.09
N ALA C 562 18.96 -33.64 5.05
CA ALA C 562 20.37 -33.36 5.20
C ALA C 562 20.73 -32.07 4.47
N VAL C 563 21.80 -31.43 4.94
CA VAL C 563 22.32 -30.21 4.33
C VAL C 563 23.84 -30.34 4.30
N ARG C 564 24.48 -29.51 3.48
CA ARG C 564 25.93 -29.44 3.44
C ARG C 564 26.38 -28.08 3.97
N ASP C 565 27.27 -28.10 4.95
CA ASP C 565 27.77 -26.86 5.51
C ASP C 565 28.55 -26.09 4.45
N PRO C 566 28.28 -24.80 4.27
CA PRO C 566 28.97 -24.06 3.20
C PRO C 566 30.46 -23.93 3.41
N GLN C 567 30.91 -23.62 4.63
CA GLN C 567 32.33 -23.41 4.86
C GLN C 567 33.11 -24.73 4.83
N THR C 568 32.60 -25.76 5.50
CA THR C 568 33.22 -27.07 5.52
C THR C 568 32.32 -28.05 4.79
N LEU C 569 32.86 -28.76 3.81
CA LEU C 569 32.06 -29.57 2.90
C LEU C 569 31.41 -30.78 3.57
N GLU C 570 31.55 -30.93 4.89
CA GLU C 570 30.94 -32.07 5.58
C GLU C 570 29.42 -31.99 5.48
N ILE C 571 28.79 -33.15 5.33
CA ILE C 571 27.35 -33.25 5.20
C ILE C 571 26.75 -33.48 6.58
N LEU C 572 25.93 -32.54 7.03
CA LEU C 572 25.26 -32.62 8.33
C LEU C 572 23.80 -32.99 8.09
N ASP C 573 23.38 -34.13 8.62
CA ASP C 573 21.98 -34.48 8.50
C ASP C 573 21.17 -33.83 9.64
N ILE C 574 19.90 -33.58 9.34
CA ILE C 574 19.04 -32.77 10.19
C ILE C 574 17.90 -33.64 10.68
N THR C 575 17.74 -33.72 11.99
CA THR C 575 16.64 -34.42 12.62
C THR C 575 15.72 -33.41 13.30
N PRO C 576 14.41 -33.51 13.09
CA PRO C 576 13.50 -32.54 13.73
C PRO C 576 13.62 -32.58 15.24
N CYS C 577 13.52 -31.41 15.86
CA CYS C 577 13.66 -31.31 17.30
C CYS C 577 12.55 -32.12 17.97
N SER C 578 12.94 -32.99 18.89
CA SER C 578 12.02 -33.96 19.47
C SER C 578 10.82 -33.27 20.11
N PHE C 579 9.63 -33.77 19.81
CA PHE C 579 8.40 -33.20 20.33
C PHE C 579 7.39 -34.29 20.68
N GLN D 3 50.73 2.14 -16.31
CA GLN D 3 51.48 3.36 -16.03
C GLN D 3 51.73 4.16 -17.31
N VAL D 4 50.90 5.17 -17.53
CA VAL D 4 51.06 6.04 -18.70
C VAL D 4 52.21 7.00 -18.47
N GLN D 5 53.15 7.03 -19.43
CA GLN D 5 54.37 7.80 -19.29
C GLN D 5 54.47 8.77 -20.47
N LEU D 6 54.84 10.01 -20.17
CA LEU D 6 55.05 11.06 -21.16
C LEU D 6 56.52 11.46 -21.14
N GLN D 7 57.25 11.04 -22.17
CA GLN D 7 58.68 11.27 -22.30
C GLN D 7 58.89 12.68 -22.86
N GLU D 8 59.80 13.42 -22.24
CA GLU D 8 60.09 14.81 -22.57
C GLU D 8 61.48 14.91 -23.18
N SER D 9 61.60 15.60 -24.31
CA SER D 9 62.96 15.86 -24.80
C SER D 9 63.01 17.13 -25.61
N GLY D 10 64.22 17.64 -25.81
CA GLY D 10 64.48 18.64 -26.83
C GLY D 10 64.69 20.08 -26.39
N GLY D 11 64.86 20.34 -25.10
CA GLY D 11 65.04 21.69 -24.59
C GLY D 11 66.50 22.07 -24.42
N GLY D 12 66.72 23.17 -23.71
CA GLY D 12 68.07 23.57 -23.35
C GLY D 12 68.26 25.07 -23.44
N LEU D 13 69.54 25.45 -23.59
CA LEU D 13 69.97 26.84 -23.69
C LEU D 13 70.16 27.19 -25.17
N VAL D 14 69.49 28.26 -25.62
CA VAL D 14 69.61 28.72 -27.00
C VAL D 14 69.61 30.25 -26.99
N GLN D 15 70.47 30.84 -27.82
CA GLN D 15 70.51 32.29 -27.95
C GLN D 15 69.23 32.81 -28.61
N ALA D 16 68.99 34.11 -28.46
CA ALA D 16 67.79 34.72 -29.01
C ALA D 16 67.75 34.55 -30.53
N GLY D 17 66.59 34.15 -31.05
CA GLY D 17 66.42 33.89 -32.46
C GLY D 17 66.67 32.47 -32.89
N GLY D 18 67.07 31.59 -31.98
CA GLY D 18 67.37 30.22 -32.30
C GLY D 18 66.13 29.37 -32.45
N SER D 19 66.34 28.05 -32.51
CA SER D 19 65.26 27.12 -32.72
C SER D 19 65.58 25.80 -32.02
N LEU D 20 64.54 25.11 -31.57
CA LEU D 20 64.64 23.77 -31.01
C LEU D 20 63.45 22.94 -31.46
N ARG D 21 63.47 21.65 -31.11
CA ARG D 21 62.36 20.74 -31.42
C ARG D 21 62.14 19.82 -30.23
N LEU D 22 61.16 20.15 -29.41
CA LEU D 22 60.72 19.39 -28.25
C LEU D 22 59.86 18.21 -28.67
N SER D 23 59.86 17.16 -27.85
CA SER D 23 59.16 15.92 -28.19
C SER D 23 58.43 15.37 -26.98
N CYS D 24 57.17 15.01 -27.21
CA CYS D 24 56.26 14.43 -26.23
C CYS D 24 56.00 13.01 -26.71
N ALA D 25 56.38 12.03 -25.90
CA ALA D 25 56.25 10.62 -26.28
C ALA D 25 55.29 9.94 -25.31
N ALA D 26 54.24 9.31 -25.84
CA ALA D 26 53.19 8.74 -25.00
C ALA D 26 53.29 7.22 -24.97
N SER D 27 53.28 6.65 -23.78
CA SER D 27 53.23 5.21 -23.59
C SER D 27 52.21 4.86 -22.51
N GLY D 28 51.71 3.63 -22.56
CA GLY D 28 50.72 3.19 -21.58
C GLY D 28 49.40 2.77 -22.21
N SER D 29 48.29 3.13 -21.57
CA SER D 29 46.98 2.79 -22.11
C SER D 29 46.66 3.63 -23.34
N ILE D 30 46.61 4.95 -23.17
CA ILE D 30 46.37 5.95 -24.22
C ILE D 30 45.41 5.43 -25.29
N PHE D 31 44.12 5.37 -24.96
CA PHE D 31 43.11 4.95 -25.91
C PHE D 31 43.09 5.87 -27.14
N SER D 32 42.34 5.45 -28.15
CA SER D 32 42.35 6.15 -29.45
C SER D 32 42.05 7.65 -29.37
N PRO D 33 41.01 8.13 -28.66
CA PRO D 33 40.76 9.58 -28.63
C PRO D 33 41.61 10.32 -27.61
N ASN D 34 42.83 10.68 -27.98
CA ASN D 34 43.69 11.52 -27.15
C ASN D 34 43.72 12.95 -27.67
N THR D 35 44.13 13.85 -26.78
CA THR D 35 44.32 15.26 -27.11
C THR D 35 45.54 15.74 -26.34
N MET D 36 46.66 15.92 -27.04
CA MET D 36 47.94 16.24 -26.42
C MET D 36 48.24 17.73 -26.54
N GLY D 37 48.70 18.34 -25.45
CA GLY D 37 49.02 19.75 -25.44
C GLY D 37 50.31 20.03 -24.72
N TRP D 38 50.76 21.28 -24.88
CA TRP D 38 51.94 21.82 -24.22
C TRP D 38 51.52 22.98 -23.34
N PHE D 39 52.12 23.06 -22.15
CA PHE D 39 51.88 24.10 -21.15
C PHE D 39 53.19 24.74 -20.71
N ARG D 40 53.13 26.05 -20.43
CA ARG D 40 54.26 26.88 -20.03
C ARG D 40 54.19 27.22 -18.55
N GLN D 41 55.33 27.17 -17.87
CA GLN D 41 55.44 27.60 -16.48
C GLN D 41 56.79 28.30 -16.29
N ALA D 42 56.74 29.59 -15.96
CA ALA D 42 57.91 30.35 -15.57
C ALA D 42 57.90 30.53 -14.05
N LEU D 43 59.10 30.58 -13.47
CA LEU D 43 59.23 30.68 -12.01
C LEU D 43 58.52 31.93 -11.48
N GLY D 44 57.46 31.73 -10.72
CA GLY D 44 56.64 32.81 -10.20
C GLY D 44 55.28 32.94 -10.84
N LYS D 45 54.98 32.13 -11.85
CA LYS D 45 53.69 32.15 -12.52
C LYS D 45 53.05 30.77 -12.49
N GLN D 46 51.80 30.72 -12.95
CA GLN D 46 51.02 29.49 -12.95
C GLN D 46 51.19 28.75 -14.27
N ARG D 47 50.36 27.75 -14.49
CA ARG D 47 50.41 26.94 -15.71
C ARG D 47 49.69 27.67 -16.83
N GLU D 48 50.42 27.98 -17.89
CA GLU D 48 49.91 28.71 -19.05
C GLU D 48 49.70 27.73 -20.20
N MET D 49 48.53 27.77 -20.83
CA MET D 49 48.32 26.91 -21.99
C MET D 49 49.12 27.43 -23.17
N VAL D 50 50.04 26.62 -23.68
CA VAL D 50 50.77 26.96 -24.89
C VAL D 50 49.95 26.55 -26.10
N ALA D 51 49.68 25.26 -26.25
CA ALA D 51 48.96 24.79 -27.43
C ALA D 51 48.38 23.41 -27.17
N VAL D 52 47.43 23.01 -28.01
CA VAL D 52 46.85 21.66 -27.97
C VAL D 52 46.52 21.20 -29.39
N ILE D 53 46.62 19.89 -29.61
CA ILE D 53 46.08 19.22 -30.78
C ILE D 53 45.30 18.00 -30.32
N SER D 54 44.10 17.81 -30.85
CA SER D 54 43.29 16.64 -30.54
C SER D 54 43.56 15.54 -31.56
N SER D 55 42.76 14.47 -31.53
CA SER D 55 42.88 13.41 -32.52
C SER D 55 42.40 13.87 -33.90
N ILE D 56 41.62 14.94 -33.95
CA ILE D 56 41.15 15.50 -35.22
C ILE D 56 42.28 16.14 -36.01
N ALA D 57 43.43 16.36 -35.37
CA ALA D 57 44.66 16.99 -35.89
C ALA D 57 44.51 18.50 -35.97
N SER D 58 43.45 19.08 -35.43
CA SER D 58 43.32 20.52 -35.39
C SER D 58 44.32 21.14 -34.43
N THR D 59 44.76 22.35 -34.73
CA THR D 59 45.73 23.07 -33.91
C THR D 59 45.01 24.20 -33.17
N GLN D 60 45.21 24.27 -31.86
CA GLN D 60 44.72 25.39 -31.08
C GLN D 60 45.90 26.01 -30.35
N TYR D 61 46.23 27.26 -30.71
CA TYR D 61 47.38 27.98 -30.20
C TYR D 61 46.92 29.23 -29.48
N ALA D 62 47.70 29.65 -28.48
CA ALA D 62 47.38 30.82 -27.69
C ALA D 62 47.86 32.09 -28.39
N ASN D 63 47.34 33.23 -27.94
CA ASN D 63 47.71 34.51 -28.51
C ASN D 63 49.10 34.97 -28.09
N PHE D 64 49.69 34.34 -27.07
CA PHE D 64 51.02 34.73 -26.62
C PHE D 64 52.07 34.47 -27.69
N VAL D 65 51.87 33.42 -28.50
CA VAL D 65 52.93 32.91 -29.37
C VAL D 65 52.42 32.85 -30.80
N LYS D 66 51.60 33.82 -31.18
CA LYS D 66 51.04 33.84 -32.54
C LYS D 66 52.14 33.71 -33.58
N GLY D 67 52.12 32.58 -34.31
CA GLY D 67 53.01 32.38 -35.43
C GLY D 67 54.41 31.93 -35.11
N ARG D 68 54.67 31.44 -33.89
CA ARG D 68 56.03 31.04 -33.53
C ARG D 68 56.15 29.56 -33.19
N PHE D 69 55.33 29.03 -32.28
CA PHE D 69 55.37 27.59 -32.01
C PHE D 69 54.61 26.83 -33.09
N THR D 70 54.97 25.56 -33.27
CA THR D 70 54.20 24.67 -34.13
C THR D 70 54.21 23.26 -33.55
N ILE D 71 53.15 22.50 -33.82
CA ILE D 71 53.03 21.12 -33.38
C ILE D 71 52.85 20.23 -34.60
N THR D 72 53.56 19.11 -34.63
CA THR D 72 53.32 18.04 -35.60
C THR D 72 53.06 16.73 -34.87
N ARG D 73 52.13 15.95 -35.43
CA ARG D 73 51.74 14.66 -34.90
C ARG D 73 52.47 13.54 -35.61
N ASP D 74 52.63 12.42 -34.92
CA ASP D 74 53.09 11.17 -35.52
C ASP D 74 52.08 10.09 -35.17
N ASN D 75 51.26 9.71 -36.16
CA ASN D 75 50.21 8.73 -35.94
C ASN D 75 50.78 7.33 -35.75
N THR D 76 51.88 7.02 -36.43
CA THR D 76 52.48 5.68 -36.33
C THR D 76 52.91 5.39 -34.90
N LYS D 77 53.56 6.36 -34.25
CA LYS D 77 53.94 6.23 -32.84
C LYS D 77 53.08 7.07 -31.91
N ASN D 78 52.13 7.83 -32.45
CA ASN D 78 51.24 8.68 -31.67
C ASN D 78 52.03 9.62 -30.76
N THR D 79 53.04 10.26 -31.33
CA THR D 79 53.89 11.18 -30.61
C THR D 79 53.65 12.62 -31.10
N VAL D 80 54.24 13.57 -30.39
CA VAL D 80 54.00 14.99 -30.62
C VAL D 80 55.35 15.71 -30.66
N HIS D 81 55.49 16.68 -31.56
CA HIS D 81 56.71 17.48 -31.63
C HIS D 81 56.36 18.96 -31.70
N LEU D 82 56.95 19.75 -30.79
CA LEU D 82 56.94 21.20 -30.89
C LEU D 82 58.18 21.65 -31.66
N GLN D 83 57.96 22.24 -32.82
CA GLN D 83 58.98 23.02 -33.50
C GLN D 83 58.92 24.45 -32.94
N MET D 84 60.04 24.88 -32.37
CA MET D 84 60.15 26.05 -31.51
C MET D 84 61.10 27.05 -32.16
N ASN D 85 60.52 28.05 -32.82
CA ASN D 85 61.29 28.97 -33.66
C ASN D 85 61.01 30.40 -33.25
N SER D 86 61.87 31.31 -33.73
CA SER D 86 61.74 32.75 -33.48
C SER D 86 61.67 33.03 -31.98
N LEU D 87 62.77 32.72 -31.30
CA LEU D 87 62.78 32.69 -29.84
C LEU D 87 63.02 34.07 -29.26
N ILE D 88 62.31 34.37 -28.18
CA ILE D 88 62.42 35.64 -27.47
C ILE D 88 62.63 35.33 -25.99
N PRO D 89 63.24 36.26 -25.24
CA PRO D 89 63.51 35.97 -23.82
C PRO D 89 62.28 35.93 -22.93
N GLU D 90 61.10 36.24 -23.45
CA GLU D 90 59.87 36.03 -22.71
C GLU D 90 59.37 34.59 -22.80
N ASP D 91 60.02 33.75 -23.60
CA ASP D 91 59.67 32.34 -23.72
C ASP D 91 60.44 31.45 -22.75
N THR D 92 61.26 32.03 -21.89
CA THR D 92 62.09 31.25 -20.96
C THR D 92 61.20 30.69 -19.86
N ALA D 93 60.81 29.42 -20.00
CA ALA D 93 59.94 28.76 -19.06
C ALA D 93 59.95 27.26 -19.31
N VAL D 94 59.77 26.48 -18.24
CA VAL D 94 59.72 25.03 -18.37
C VAL D 94 58.35 24.60 -18.89
N TYR D 95 58.35 23.63 -19.81
CA TYR D 95 57.13 23.21 -20.48
C TYR D 95 56.80 21.76 -20.13
N TYR D 96 55.52 21.43 -20.24
CA TYR D 96 55.04 20.09 -19.90
C TYR D 96 53.96 19.65 -20.87
N CYS D 97 53.90 18.36 -21.16
CA CYS D 97 52.79 17.86 -21.96
C CYS D 97 51.56 17.68 -21.09
N TYR D 98 50.43 17.48 -21.77
CA TYR D 98 49.15 17.22 -21.13
C TYR D 98 48.38 16.27 -22.04
N ALA D 99 48.08 15.07 -21.53
CA ALA D 99 47.32 14.07 -22.28
C ALA D 99 45.88 14.08 -21.76
N VAL D 100 44.97 14.62 -22.56
CA VAL D 100 43.56 14.71 -22.16
C VAL D 100 42.98 13.32 -21.98
N ASP D 101 43.15 12.46 -22.99
CA ASP D 101 42.68 11.07 -22.99
C ASP D 101 41.20 11.06 -22.60
N LYS D 102 40.80 10.26 -21.61
CA LYS D 102 39.43 10.24 -21.12
C LYS D 102 39.33 10.47 -19.62
N SER D 103 40.30 9.97 -18.85
CA SER D 103 40.29 10.15 -17.41
C SER D 103 41.72 10.02 -16.90
N GLN D 104 41.94 10.57 -15.70
CA GLN D 104 43.25 10.54 -15.04
C GLN D 104 44.33 11.11 -15.94
N ASP D 105 44.19 12.39 -16.28
CA ASP D 105 45.15 13.07 -17.15
C ASP D 105 46.56 12.99 -16.61
N TYR D 106 47.51 12.65 -17.48
CA TYR D 106 48.91 12.46 -17.11
C TYR D 106 49.76 13.60 -17.64
N TRP D 107 50.81 13.94 -16.89
CA TRP D 107 51.78 14.96 -17.25
C TRP D 107 53.13 14.30 -17.50
N GLY D 108 54.09 15.12 -17.95
CA GLY D 108 55.46 14.68 -18.12
C GLY D 108 56.39 15.20 -17.03
N GLN D 109 57.69 14.94 -17.22
CA GLN D 109 58.66 15.40 -16.23
C GLN D 109 59.33 16.72 -16.58
N GLY D 110 59.18 17.20 -17.82
CA GLY D 110 59.55 18.57 -18.12
C GLY D 110 60.76 18.80 -19.00
N THR D 111 60.82 19.97 -19.63
CA THR D 111 61.95 20.36 -20.48
C THR D 111 62.26 21.83 -20.21
N GLN D 112 63.49 22.11 -19.77
CA GLN D 112 63.89 23.48 -19.49
C GLN D 112 64.19 24.21 -20.80
N VAL D 113 63.64 25.42 -20.94
CA VAL D 113 63.82 26.24 -22.13
C VAL D 113 64.39 27.57 -21.69
N THR D 114 65.56 27.92 -22.20
CA THR D 114 66.22 29.18 -21.85
C THR D 114 66.66 29.89 -23.11
N VAL D 115 66.32 31.18 -23.21
CA VAL D 115 66.64 32.01 -24.36
C VAL D 115 67.01 33.40 -23.85
N SER D 116 68.29 33.75 -23.95
CA SER D 116 68.74 35.05 -23.47
C SER D 116 70.07 35.38 -24.14
N SER D 117 70.42 36.66 -24.08
CA SER D 117 71.67 37.15 -24.64
C SER D 117 72.32 38.17 -23.72
N GLN E 1 41.70 -8.91 -35.38
CA GLN E 1 40.89 -8.54 -36.53
C GLN E 1 40.25 -9.75 -37.19
N CYS E 2 39.17 -9.53 -37.92
CA CYS E 2 38.41 -10.60 -38.54
C CYS E 2 38.85 -10.82 -39.99
N VAL E 3 38.57 -12.02 -40.49
CA VAL E 3 38.88 -12.41 -41.86
C VAL E 3 37.59 -12.87 -42.52
N ASN E 4 37.30 -12.32 -43.71
CA ASN E 4 36.09 -12.67 -44.42
C ASN E 4 36.24 -14.02 -45.10
N LEU E 5 35.30 -14.92 -44.84
CA LEU E 5 35.32 -16.27 -45.40
C LEU E 5 34.27 -16.39 -46.50
N THR E 6 34.42 -17.43 -47.33
CA THR E 6 33.55 -17.65 -48.47
C THR E 6 32.10 -17.86 -48.03
N THR E 7 31.19 -17.82 -49.00
CA THR E 7 29.77 -17.93 -48.71
C THR E 7 29.43 -19.33 -48.21
N ARG E 8 28.55 -19.39 -47.22
CA ARG E 8 28.12 -20.68 -46.66
C ARG E 8 27.26 -21.48 -47.62
N THR E 9 26.64 -20.83 -48.60
CA THR E 9 25.85 -21.43 -49.67
C THR E 9 24.57 -22.13 -49.18
N GLN E 10 24.26 -22.02 -47.89
CA GLN E 10 22.98 -22.50 -47.33
C GLN E 10 22.81 -24.01 -47.60
N LEU E 11 23.68 -24.78 -46.96
CA LEU E 11 23.60 -26.23 -47.07
C LEU E 11 22.25 -26.73 -46.55
N PRO E 12 21.65 -27.72 -47.21
CA PRO E 12 20.36 -28.24 -46.74
C PRO E 12 20.51 -28.87 -45.37
N PRO E 13 19.47 -28.78 -44.54
CA PRO E 13 19.57 -29.35 -43.19
C PRO E 13 19.61 -30.88 -43.20
N ALA E 14 20.25 -31.43 -42.18
CA ALA E 14 20.30 -32.87 -41.96
C ALA E 14 19.97 -33.16 -40.52
N TYR E 15 19.16 -34.20 -40.29
CA TYR E 15 18.66 -34.52 -38.97
C TYR E 15 19.19 -35.87 -38.50
N THR E 16 19.08 -36.10 -37.19
CA THR E 16 19.35 -37.40 -36.60
C THR E 16 18.53 -37.51 -35.31
N ASN E 17 18.60 -38.68 -34.68
CA ASN E 17 17.75 -39.00 -33.54
C ASN E 17 18.54 -38.86 -32.24
N SER E 18 17.86 -38.37 -31.21
CA SER E 18 18.46 -38.20 -29.88
C SER E 18 17.79 -39.21 -28.94
N PHE E 19 18.41 -40.39 -28.81
CA PHE E 19 17.86 -41.47 -28.01
C PHE E 19 18.13 -41.20 -26.53
N THR E 20 17.17 -40.54 -25.88
CA THR E 20 17.20 -40.32 -24.42
C THR E 20 18.49 -39.61 -23.99
N ARG E 21 18.77 -38.47 -24.61
CA ARG E 21 19.94 -37.67 -24.29
C ARG E 21 19.52 -36.27 -23.91
N GLY E 22 20.36 -35.60 -23.13
CA GLY E 22 20.09 -34.24 -22.71
C GLY E 22 19.41 -34.09 -21.37
N VAL E 23 19.41 -35.13 -20.54
CA VAL E 23 18.80 -35.04 -19.21
C VAL E 23 19.83 -34.49 -18.24
N TYR E 24 19.52 -33.35 -17.64
CA TYR E 24 20.41 -32.70 -16.69
C TYR E 24 19.80 -32.74 -15.31
N TYR E 25 20.60 -32.39 -14.31
CA TYR E 25 20.07 -32.29 -12.95
C TYR E 25 19.31 -30.98 -12.83
N PRO E 26 18.00 -31.02 -12.63
CA PRO E 26 17.23 -29.78 -12.60
C PRO E 26 17.44 -28.96 -11.35
N ASP E 27 17.73 -29.63 -10.23
CA ASP E 27 17.93 -28.99 -8.94
C ASP E 27 19.33 -29.28 -8.43
N LYS E 28 19.57 -28.88 -7.19
CA LYS E 28 20.80 -29.16 -6.47
C LYS E 28 20.48 -29.81 -5.13
N VAL E 29 19.61 -30.83 -5.15
CA VAL E 29 19.20 -31.54 -3.95
C VAL E 29 19.60 -33.00 -4.09
N PHE E 30 20.08 -33.59 -3.00
CA PHE E 30 20.49 -34.99 -2.99
C PHE E 30 19.27 -35.86 -2.75
N ARG E 31 18.90 -36.66 -3.74
CA ARG E 31 17.79 -37.59 -3.63
C ARG E 31 18.34 -39.00 -3.82
N SER E 32 17.97 -39.91 -2.93
CA SER E 32 18.56 -41.25 -2.88
C SER E 32 17.47 -42.29 -3.08
N SER E 33 17.61 -43.09 -4.15
CA SER E 33 16.71 -44.20 -4.44
C SER E 33 15.26 -43.75 -4.46
N VAL E 34 14.99 -42.67 -5.20
CA VAL E 34 13.65 -42.11 -5.24
C VAL E 34 13.34 -41.66 -6.67
N LEU E 35 12.05 -41.59 -6.99
CA LEU E 35 11.58 -41.18 -8.30
C LEU E 35 10.93 -39.81 -8.16
N HIS E 36 11.45 -38.83 -8.89
CA HIS E 36 10.98 -37.45 -8.79
C HIS E 36 10.45 -36.97 -10.14
N SER E 37 9.30 -36.32 -10.11
CA SER E 37 8.68 -35.77 -11.31
C SER E 37 8.98 -34.28 -11.37
N THR E 38 9.68 -33.85 -12.42
CA THR E 38 10.07 -32.46 -12.58
C THR E 38 9.51 -31.92 -13.89
N GLN E 39 8.83 -30.78 -13.81
CA GLN E 39 8.34 -30.06 -14.98
C GLN E 39 9.34 -28.95 -15.29
N ASP E 40 10.12 -29.12 -16.35
CA ASP E 40 11.20 -28.19 -16.63
C ASP E 40 11.51 -28.24 -18.12
N LEU E 41 12.48 -27.45 -18.55
CA LEU E 41 12.86 -27.37 -19.96
C LEU E 41 13.81 -28.52 -20.26
N PHE E 42 13.29 -29.58 -20.85
CA PHE E 42 14.06 -30.75 -21.21
C PHE E 42 14.00 -30.98 -22.72
N LEU E 43 15.03 -31.63 -23.24
CA LEU E 43 15.00 -32.08 -24.63
C LEU E 43 14.13 -33.33 -24.73
N PRO E 44 13.06 -33.31 -25.53
CA PRO E 44 12.19 -34.48 -25.60
C PRO E 44 12.91 -35.71 -26.10
N PHE E 45 12.48 -36.87 -25.59
CA PHE E 45 13.11 -38.13 -25.96
C PHE E 45 12.81 -38.48 -27.41
N PHE E 46 13.79 -39.12 -28.06
CA PHE E 46 13.66 -39.56 -29.45
C PHE E 46 13.31 -38.40 -30.38
N SER E 47 13.90 -37.24 -30.09
CA SER E 47 13.66 -36.06 -30.89
C SER E 47 14.63 -35.99 -32.07
N ASN E 48 14.30 -35.14 -33.04
CA ASN E 48 15.15 -34.90 -34.19
C ASN E 48 16.05 -33.71 -33.88
N VAL E 49 17.35 -33.96 -33.78
CA VAL E 49 18.34 -32.91 -33.58
C VAL E 49 19.12 -32.74 -34.88
N THR E 50 19.36 -31.48 -35.25
CA THR E 50 20.00 -31.18 -36.52
C THR E 50 21.51 -31.18 -36.34
N TRP E 51 22.21 -31.91 -37.20
CA TRP E 51 23.65 -32.11 -37.03
C TRP E 51 24.42 -31.48 -38.18
N PHE E 52 25.56 -30.88 -37.86
CA PHE E 52 26.39 -30.21 -38.82
C PHE E 52 27.83 -30.70 -38.70
N HIS E 53 28.47 -30.90 -39.85
CA HIS E 53 29.90 -31.18 -39.89
C HIS E 53 30.69 -29.92 -39.51
N ALA E 54 31.82 -30.12 -38.85
CA ALA E 54 32.71 -29.00 -38.57
C ALA E 54 33.27 -28.43 -39.87
N ILE E 55 33.79 -29.29 -40.73
CA ILE E 55 34.28 -28.92 -42.05
C ILE E 55 33.60 -29.83 -43.07
N HIS E 56 32.89 -29.25 -44.02
CA HIS E 56 32.20 -30.03 -45.03
C HIS E 56 32.85 -29.81 -46.39
N VAL E 57 33.21 -30.90 -47.06
CA VAL E 57 33.72 -30.86 -48.42
C VAL E 57 32.61 -31.35 -49.36
N SER E 58 31.83 -30.40 -49.89
CA SER E 58 30.69 -30.72 -50.74
C SER E 58 30.86 -30.28 -52.19
N GLY E 59 31.76 -29.35 -52.47
CA GLY E 59 31.99 -28.94 -53.83
C GLY E 59 32.68 -30.02 -54.65
N THR E 60 32.47 -29.94 -55.98
CA THR E 60 33.10 -30.90 -56.88
C THR E 60 34.62 -30.78 -56.85
N ASN E 61 35.13 -29.55 -56.78
CA ASN E 61 36.57 -29.36 -56.72
C ASN E 61 37.16 -29.92 -55.43
N GLY E 62 36.42 -29.82 -54.33
CA GLY E 62 36.91 -30.30 -53.05
C GLY E 62 37.10 -29.19 -52.04
N THR E 63 36.27 -28.15 -52.14
CA THR E 63 36.39 -27.00 -51.26
C THR E 63 36.07 -27.38 -49.82
N LYS E 64 36.90 -26.89 -48.90
CA LYS E 64 36.71 -27.12 -47.47
C LYS E 64 36.36 -25.79 -46.81
N ARG E 65 35.12 -25.68 -46.33
CA ARG E 65 34.64 -24.45 -45.69
C ARG E 65 33.89 -24.83 -44.42
N PHE E 66 34.04 -24.00 -43.39
CA PHE E 66 33.38 -24.25 -42.12
C PHE E 66 31.87 -24.18 -42.27
N ASP E 67 31.18 -25.14 -41.64
CA ASP E 67 29.72 -25.09 -41.50
C ASP E 67 29.43 -24.43 -40.16
N ASN E 68 29.31 -23.10 -40.17
CA ASN E 68 29.18 -22.30 -38.95
C ASN E 68 27.96 -21.41 -39.12
N PRO E 69 26.76 -21.96 -39.06
CA PRO E 69 25.55 -21.15 -39.22
C PRO E 69 25.16 -20.45 -37.92
N VAL E 70 24.30 -19.44 -38.06
CA VAL E 70 23.70 -18.77 -36.92
C VAL E 70 22.36 -19.45 -36.64
N LEU E 71 22.22 -20.01 -35.44
CA LEU E 71 21.04 -20.81 -35.12
C LEU E 71 20.19 -20.13 -34.07
N PRO E 72 18.89 -20.39 -34.05
CA PRO E 72 18.03 -19.81 -33.01
C PRO E 72 18.34 -20.40 -31.64
N PHE E 73 17.95 -19.64 -30.61
CA PHE E 73 18.11 -20.02 -29.21
C PHE E 73 16.73 -19.85 -28.57
N ASN E 74 15.89 -20.88 -28.70
CA ASN E 74 14.51 -20.82 -28.21
C ASN E 74 14.40 -21.68 -26.96
N ASP E 75 14.43 -21.04 -25.79
CA ASP E 75 14.22 -21.71 -24.51
C ASP E 75 15.26 -22.80 -24.25
N GLY E 76 16.53 -22.47 -24.48
CA GLY E 76 17.60 -23.39 -24.19
C GLY E 76 18.02 -24.21 -25.39
N VAL E 77 19.24 -24.71 -25.35
CA VAL E 77 19.81 -25.49 -26.44
C VAL E 77 20.62 -26.65 -25.88
N TYR E 78 20.42 -27.84 -26.43
CA TYR E 78 21.26 -29.00 -26.15
C TYR E 78 22.27 -29.11 -27.29
N PHE E 79 23.54 -28.94 -26.96
CA PHE E 79 24.62 -28.96 -27.94
C PHE E 79 25.53 -30.16 -27.63
N ALA E 80 25.55 -31.13 -28.52
CA ALA E 80 26.42 -32.29 -28.37
C ALA E 80 27.52 -32.22 -29.43
N SER E 81 28.74 -32.57 -29.05
CA SER E 81 29.85 -32.49 -29.98
C SER E 81 30.63 -33.79 -29.92
N THR E 82 30.78 -34.44 -31.07
CA THR E 82 31.59 -35.65 -31.18
C THR E 82 32.85 -35.27 -31.95
N GLU E 83 33.99 -35.28 -31.26
CA GLU E 83 35.21 -34.81 -31.89
C GLU E 83 36.41 -35.50 -31.28
N LYS E 84 37.57 -35.33 -31.93
CA LYS E 84 38.82 -35.92 -31.48
C LYS E 84 40.01 -34.97 -31.55
N SER E 85 39.84 -33.74 -32.04
CA SER E 85 40.97 -32.85 -32.23
C SER E 85 40.67 -31.41 -31.82
N ASN E 86 39.80 -31.21 -30.82
CA ASN E 86 39.47 -29.88 -30.27
C ASN E 86 39.25 -28.84 -31.37
N ILE E 87 38.39 -29.16 -32.33
CA ILE E 87 38.09 -28.22 -33.40
C ILE E 87 36.99 -27.25 -33.03
N ILE E 88 36.19 -27.56 -32.01
CA ILE E 88 35.14 -26.67 -31.51
C ILE E 88 35.67 -25.97 -30.27
N ARG E 89 35.52 -24.63 -30.23
CA ARG E 89 36.19 -23.86 -29.20
C ARG E 89 35.26 -23.03 -28.32
N GLY E 90 34.03 -22.77 -28.74
CA GLY E 90 33.14 -21.98 -27.92
C GLY E 90 31.92 -21.51 -28.69
N TRP E 91 31.25 -20.53 -28.10
CA TRP E 91 29.97 -20.06 -28.62
C TRP E 91 29.82 -18.56 -28.38
N ILE E 92 28.90 -17.96 -29.13
CA ILE E 92 28.51 -16.58 -28.96
C ILE E 92 26.99 -16.52 -28.89
N PHE E 93 26.47 -15.78 -27.92
CA PHE E 93 25.04 -15.69 -27.66
C PHE E 93 24.59 -14.24 -27.70
N GLY E 94 23.42 -14.01 -28.26
CA GLY E 94 22.89 -12.65 -28.31
C GLY E 94 21.67 -12.58 -29.20
N THR E 95 21.20 -11.36 -29.42
CA THR E 95 20.07 -11.09 -30.29
C THR E 95 20.49 -10.59 -31.66
N THR E 96 21.24 -9.49 -31.69
CA THR E 96 21.70 -8.91 -32.95
C THR E 96 23.14 -9.27 -33.28
N LEU E 97 23.93 -9.69 -32.29
CA LEU E 97 25.32 -10.11 -32.49
C LEU E 97 26.16 -9.00 -33.15
N ASP E 98 25.88 -7.75 -32.80
CA ASP E 98 26.67 -6.61 -33.27
C ASP E 98 26.83 -5.63 -32.11
N SER E 99 27.30 -4.43 -32.42
CA SER E 99 27.58 -3.43 -31.39
C SER E 99 26.33 -2.77 -30.84
N LYS E 100 25.17 -2.99 -31.45
CA LYS E 100 23.95 -2.35 -30.96
C LYS E 100 23.50 -2.94 -29.64
N THR E 101 23.60 -4.26 -29.48
CA THR E 101 23.15 -4.95 -28.28
C THR E 101 24.29 -5.75 -27.67
N GLN E 102 24.13 -6.06 -26.37
CA GLN E 102 25.14 -6.82 -25.65
C GLN E 102 25.16 -8.27 -26.11
N SER E 103 26.34 -8.87 -26.05
CA SER E 103 26.54 -10.25 -26.49
C SER E 103 27.48 -10.96 -25.52
N LEU E 104 27.29 -12.27 -25.43
CA LEU E 104 28.04 -13.15 -24.55
C LEU E 104 28.99 -14.00 -25.39
N LEU E 105 30.23 -14.11 -24.94
CA LEU E 105 31.28 -14.84 -25.64
C LEU E 105 31.89 -15.86 -24.70
N ILE E 106 31.90 -17.12 -25.10
CA ILE E 106 32.58 -18.19 -24.37
C ILE E 106 33.60 -18.81 -25.30
N VAL E 107 34.88 -18.75 -24.93
CA VAL E 107 35.96 -19.33 -25.72
C VAL E 107 36.80 -20.22 -24.81
N ASN E 108 37.43 -21.22 -25.42
CA ASN E 108 38.29 -22.15 -24.71
C ASN E 108 39.60 -22.24 -25.49
N ASN E 109 40.68 -21.71 -24.91
CA ASN E 109 42.01 -21.92 -25.42
C ASN E 109 42.67 -23.06 -24.64
N ALA E 110 43.96 -23.28 -24.87
CA ALA E 110 44.65 -24.41 -24.27
C ALA E 110 44.72 -24.31 -22.75
N THR E 111 44.54 -23.12 -22.19
CA THR E 111 44.76 -22.91 -20.76
C THR E 111 43.48 -22.82 -19.94
N ASN E 112 42.54 -21.96 -20.33
CA ASN E 112 41.37 -21.70 -19.49
C ASN E 112 40.20 -21.25 -20.37
N VAL E 113 39.12 -20.87 -19.70
CA VAL E 113 37.92 -20.37 -20.35
C VAL E 113 37.93 -18.85 -20.31
N VAL E 114 37.44 -18.23 -21.39
CA VAL E 114 37.22 -16.79 -21.44
C VAL E 114 35.72 -16.58 -21.60
N ILE E 115 35.08 -16.01 -20.58
CA ILE E 115 33.66 -15.69 -20.62
C ILE E 115 33.54 -14.18 -20.49
N LYS E 116 32.96 -13.55 -21.52
CA LYS E 116 32.80 -12.10 -21.55
C LYS E 116 31.37 -11.74 -21.92
N VAL E 117 30.94 -10.56 -21.50
CA VAL E 117 29.69 -9.96 -21.96
C VAL E 117 30.00 -8.52 -22.32
N CYS E 118 30.02 -8.23 -23.62
CA CYS E 118 30.40 -6.91 -24.10
C CYS E 118 29.58 -6.61 -25.35
N GLU E 119 29.75 -5.41 -25.88
CA GLU E 119 29.09 -5.01 -27.12
C GLU E 119 30.03 -5.38 -28.27
N PHE E 120 30.19 -6.69 -28.47
CA PHE E 120 31.06 -7.20 -29.52
C PHE E 120 30.50 -6.86 -30.89
N GLN E 121 31.40 -6.50 -31.81
CA GLN E 121 31.05 -6.35 -33.22
C GLN E 121 31.53 -7.60 -33.94
N PHE E 122 30.70 -8.63 -33.87
CA PHE E 122 31.04 -9.91 -34.48
C PHE E 122 31.08 -9.79 -35.99
N CYS E 123 32.08 -10.42 -36.60
CA CYS E 123 32.12 -10.51 -38.05
C CYS E 123 31.19 -11.62 -38.53
N ASN E 124 31.13 -11.80 -39.84
CA ASN E 124 30.23 -12.82 -40.39
C ASN E 124 30.67 -14.23 -40.01
N ASP E 125 31.98 -14.47 -39.97
CA ASP E 125 32.53 -15.80 -39.72
C ASP E 125 33.60 -15.73 -38.63
N PRO E 126 33.20 -15.83 -37.36
CA PRO E 126 34.19 -15.89 -36.28
C PRO E 126 34.85 -17.26 -36.23
N PHE E 127 36.12 -17.26 -35.80
CA PHE E 127 36.86 -18.50 -35.62
C PHE E 127 38.13 -18.21 -34.84
N LEU E 128 38.89 -19.27 -34.59
CA LEU E 128 40.22 -19.18 -33.97
C LEU E 128 41.23 -19.78 -34.94
N GLY E 129 42.12 -18.94 -35.45
CA GLY E 129 43.22 -19.46 -36.25
C GLY E 129 44.19 -20.18 -35.34
N VAL E 130 44.27 -21.51 -35.47
CA VAL E 130 45.00 -22.35 -34.55
C VAL E 130 46.24 -22.86 -35.25
N TYR E 131 47.40 -22.66 -34.65
CA TYR E 131 48.65 -23.09 -35.24
C TYR E 131 49.50 -23.78 -34.18
N TYR E 132 50.21 -24.83 -34.59
CA TYR E 132 51.24 -25.40 -33.76
C TYR E 132 52.56 -24.65 -33.88
N HIS E 133 53.32 -24.69 -32.80
CA HIS E 133 54.68 -24.16 -32.76
C HIS E 133 55.70 -25.26 -33.06
N LYS E 134 56.93 -24.84 -33.25
CA LYS E 134 57.86 -25.62 -34.05
C LYS E 134 58.50 -26.82 -33.34
N ASN E 135 58.56 -26.88 -32.01
CA ASN E 135 59.42 -27.87 -31.38
C ASN E 135 58.71 -28.83 -30.43
N ASN E 136 57.86 -28.34 -29.53
CA ASN E 136 57.27 -29.26 -28.55
C ASN E 136 55.97 -29.87 -29.07
N LYS E 137 55.10 -29.06 -29.65
CA LYS E 137 53.81 -29.49 -30.19
C LYS E 137 52.90 -30.06 -29.13
N SER E 138 53.16 -29.76 -27.85
CA SER E 138 52.24 -30.19 -26.80
C SER E 138 50.96 -29.37 -26.81
N TRP E 139 51.07 -28.06 -27.00
CA TRP E 139 49.93 -27.16 -27.00
C TRP E 139 49.81 -26.43 -28.33
N MET E 140 48.69 -25.73 -28.50
CA MET E 140 48.30 -25.11 -29.76
C MET E 140 48.03 -23.63 -29.52
N GLU E 141 48.71 -22.76 -30.25
CA GLU E 141 48.53 -21.33 -30.08
C GLU E 141 47.37 -20.82 -30.93
N SER E 142 46.57 -19.93 -30.38
CA SER E 142 45.30 -19.51 -30.97
C SER E 142 45.29 -18.01 -31.22
N GLU E 143 44.80 -17.62 -32.39
CA GLU E 143 44.56 -16.22 -32.74
C GLU E 143 43.06 -16.01 -32.88
N PHE E 144 42.51 -15.09 -32.10
CA PHE E 144 41.07 -14.90 -32.04
C PHE E 144 40.64 -13.97 -33.17
N ARG E 145 39.80 -14.46 -34.08
CA ARG E 145 39.29 -13.61 -35.15
C ARG E 145 37.78 -13.52 -35.06
N VAL E 146 37.28 -13.28 -33.84
CA VAL E 146 35.86 -13.39 -33.56
C VAL E 146 35.16 -12.04 -33.74
N TYR E 147 35.71 -11.00 -33.13
CA TYR E 147 35.05 -9.70 -33.07
C TYR E 147 36.01 -8.60 -33.49
N SER E 148 35.45 -7.56 -34.11
CA SER E 148 36.24 -6.39 -34.45
C SER E 148 36.55 -5.54 -33.22
N SER E 149 35.55 -5.33 -32.36
CA SER E 149 35.71 -4.47 -31.20
C SER E 149 34.77 -4.92 -30.09
N ALA E 150 35.11 -4.55 -28.86
CA ALA E 150 34.29 -4.83 -27.70
C ALA E 150 34.21 -3.58 -26.84
N ASN E 151 33.00 -3.26 -26.37
CA ASN E 151 32.78 -2.08 -25.56
C ASN E 151 31.75 -2.38 -24.49
N ASN E 152 31.80 -1.60 -23.41
CA ASN E 152 30.84 -1.69 -22.30
C ASN E 152 30.81 -3.10 -21.70
N CYS E 153 31.98 -3.65 -21.46
CA CYS E 153 32.07 -4.99 -20.86
C CYS E 153 31.53 -4.95 -19.43
N THR E 154 30.57 -5.83 -19.14
CA THR E 154 29.94 -5.87 -17.83
C THR E 154 30.14 -7.21 -17.13
N PHE E 155 30.98 -8.09 -17.67
CA PHE E 155 31.21 -9.38 -17.05
C PHE E 155 32.53 -9.94 -17.55
N GLU E 156 33.23 -10.64 -16.66
CA GLU E 156 34.48 -11.32 -17.00
C GLU E 156 34.60 -12.55 -16.13
N TYR E 157 34.95 -13.69 -16.73
CA TYR E 157 35.03 -14.93 -15.99
C TYR E 157 36.06 -15.85 -16.64
N VAL E 158 36.88 -16.49 -15.81
CA VAL E 158 37.85 -17.49 -16.26
C VAL E 158 37.84 -18.64 -15.28
N SER E 159 38.05 -19.85 -15.79
CA SER E 159 38.10 -21.05 -14.95
C SER E 159 38.77 -22.18 -15.75
N GLN E 160 38.71 -23.39 -15.19
CA GLN E 160 39.28 -24.56 -15.85
C GLN E 160 38.50 -24.87 -17.12
N PRO E 161 39.20 -25.26 -18.20
CA PRO E 161 38.56 -25.27 -19.53
C PRO E 161 37.32 -26.15 -19.59
N PHE E 162 36.30 -25.64 -20.29
CA PHE E 162 35.07 -26.40 -20.49
C PHE E 162 35.34 -27.67 -21.29
N LEU E 163 36.30 -27.62 -22.21
CA LEU E 163 36.64 -28.74 -23.06
C LEU E 163 38.06 -29.19 -22.77
N MET E 164 38.24 -30.48 -22.51
CA MET E 164 39.57 -31.02 -22.29
C MET E 164 40.37 -31.12 -23.58
N ASP E 165 41.67 -31.31 -23.42
CA ASP E 165 42.56 -31.45 -24.57
C ASP E 165 42.32 -32.80 -25.25
N LEU E 166 42.18 -32.78 -26.57
CA LEU E 166 41.89 -33.98 -27.34
C LEU E 166 43.11 -34.49 -28.10
N GLU E 167 44.30 -33.96 -27.83
CA GLU E 167 45.50 -34.40 -28.52
C GLU E 167 46.05 -35.67 -27.86
N GLY E 171 43.63 -43.63 -33.68
CA GLY E 171 43.17 -42.25 -33.72
C GLY E 171 41.65 -42.12 -33.76
N ASN E 172 40.96 -43.20 -33.39
CA ASN E 172 39.50 -43.24 -33.36
C ASN E 172 38.94 -43.04 -31.96
N PHE E 173 39.65 -42.28 -31.12
CA PHE E 173 39.22 -42.03 -29.75
C PHE E 173 38.31 -40.80 -29.69
N LYS E 174 37.21 -40.87 -30.43
CA LYS E 174 36.25 -39.77 -30.42
C LYS E 174 35.61 -39.64 -29.04
N ASN E 175 35.37 -38.40 -28.65
CA ASN E 175 34.73 -38.08 -27.39
C ASN E 175 33.44 -37.31 -27.63
N LEU E 176 32.45 -37.57 -26.78
CA LEU E 176 31.16 -36.91 -26.82
C LEU E 176 31.07 -35.92 -25.67
N ARG E 177 30.98 -34.64 -25.98
CA ARG E 177 30.81 -33.58 -25.00
C ARG E 177 29.42 -33.01 -25.15
N GLU E 178 28.58 -33.17 -24.14
CA GLU E 178 27.20 -32.71 -24.20
C GLU E 178 27.04 -31.52 -23.25
N PHE E 179 26.38 -30.48 -23.75
CA PHE E 179 26.12 -29.27 -23.00
C PHE E 179 24.65 -28.90 -23.11
N VAL E 180 24.13 -28.29 -22.06
CA VAL E 180 22.79 -27.70 -22.07
C VAL E 180 22.92 -26.26 -21.62
N PHE E 181 22.40 -25.35 -22.44
CA PHE E 181 22.43 -23.92 -22.17
C PHE E 181 21.02 -23.42 -21.93
N LYS E 182 20.81 -22.75 -20.80
CA LYS E 182 19.53 -22.12 -20.50
C LYS E 182 19.75 -20.68 -20.10
N ASN E 183 18.75 -19.85 -20.33
CA ASN E 183 18.78 -18.42 -19.99
C ASN E 183 17.49 -18.10 -19.26
N ILE E 184 17.52 -18.21 -17.93
CA ILE E 184 16.32 -18.10 -17.11
C ILE E 184 16.56 -17.05 -16.03
N ASP E 185 15.65 -16.08 -15.95
CA ASP E 185 15.68 -15.02 -14.92
C ASP E 185 17.02 -14.30 -14.89
N GLY E 186 17.54 -13.97 -16.07
CA GLY E 186 18.80 -13.27 -16.16
C GLY E 186 20.00 -14.10 -15.82
N TYR E 187 19.84 -15.39 -15.58
CA TYR E 187 20.93 -16.30 -15.25
C TYR E 187 21.18 -17.22 -16.43
N PHE E 188 22.44 -17.30 -16.87
CA PHE E 188 22.85 -18.23 -17.91
C PHE E 188 23.36 -19.49 -17.23
N LYS E 189 22.64 -20.59 -17.43
CA LYS E 189 22.93 -21.87 -16.79
C LYS E 189 23.57 -22.80 -17.81
N ILE E 190 24.75 -23.33 -17.49
CA ILE E 190 25.43 -24.27 -18.36
C ILE E 190 25.61 -25.58 -17.61
N TYR E 191 25.12 -26.67 -18.21
CA TYR E 191 25.30 -28.03 -17.72
C TYR E 191 26.16 -28.79 -18.72
N SER E 192 27.00 -29.70 -18.24
CA SER E 192 27.92 -30.39 -19.13
C SER E 192 28.16 -31.82 -18.67
N LYS E 193 28.52 -32.67 -19.62
CA LYS E 193 28.94 -34.03 -19.34
C LYS E 193 29.86 -34.50 -20.46
N HIS E 194 30.90 -35.25 -20.10
CA HIS E 194 31.91 -35.71 -21.05
C HIS E 194 31.98 -37.23 -20.98
N THR E 195 31.85 -37.89 -22.14
CA THR E 195 31.86 -39.34 -22.19
C THR E 195 32.74 -39.83 -23.34
N PRO E 196 33.68 -40.73 -23.07
CA PRO E 196 34.41 -41.39 -24.15
C PRO E 196 33.46 -42.24 -24.99
N ILE E 197 33.60 -42.14 -26.31
CA ILE E 197 32.74 -42.85 -27.24
C ILE E 197 33.61 -43.68 -28.18
N ASN E 198 32.98 -44.70 -28.79
CA ASN E 198 33.72 -45.67 -29.59
C ASN E 198 32.83 -46.22 -30.70
N LEU E 199 33.21 -45.93 -31.94
CA LEU E 199 32.61 -46.54 -33.13
C LEU E 199 31.14 -46.21 -33.32
N VAL E 200 30.67 -45.10 -32.77
CA VAL E 200 29.30 -44.63 -32.99
C VAL E 200 29.38 -43.30 -33.72
N ARG E 201 28.91 -43.28 -34.98
CA ARG E 201 28.96 -42.07 -35.77
C ARG E 201 28.01 -41.01 -35.22
N ASP E 202 26.77 -41.40 -34.96
CA ASP E 202 25.76 -40.46 -34.48
C ASP E 202 25.73 -40.47 -32.95
N LEU E 203 24.70 -39.87 -32.36
CA LEU E 203 24.58 -39.83 -30.92
C LEU E 203 24.39 -41.25 -30.38
N PRO E 204 25.11 -41.64 -29.34
CA PRO E 204 25.00 -43.00 -28.82
C PRO E 204 23.68 -43.23 -28.11
N GLN E 205 23.30 -44.50 -28.03
CA GLN E 205 22.13 -44.92 -27.28
C GLN E 205 22.55 -45.25 -25.85
N GLY E 206 21.92 -44.60 -24.89
CA GLY E 206 22.27 -44.78 -23.50
C GLY E 206 21.77 -43.60 -22.69
N PHE E 207 22.19 -43.57 -21.42
CA PHE E 207 21.79 -42.52 -20.50
C PHE E 207 23.00 -42.01 -19.74
N SER E 208 23.22 -40.69 -19.82
CA SER E 208 24.20 -40.01 -18.98
C SER E 208 23.63 -38.66 -18.60
N ALA E 209 23.55 -38.39 -17.30
CA ALA E 209 22.97 -37.15 -16.79
C ALA E 209 24.00 -36.04 -16.84
N LEU E 210 23.54 -34.84 -17.17
CA LEU E 210 24.42 -33.69 -17.29
C LEU E 210 24.49 -32.95 -15.96
N GLU E 211 25.66 -32.96 -15.34
CA GLU E 211 25.82 -32.26 -14.07
C GLU E 211 25.94 -30.76 -14.30
N PRO E 212 25.45 -29.95 -13.37
CA PRO E 212 25.57 -28.49 -13.53
C PRO E 212 27.04 -28.07 -13.59
N LEU E 213 27.31 -27.07 -14.44
CA LEU E 213 28.66 -26.56 -14.60
C LEU E 213 28.79 -25.13 -14.09
N VAL E 214 28.03 -24.18 -14.64
CA VAL E 214 28.16 -22.78 -14.21
C VAL E 214 26.80 -22.11 -14.18
N ASP E 215 26.71 -21.08 -13.33
CA ASP E 215 25.55 -20.20 -13.21
C ASP E 215 26.08 -18.77 -13.31
N LEU E 216 25.96 -18.16 -14.47
CA LEU E 216 26.48 -16.81 -14.68
C LEU E 216 25.37 -15.78 -14.54
N PRO E 217 25.50 -14.80 -13.64
CA PRO E 217 24.50 -13.74 -13.56
C PRO E 217 24.61 -12.77 -14.72
N ILE E 218 24.33 -13.25 -15.93
CA ILE E 218 24.62 -12.46 -17.13
C ILE E 218 23.59 -11.36 -17.30
N GLY E 219 22.31 -11.71 -17.22
CA GLY E 219 21.25 -10.72 -17.31
C GLY E 219 21.12 -10.02 -18.63
N ILE E 220 21.25 -10.75 -19.74
CA ILE E 220 21.05 -10.21 -21.08
C ILE E 220 20.03 -11.08 -21.81
N ASN E 221 19.58 -10.58 -22.95
CA ASN E 221 18.59 -11.26 -23.77
C ASN E 221 19.29 -12.04 -24.88
N ILE E 222 18.97 -13.32 -25.01
CA ILE E 222 19.57 -14.20 -26.00
C ILE E 222 18.47 -14.76 -26.88
N THR E 223 18.64 -14.63 -28.20
CA THR E 223 17.68 -15.14 -29.16
C THR E 223 18.38 -16.05 -30.18
N ARG E 224 19.62 -15.72 -30.51
CA ARG E 224 20.40 -16.46 -31.48
C ARG E 224 21.74 -16.84 -30.88
N PHE E 225 22.37 -17.85 -31.46
CA PHE E 225 23.71 -18.24 -31.02
C PHE E 225 24.46 -18.83 -32.21
N GLN E 226 25.78 -18.90 -32.07
CA GLN E 226 26.66 -19.39 -33.12
C GLN E 226 27.76 -20.22 -32.47
N THR E 227 28.57 -20.87 -33.32
CA THR E 227 29.61 -21.77 -32.86
C THR E 227 30.97 -21.28 -33.34
N LEU E 228 31.97 -21.38 -32.45
CA LEU E 228 33.34 -21.01 -32.78
C LEU E 228 34.14 -22.25 -33.14
N LEU E 229 34.83 -22.21 -34.28
CA LEU E 229 35.60 -23.33 -34.76
C LEU E 229 37.07 -22.96 -34.86
N ALA E 230 37.92 -23.99 -34.83
CA ALA E 230 39.36 -23.83 -34.91
C ALA E 230 39.81 -24.10 -36.34
N LEU E 231 40.45 -23.12 -36.96
CA LEU E 231 40.98 -23.25 -38.32
C LEU E 231 42.44 -23.65 -38.20
N HIS E 232 42.71 -24.93 -38.45
CA HIS E 232 44.09 -25.42 -38.49
C HIS E 232 44.76 -25.04 -39.81
N ARG E 233 44.02 -25.07 -40.91
CA ARG E 233 44.57 -24.75 -42.21
C ARG E 233 44.74 -23.23 -42.35
N SER E 234 45.29 -22.81 -43.49
CA SER E 234 45.54 -21.40 -43.77
C SER E 234 44.52 -20.89 -44.78
N TYR E 235 43.89 -19.76 -44.46
CA TYR E 235 42.92 -19.17 -45.38
C TYR E 235 43.61 -18.61 -46.61
N LEU E 236 44.79 -18.01 -46.44
CA LEU E 236 45.46 -17.36 -47.56
C LEU E 236 45.80 -18.35 -48.66
N THR E 237 46.29 -19.53 -48.29
CA THR E 237 46.59 -20.60 -49.25
C THR E 237 45.89 -21.87 -48.78
N PRO E 238 44.70 -22.17 -49.31
CA PRO E 238 44.02 -23.42 -48.94
C PRO E 238 44.61 -24.59 -49.71
N GLY E 239 44.99 -25.64 -48.97
CA GLY E 239 45.56 -26.80 -49.60
C GLY E 239 44.53 -27.60 -50.37
N ASP E 240 45.03 -28.45 -51.27
CA ASP E 240 44.15 -29.29 -52.08
C ASP E 240 43.36 -30.25 -51.19
N SER E 241 44.02 -30.86 -50.21
CA SER E 241 43.37 -31.77 -49.27
C SER E 241 44.30 -31.98 -48.09
N SER E 242 43.72 -32.52 -47.00
CA SER E 242 44.44 -32.94 -45.81
C SER E 242 45.03 -31.75 -45.03
N SER E 243 44.86 -30.53 -45.56
CA SER E 243 45.29 -29.37 -44.81
C SER E 243 44.43 -29.17 -43.56
N GLY E 244 43.13 -29.42 -43.68
CA GLY E 244 42.25 -29.43 -42.54
C GLY E 244 42.33 -30.74 -41.78
N TRP E 245 41.32 -30.97 -40.94
CA TRP E 245 41.24 -32.18 -40.12
C TRP E 245 40.30 -33.17 -40.79
N THR E 246 40.88 -34.10 -41.56
CA THR E 246 40.23 -35.25 -42.18
C THR E 246 38.83 -34.95 -42.73
N ALA E 247 38.68 -33.81 -43.40
CA ALA E 247 37.43 -33.44 -44.05
C ALA E 247 36.25 -33.42 -43.07
N GLY E 248 36.50 -32.88 -41.87
CA GLY E 248 35.43 -32.68 -40.91
C GLY E 248 34.75 -33.93 -40.38
N ALA E 249 35.54 -34.92 -39.97
CA ALA E 249 34.96 -36.10 -39.35
C ALA E 249 34.24 -35.73 -38.05
N ALA E 250 34.77 -34.78 -37.31
CA ALA E 250 34.09 -34.27 -36.12
C ALA E 250 32.80 -33.56 -36.52
N ALA E 251 31.83 -33.58 -35.60
CA ALA E 251 30.54 -33.00 -35.90
C ALA E 251 29.87 -32.52 -34.63
N TYR E 252 28.85 -31.67 -34.78
CA TYR E 252 28.08 -31.24 -33.63
C TYR E 252 26.59 -31.24 -33.95
N TYR E 253 25.80 -31.69 -32.98
CA TYR E 253 24.36 -31.84 -33.06
C TYR E 253 23.71 -30.81 -32.15
N VAL E 254 22.63 -30.20 -32.64
CA VAL E 254 21.91 -29.17 -31.90
C VAL E 254 20.45 -29.58 -31.79
N GLY E 255 19.93 -29.58 -30.57
CA GLY E 255 18.51 -29.74 -30.34
C GLY E 255 18.02 -28.62 -29.45
N TYR E 256 16.70 -28.43 -29.42
CA TYR E 256 16.10 -27.32 -28.70
C TYR E 256 15.22 -27.87 -27.58
N LEU E 257 15.42 -27.33 -26.38
CA LEU E 257 14.65 -27.78 -25.23
C LEU E 257 13.21 -27.31 -25.31
N GLN E 258 12.32 -28.03 -24.64
CA GLN E 258 10.91 -27.72 -24.59
C GLN E 258 10.40 -27.97 -23.19
N PRO E 259 9.34 -27.29 -22.77
CA PRO E 259 8.78 -27.56 -21.44
C PRO E 259 8.12 -28.93 -21.36
N ARG E 260 8.76 -29.85 -20.64
CA ARG E 260 8.28 -31.22 -20.52
C ARG E 260 8.33 -31.64 -19.06
N THR E 261 7.52 -32.63 -18.73
CA THR E 261 7.55 -33.28 -17.42
C THR E 261 8.30 -34.60 -17.55
N PHE E 262 9.34 -34.77 -16.74
CA PHE E 262 10.15 -35.97 -16.74
C PHE E 262 10.04 -36.66 -15.39
N LEU E 263 10.19 -37.98 -15.41
CA LEU E 263 10.29 -38.78 -14.20
C LEU E 263 11.73 -39.27 -14.10
N LEU E 264 12.48 -38.74 -13.14
CA LEU E 264 13.88 -39.04 -12.96
C LEU E 264 14.06 -40.00 -11.80
N LYS E 265 14.93 -40.99 -11.98
CA LYS E 265 15.13 -42.06 -11.00
C LYS E 265 16.52 -41.91 -10.39
N TYR E 266 16.58 -41.39 -9.18
CA TYR E 266 17.84 -41.29 -8.45
C TYR E 266 18.11 -42.59 -7.73
N ASN E 267 19.33 -43.11 -7.87
CA ASN E 267 19.73 -44.32 -7.19
C ASN E 267 20.25 -43.98 -5.78
N GLU E 268 20.89 -44.95 -5.13
CA GLU E 268 21.27 -44.75 -3.72
C GLU E 268 22.35 -43.68 -3.59
N ASN E 269 23.26 -43.57 -4.56
CA ASN E 269 24.33 -42.59 -4.46
C ASN E 269 23.87 -41.18 -4.83
N GLY E 270 22.70 -41.04 -5.42
CA GLY E 270 22.18 -39.74 -5.80
C GLY E 270 22.34 -39.36 -7.26
N THR E 271 22.80 -40.28 -8.10
CA THR E 271 23.03 -40.02 -9.52
C THR E 271 21.81 -40.48 -10.31
N ILE E 272 21.30 -39.60 -11.17
CA ILE E 272 20.17 -39.92 -12.04
C ILE E 272 20.56 -41.08 -12.94
N THR E 273 19.85 -42.20 -12.80
CA THR E 273 20.15 -43.40 -13.58
C THR E 273 19.24 -43.58 -14.78
N ASP E 274 17.97 -43.21 -14.66
CA ASP E 274 17.01 -43.36 -15.76
C ASP E 274 16.01 -42.22 -15.71
N ALA E 275 15.34 -42.01 -16.84
CA ALA E 275 14.31 -40.98 -16.93
C ALA E 275 13.23 -41.43 -17.89
N VAL E 276 12.02 -40.92 -17.67
CA VAL E 276 10.86 -41.24 -18.49
C VAL E 276 10.23 -39.93 -18.93
N ASP E 277 10.00 -39.79 -20.24
CA ASP E 277 9.37 -38.62 -20.82
C ASP E 277 7.87 -38.87 -20.87
N CYS E 278 7.12 -38.15 -20.04
CA CYS E 278 5.71 -38.47 -19.84
C CYS E 278 4.86 -38.28 -21.10
N ALA E 279 5.29 -37.43 -22.02
CA ALA E 279 4.49 -37.13 -23.20
C ALA E 279 4.92 -37.92 -24.44
N LEU E 280 5.83 -38.89 -24.28
CA LEU E 280 6.33 -39.62 -25.44
C LEU E 280 5.29 -40.62 -25.96
N ASP E 281 4.90 -41.56 -25.12
CA ASP E 281 4.00 -42.64 -25.51
C ASP E 281 2.98 -42.85 -24.39
N PRO E 282 1.86 -43.52 -24.70
CA PRO E 282 0.90 -43.85 -23.63
C PRO E 282 1.52 -44.65 -22.50
N LEU E 283 2.49 -45.53 -22.79
CA LEU E 283 3.15 -46.27 -21.72
C LEU E 283 3.90 -45.33 -20.79
N SER E 284 4.61 -44.36 -21.35
CA SER E 284 5.34 -43.39 -20.51
C SER E 284 4.37 -42.52 -19.73
N GLU E 285 3.24 -42.15 -20.35
CA GLU E 285 2.21 -41.40 -19.62
C GLU E 285 1.69 -42.20 -18.44
N THR E 286 1.45 -43.49 -18.64
CA THR E 286 1.01 -44.36 -17.54
C THR E 286 2.07 -44.45 -16.45
N LYS E 287 3.34 -44.58 -16.86
CA LYS E 287 4.43 -44.65 -15.87
C LYS E 287 4.47 -43.40 -15.01
N CYS E 288 4.35 -42.23 -15.65
CA CYS E 288 4.34 -40.99 -14.89
C CYS E 288 3.10 -40.88 -14.01
N THR E 289 1.96 -41.38 -14.48
CA THR E 289 0.73 -41.34 -13.68
C THR E 289 0.87 -42.18 -12.43
N LEU E 290 1.46 -43.38 -12.54
CA LEU E 290 1.65 -44.24 -11.38
C LEU E 290 2.87 -43.88 -10.57
N LYS E 291 3.71 -42.98 -11.06
CA LYS E 291 4.98 -42.61 -10.40
C LYS E 291 5.80 -43.88 -10.15
N SER E 292 6.07 -44.59 -11.22
CA SER E 292 6.86 -45.82 -11.17
C SER E 292 7.33 -46.17 -12.57
N PHE E 293 8.41 -46.94 -12.63
CA PHE E 293 8.96 -47.40 -13.90
C PHE E 293 8.42 -48.76 -14.32
N THR E 294 7.56 -49.38 -13.51
CA THR E 294 7.02 -50.69 -13.83
C THR E 294 5.51 -50.73 -13.62
N PHE E 305 -9.96 -36.95 -26.16
CA PHE E 305 -10.92 -36.30 -25.27
C PHE E 305 -10.59 -34.84 -25.07
N ARG E 306 -9.85 -34.27 -26.01
CA ARG E 306 -9.46 -32.87 -25.98
C ARG E 306 -9.58 -32.26 -27.36
N VAL E 307 -10.72 -32.51 -28.01
CA VAL E 307 -10.93 -32.01 -29.38
C VAL E 307 -10.81 -30.49 -29.38
N GLN E 308 -9.90 -29.97 -30.22
CA GLN E 308 -9.50 -28.57 -30.18
C GLN E 308 -10.19 -27.77 -31.27
N PRO E 309 -10.41 -26.47 -31.04
CA PRO E 309 -10.98 -25.60 -32.07
C PRO E 309 -9.91 -25.12 -33.03
N THR E 310 -9.99 -25.58 -34.28
CA THR E 310 -9.02 -25.20 -35.30
C THR E 310 -9.07 -23.71 -35.60
N GLU E 311 -10.20 -23.21 -36.09
CA GLU E 311 -10.34 -21.80 -36.40
C GLU E 311 -11.14 -21.10 -35.30
N SER E 312 -11.47 -19.83 -35.53
CA SER E 312 -12.31 -19.05 -34.63
C SER E 312 -13.34 -18.31 -35.46
N ILE E 313 -14.61 -18.48 -35.13
CA ILE E 313 -15.71 -17.85 -35.85
C ILE E 313 -16.13 -16.59 -35.10
N VAL E 314 -16.19 -15.48 -35.82
CA VAL E 314 -16.57 -14.19 -35.26
C VAL E 314 -17.76 -13.67 -36.06
N ARG E 315 -18.85 -13.36 -35.37
CA ARG E 315 -20.05 -12.80 -35.99
C ARG E 315 -20.50 -11.54 -35.27
N PHE E 316 -20.63 -10.45 -36.02
CA PHE E 316 -21.03 -9.14 -35.55
C PHE E 316 -22.10 -8.56 -36.48
N PRO E 317 -22.97 -7.68 -35.97
CA PRO E 317 -23.98 -7.05 -36.84
C PRO E 317 -23.34 -6.10 -37.84
N ASN E 318 -24.02 -5.94 -38.97
CA ASN E 318 -23.52 -5.07 -40.04
C ASN E 318 -23.96 -3.62 -39.80
N ILE E 319 -23.23 -2.94 -38.93
CA ILE E 319 -23.48 -1.55 -38.60
C ILE E 319 -22.30 -0.72 -39.11
N THR E 320 -22.60 0.32 -39.88
CA THR E 320 -21.58 1.17 -40.48
C THR E 320 -21.45 2.52 -39.79
N ASN E 321 -22.31 2.83 -38.82
CA ASN E 321 -22.28 4.12 -38.16
C ASN E 321 -21.10 4.19 -37.19
N LEU E 322 -20.64 5.42 -36.94
CA LEU E 322 -19.56 5.69 -36.00
C LEU E 322 -20.14 6.37 -34.77
N CYS E 323 -19.73 5.91 -33.59
CA CYS E 323 -20.28 6.45 -32.36
C CYS E 323 -19.91 7.93 -32.21
N PRO E 324 -20.79 8.75 -31.66
CA PRO E 324 -20.52 10.19 -31.56
C PRO E 324 -19.75 10.56 -30.28
N PHE E 325 -18.54 10.01 -30.16
CA PHE E 325 -17.66 10.44 -29.08
C PHE E 325 -17.16 11.85 -29.29
N GLY E 326 -17.03 12.28 -30.55
CA GLY E 326 -16.60 13.64 -30.81
C GLY E 326 -17.56 14.69 -30.30
N GLU E 327 -18.87 14.43 -30.41
CA GLU E 327 -19.86 15.35 -29.88
C GLU E 327 -19.96 15.32 -28.36
N VAL E 328 -19.27 14.39 -27.70
CA VAL E 328 -19.25 14.29 -26.25
C VAL E 328 -17.94 14.82 -25.67
N PHE E 329 -16.82 14.25 -26.13
CA PHE E 329 -15.51 14.66 -25.61
C PHE E 329 -15.05 16.01 -26.13
N ASN E 330 -15.35 16.32 -27.40
CA ASN E 330 -14.93 17.58 -28.00
C ASN E 330 -16.11 18.54 -28.15
N ALA E 331 -17.13 18.38 -27.32
CA ALA E 331 -18.24 19.33 -27.31
C ALA E 331 -17.78 20.68 -26.81
N THR E 332 -18.32 21.75 -27.40
CA THR E 332 -17.91 23.09 -27.02
C THR E 332 -18.42 23.48 -25.62
N ARG E 333 -19.54 22.90 -25.20
CA ARG E 333 -20.14 23.25 -23.91
C ARG E 333 -20.50 21.98 -23.13
N PHE E 334 -20.26 22.04 -21.82
CA PHE E 334 -20.65 20.98 -20.90
C PHE E 334 -21.54 21.60 -19.82
N ALA E 335 -22.63 20.92 -19.51
CA ALA E 335 -23.61 21.46 -18.58
C ALA E 335 -23.04 21.47 -17.15
N SER E 336 -23.77 22.14 -16.26
CA SER E 336 -23.40 22.17 -14.86
C SER E 336 -23.52 20.76 -14.27
N VAL E 337 -23.15 20.64 -13.00
CA VAL E 337 -23.03 19.33 -12.36
C VAL E 337 -24.42 18.90 -11.90
N TYR E 338 -25.44 19.64 -12.30
CA TYR E 338 -26.82 19.35 -11.93
C TYR E 338 -27.57 18.70 -13.08
N ALA E 339 -27.63 19.37 -14.22
CA ALA E 339 -28.50 18.97 -15.32
C ALA E 339 -27.85 17.85 -16.11
N TRP E 340 -28.43 16.66 -16.02
CA TRP E 340 -27.92 15.49 -16.72
C TRP E 340 -28.02 15.72 -18.22
N ASN E 341 -26.87 15.68 -18.90
CA ASN E 341 -26.81 15.83 -20.34
C ASN E 341 -26.25 14.58 -21.00
N ARG E 342 -26.46 13.41 -20.38
CA ARG E 342 -25.79 12.21 -20.87
C ARG E 342 -26.31 11.86 -22.27
N LYS E 343 -25.37 11.54 -23.14
CA LYS E 343 -25.70 11.15 -24.51
C LYS E 343 -25.78 9.63 -24.56
N ARG E 344 -26.85 9.12 -25.13
CA ARG E 344 -27.01 7.68 -25.26
C ARG E 344 -26.49 7.23 -26.62
N ILE E 345 -25.57 6.25 -26.59
CA ILE E 345 -24.92 5.76 -27.79
C ILE E 345 -25.36 4.32 -28.03
N SER E 346 -25.84 4.08 -29.25
CA SER E 346 -26.33 2.80 -29.72
C SER E 346 -26.26 2.82 -31.25
N ASN E 347 -26.51 1.66 -31.85
CA ASN E 347 -26.54 1.47 -33.31
C ASN E 347 -25.38 2.16 -34.01
N CYS E 348 -24.19 2.07 -33.41
CA CYS E 348 -23.00 2.68 -33.97
C CYS E 348 -21.79 1.84 -33.57
N VAL E 349 -20.69 2.04 -34.29
CA VAL E 349 -19.43 1.34 -34.01
C VAL E 349 -18.58 2.22 -33.10
N ALA E 350 -18.12 1.65 -31.99
CA ALA E 350 -17.42 2.39 -30.95
C ALA E 350 -15.92 2.07 -31.01
N ASP E 351 -15.14 3.02 -31.54
CA ASP E 351 -13.69 2.88 -31.58
C ASP E 351 -13.13 3.49 -30.30
N TYR E 352 -12.72 2.63 -29.37
CA TYR E 352 -12.23 3.11 -28.09
C TYR E 352 -10.73 3.39 -28.08
N SER E 353 -9.99 2.85 -29.04
CA SER E 353 -8.56 3.10 -29.09
C SER E 353 -8.24 4.58 -29.25
N VAL E 354 -9.13 5.33 -29.89
CA VAL E 354 -8.91 6.77 -30.08
C VAL E 354 -8.82 7.47 -28.73
N LEU E 355 -9.69 7.10 -27.79
CA LEU E 355 -9.72 7.75 -26.49
C LEU E 355 -8.57 7.28 -25.60
N TYR E 356 -8.38 5.96 -25.49
CA TYR E 356 -7.41 5.41 -24.56
C TYR E 356 -5.98 5.49 -25.06
N ASN E 357 -5.76 5.74 -26.35
CA ASN E 357 -4.43 5.93 -26.89
C ASN E 357 -4.11 7.42 -27.11
N SER E 358 -5.05 8.30 -26.79
CA SER E 358 -4.82 9.73 -26.95
C SER E 358 -3.87 10.26 -25.90
N ALA E 359 -3.87 9.68 -24.70
CA ALA E 359 -2.98 10.06 -23.60
C ALA E 359 -3.18 11.52 -23.19
N SER E 360 -4.34 12.08 -23.51
CA SER E 360 -4.69 13.45 -23.13
C SER E 360 -5.62 13.53 -21.94
N PHE E 361 -6.15 12.39 -21.49
CA PHE E 361 -7.10 12.35 -20.39
C PHE E 361 -6.38 11.91 -19.12
N SER E 362 -6.52 12.71 -18.06
CA SER E 362 -5.76 12.50 -16.84
C SER E 362 -6.24 11.30 -16.03
N THR E 363 -7.50 10.89 -16.18
CA THR E 363 -7.99 9.73 -15.45
C THR E 363 -8.64 8.75 -16.42
N PHE E 364 -8.17 7.50 -16.37
CA PHE E 364 -8.77 6.34 -17.03
C PHE E 364 -9.02 5.31 -15.93
N LYS E 365 -10.22 5.29 -15.38
CA LYS E 365 -10.55 4.35 -14.29
C LYS E 365 -11.72 3.49 -14.72
N CYS E 366 -11.46 2.22 -15.01
CA CYS E 366 -12.47 1.30 -15.49
C CYS E 366 -12.75 0.23 -14.45
N TYR E 367 -14.03 -0.04 -14.22
CA TYR E 367 -14.48 -0.98 -13.20
C TYR E 367 -15.32 -2.06 -13.86
N GLY E 368 -14.98 -3.32 -13.59
CA GLY E 368 -15.66 -4.46 -14.17
C GLY E 368 -15.13 -4.89 -15.52
N VAL E 369 -14.46 -4.00 -16.25
CA VAL E 369 -13.91 -4.29 -17.57
C VAL E 369 -12.53 -3.64 -17.67
N SER E 370 -11.57 -4.39 -18.20
CA SER E 370 -10.26 -3.81 -18.45
C SER E 370 -10.33 -2.82 -19.61
N PRO E 371 -9.53 -1.76 -19.57
CA PRO E 371 -9.65 -0.72 -20.62
C PRO E 371 -9.11 -1.14 -21.97
N THR E 372 -8.37 -2.24 -22.07
CA THR E 372 -7.84 -2.71 -23.34
C THR E 372 -8.74 -3.71 -24.03
N LYS E 373 -9.81 -4.15 -23.40
CA LYS E 373 -10.73 -5.13 -23.98
C LYS E 373 -12.07 -4.54 -24.39
N LEU E 374 -12.27 -3.24 -24.20
CA LEU E 374 -13.51 -2.61 -24.65
C LEU E 374 -13.64 -2.68 -26.16
N ASN E 375 -12.51 -2.71 -26.88
CA ASN E 375 -12.53 -2.81 -28.33
C ASN E 375 -13.10 -4.14 -28.81
N ASP E 376 -13.13 -5.15 -27.94
CA ASP E 376 -13.63 -6.47 -28.30
C ASP E 376 -15.06 -6.71 -27.83
N LEU E 377 -15.47 -6.09 -26.73
CA LEU E 377 -16.76 -6.38 -26.13
C LEU E 377 -17.88 -5.68 -26.89
N CYS E 378 -19.10 -6.18 -26.69
CA CYS E 378 -20.30 -5.63 -27.29
C CYS E 378 -21.31 -5.32 -26.19
N PHE E 379 -21.95 -4.17 -26.27
CA PHE E 379 -22.85 -3.70 -25.23
C PHE E 379 -24.21 -3.36 -25.81
N THR E 380 -25.24 -3.53 -24.98
CA THR E 380 -26.58 -3.17 -25.40
C THR E 380 -26.69 -1.66 -25.64
N ASN E 381 -26.08 -0.87 -24.77
CA ASN E 381 -26.07 0.58 -24.91
C ASN E 381 -24.93 1.13 -24.06
N VAL E 382 -24.53 2.36 -24.36
CA VAL E 382 -23.53 3.05 -23.56
C VAL E 382 -24.01 4.47 -23.27
N TYR E 383 -23.80 4.92 -22.05
CA TYR E 383 -24.28 6.22 -21.59
C TYR E 383 -23.09 7.10 -21.26
N ALA E 384 -23.05 8.31 -21.83
CA ALA E 384 -21.93 9.22 -21.66
C ALA E 384 -22.38 10.42 -20.84
N ASP E 385 -21.90 10.50 -19.59
CA ASP E 385 -22.08 11.67 -18.75
C ASP E 385 -20.95 12.64 -19.04
N SER E 386 -21.29 13.89 -19.39
CA SER E 386 -20.31 14.89 -19.79
C SER E 386 -20.45 16.11 -18.89
N PHE E 387 -19.50 16.32 -17.98
CA PHE E 387 -19.61 17.40 -17.01
C PHE E 387 -18.23 17.92 -16.62
N VAL E 388 -18.20 19.14 -16.08
CA VAL E 388 -16.96 19.78 -15.66
C VAL E 388 -16.92 19.83 -14.14
N ILE E 389 -15.79 19.44 -13.55
CA ILE E 389 -15.64 19.27 -12.12
C ILE E 389 -14.22 19.64 -11.71
N ARG E 390 -14.05 20.09 -10.46
CA ARG E 390 -12.73 20.43 -9.96
C ARG E 390 -11.84 19.20 -9.85
N GLY E 391 -10.53 19.44 -9.90
CA GLY E 391 -9.58 18.35 -9.92
C GLY E 391 -9.56 17.55 -8.62
N ASP E 392 -9.53 18.25 -7.48
CA ASP E 392 -9.52 17.56 -6.19
C ASP E 392 -10.77 16.72 -5.98
N GLU E 393 -11.85 17.03 -6.69
CA GLU E 393 -13.09 16.27 -6.61
C GLU E 393 -13.16 15.15 -7.64
N VAL E 394 -12.19 15.08 -8.56
CA VAL E 394 -12.20 14.02 -9.57
C VAL E 394 -12.09 12.65 -8.91
N ARG E 395 -11.32 12.55 -7.83
CA ARG E 395 -11.22 11.30 -7.09
C ARG E 395 -12.55 10.86 -6.48
N GLN E 396 -13.59 11.70 -6.56
CA GLN E 396 -14.89 11.35 -6.00
C GLN E 396 -15.81 10.69 -7.02
N ILE E 397 -15.41 10.60 -8.29
CA ILE E 397 -16.19 9.91 -9.31
C ILE E 397 -15.61 8.51 -9.44
N ALA E 398 -16.11 7.59 -8.61
CA ALA E 398 -15.75 6.18 -8.59
C ALA E 398 -16.70 5.46 -7.63
N PRO E 399 -16.97 4.17 -7.83
CA PRO E 399 -17.97 3.51 -6.99
C PRO E 399 -17.50 3.34 -5.56
N GLY E 400 -18.46 3.40 -4.64
CA GLY E 400 -18.20 3.18 -3.23
C GLY E 400 -17.61 4.34 -2.48
N GLN E 401 -17.50 5.52 -3.09
CA GLN E 401 -16.89 6.67 -2.47
C GLN E 401 -17.94 7.62 -1.90
N THR E 402 -17.47 8.53 -1.05
CA THR E 402 -18.31 9.54 -0.42
C THR E 402 -17.73 10.91 -0.72
N GLY E 403 -18.40 11.95 -0.24
CA GLY E 403 -18.04 13.32 -0.51
C GLY E 403 -19.21 14.10 -1.07
N LYS E 404 -18.99 15.41 -1.20
CA LYS E 404 -20.06 16.29 -1.67
C LYS E 404 -20.52 15.91 -3.07
N ILE E 405 -19.60 15.50 -3.94
CA ILE E 405 -20.00 15.05 -5.27
C ILE E 405 -20.55 13.63 -5.22
N ALA E 406 -19.87 12.74 -4.51
CA ALA E 406 -20.30 11.35 -4.45
C ALA E 406 -21.60 11.16 -3.67
N ASP E 407 -22.03 12.17 -2.91
CA ASP E 407 -23.26 12.07 -2.13
C ASP E 407 -24.35 13.05 -2.56
N TYR E 408 -23.98 14.29 -2.90
CA TYR E 408 -24.95 15.36 -3.09
C TYR E 408 -25.10 15.81 -4.55
N ASN E 409 -24.24 15.34 -5.47
CA ASN E 409 -24.40 15.68 -6.87
C ASN E 409 -24.53 14.46 -7.78
N TYR E 410 -23.61 13.49 -7.69
CA TYR E 410 -23.65 12.33 -8.57
C TYR E 410 -23.18 11.10 -7.82
N LYS E 411 -24.08 10.14 -7.63
CA LYS E 411 -23.81 8.93 -6.87
C LYS E 411 -23.47 7.78 -7.81
N LEU E 412 -22.53 6.93 -7.38
CA LEU E 412 -22.12 5.78 -8.17
C LEU E 412 -22.39 4.51 -7.38
N PRO E 413 -23.14 3.55 -7.94
CA PRO E 413 -23.36 2.29 -7.21
C PRO E 413 -22.09 1.47 -7.14
N ASP E 414 -22.01 0.63 -6.10
CA ASP E 414 -20.82 -0.16 -5.84
C ASP E 414 -20.54 -1.21 -6.91
N ASP E 415 -21.50 -1.50 -7.78
CA ASP E 415 -21.39 -2.57 -8.78
C ASP E 415 -21.26 -2.01 -10.18
N PHE E 416 -20.51 -0.92 -10.32
CA PHE E 416 -20.40 -0.22 -11.60
C PHE E 416 -19.58 -1.07 -12.58
N THR E 417 -20.05 -1.10 -13.84
CA THR E 417 -19.32 -1.68 -14.97
C THR E 417 -19.17 -0.59 -16.02
N GLY E 418 -18.02 0.07 -16.05
CA GLY E 418 -17.81 1.17 -16.96
C GLY E 418 -16.57 1.96 -16.60
N CYS E 419 -16.35 3.04 -17.37
CA CYS E 419 -15.10 3.78 -17.30
C CYS E 419 -15.34 5.26 -17.06
N VAL E 420 -14.59 5.83 -16.13
CA VAL E 420 -14.53 7.26 -15.90
C VAL E 420 -13.27 7.79 -16.58
N ILE E 421 -13.44 8.83 -17.40
CA ILE E 421 -12.35 9.43 -18.17
C ILE E 421 -12.38 10.92 -17.92
N ALA E 422 -11.22 11.53 -17.69
CA ALA E 422 -11.23 12.97 -17.45
C ALA E 422 -9.90 13.59 -17.85
N TRP E 423 -9.97 14.85 -18.28
CA TRP E 423 -8.81 15.60 -18.74
C TRP E 423 -8.89 17.04 -18.28
N ASN E 424 -7.76 17.75 -18.42
CA ASN E 424 -7.68 19.15 -18.03
C ASN E 424 -8.44 20.04 -18.99
N SER E 425 -9.09 21.06 -18.45
CA SER E 425 -9.85 22.04 -19.22
C SER E 425 -9.57 23.45 -18.74
N ASN E 426 -8.30 23.76 -18.47
CA ASN E 426 -7.94 25.10 -18.02
C ASN E 426 -8.07 26.11 -19.15
N ASN E 427 -7.56 25.78 -20.33
CA ASN E 427 -7.56 26.69 -21.47
C ASN E 427 -8.88 26.70 -22.22
N LEU E 428 -9.84 25.88 -21.82
CA LEU E 428 -11.14 25.80 -22.48
C LEU E 428 -12.30 26.30 -21.64
N ASP E 429 -12.25 26.08 -20.32
CA ASP E 429 -13.38 26.42 -19.45
C ASP E 429 -13.12 27.60 -18.54
N SER E 430 -11.89 28.07 -18.42
CA SER E 430 -11.56 29.15 -17.50
C SER E 430 -11.43 30.47 -18.25
N LYS E 431 -11.91 31.55 -17.61
CA LYS E 431 -11.77 32.90 -18.13
C LYS E 431 -11.11 33.78 -17.07
N VAL E 432 -10.67 34.96 -17.51
CA VAL E 432 -9.95 35.86 -16.62
C VAL E 432 -10.83 36.31 -15.46
N GLY E 433 -12.08 36.65 -15.74
CA GLY E 433 -12.98 37.16 -14.73
C GLY E 433 -13.66 36.13 -13.87
N GLY E 434 -13.37 34.84 -14.07
CA GLY E 434 -14.02 33.80 -13.30
C GLY E 434 -15.31 33.32 -13.96
N ASN E 435 -15.45 32.00 -14.12
CA ASN E 435 -16.59 31.42 -14.83
C ASN E 435 -17.54 30.82 -13.79
N TYR E 436 -18.56 31.59 -13.45
CA TYR E 436 -19.56 31.20 -12.47
C TYR E 436 -20.79 30.57 -13.12
N ASN E 437 -20.64 30.01 -14.32
CA ASN E 437 -21.73 29.28 -14.96
C ASN E 437 -21.81 27.83 -14.50
N TYR E 438 -20.83 27.35 -13.74
CA TYR E 438 -20.81 26.00 -13.20
C TYR E 438 -21.24 26.07 -11.73
N LEU E 439 -22.28 25.31 -11.37
CA LEU E 439 -22.95 25.46 -10.11
C LEU E 439 -22.90 24.17 -9.31
N TYR E 440 -22.86 24.29 -7.97
CA TYR E 440 -22.65 23.15 -7.08
C TYR E 440 -23.55 23.26 -5.86
N ARG E 441 -23.94 22.11 -5.31
CA ARG E 441 -24.63 22.03 -4.03
C ARG E 441 -23.66 21.67 -2.90
N LEU E 442 -23.90 22.29 -1.74
CA LEU E 442 -23.32 21.82 -0.49
C LEU E 442 -24.36 21.29 0.49
N PHE E 443 -25.65 21.54 0.24
CA PHE E 443 -26.71 21.18 1.16
C PHE E 443 -27.79 20.41 0.42
N ARG E 444 -28.20 19.27 0.99
CA ARG E 444 -29.42 18.59 0.60
C ARG E 444 -30.06 17.98 1.83
N LYS E 445 -31.35 17.69 1.73
CA LYS E 445 -32.06 17.04 2.83
C LYS E 445 -31.58 15.62 3.05
N SER E 446 -31.22 14.90 1.98
CA SER E 446 -30.79 13.52 2.09
C SER E 446 -29.89 13.20 0.91
N ASN E 447 -29.16 12.10 1.04
CA ASN E 447 -28.32 11.62 -0.04
C ASN E 447 -29.17 11.00 -1.14
N LEU E 448 -28.55 10.83 -2.30
CA LEU E 448 -29.24 10.36 -3.50
C LEU E 448 -29.28 8.84 -3.54
N LYS E 449 -30.08 8.33 -4.47
CA LYS E 449 -29.90 6.99 -5.01
C LYS E 449 -29.00 7.07 -6.23
N PRO E 450 -28.28 6.02 -6.62
CA PRO E 450 -27.38 6.15 -7.78
C PRO E 450 -28.16 6.49 -9.05
N PHE E 451 -27.55 7.35 -9.86
CA PHE E 451 -28.13 7.88 -11.10
C PHE E 451 -29.37 8.75 -10.85
N GLU E 452 -29.64 9.15 -9.60
CA GLU E 452 -30.68 10.13 -9.37
C GLU E 452 -30.18 11.51 -9.76
N ARG E 453 -31.09 12.32 -10.31
CA ARG E 453 -30.75 13.54 -11.02
C ARG E 453 -31.69 14.65 -10.59
N ASP E 454 -31.25 15.49 -9.66
CA ASP E 454 -32.09 16.52 -9.05
C ASP E 454 -31.67 17.90 -9.55
N ILE E 455 -32.62 18.63 -10.13
CA ILE E 455 -32.39 19.99 -10.59
C ILE E 455 -33.30 20.98 -9.85
N SER E 456 -33.79 20.59 -8.67
CA SER E 456 -34.65 21.48 -7.90
C SER E 456 -33.85 22.67 -7.36
N THR E 457 -34.51 23.83 -7.29
CA THR E 457 -33.90 25.04 -6.79
C THR E 457 -34.50 25.49 -5.46
N GLU E 458 -35.16 24.59 -4.73
CA GLU E 458 -35.78 24.95 -3.46
C GLU E 458 -34.72 25.35 -2.45
N ILE E 459 -35.00 26.43 -1.71
CA ILE E 459 -34.08 26.90 -0.69
C ILE E 459 -34.16 25.97 0.52
N TYR E 460 -32.99 25.50 0.97
CA TYR E 460 -32.94 24.53 2.06
C TYR E 460 -33.08 25.22 3.41
N GLN E 461 -33.70 24.50 4.35
CA GLN E 461 -33.96 25.01 5.70
C GLN E 461 -32.86 24.51 6.62
N ALA E 462 -31.87 25.37 6.86
CA ALA E 462 -30.77 24.99 7.77
C ALA E 462 -31.20 25.04 9.23
N GLY E 463 -32.14 25.91 9.56
CA GLY E 463 -32.64 26.06 10.91
C GLY E 463 -33.93 25.29 11.14
N SER E 464 -34.69 25.75 12.15
CA SER E 464 -35.96 25.14 12.49
C SER E 464 -37.16 25.83 11.86
N THR E 465 -37.00 27.08 11.42
CA THR E 465 -38.06 27.85 10.80
C THR E 465 -38.10 27.59 9.29
N PRO E 466 -39.27 27.66 8.67
CA PRO E 466 -39.36 27.41 7.23
C PRO E 466 -38.89 28.62 6.43
N CYS E 467 -38.33 28.32 5.26
CA CYS E 467 -37.83 29.36 4.36
C CYS E 467 -38.89 29.85 3.39
N ASN E 468 -39.80 28.96 2.96
CA ASN E 468 -40.88 29.31 2.04
C ASN E 468 -40.34 29.89 0.73
N GLY E 469 -39.21 29.36 0.27
CA GLY E 469 -38.60 29.82 -0.95
C GLY E 469 -37.91 31.15 -0.87
N VAL E 470 -37.66 31.67 0.34
CA VAL E 470 -37.01 32.95 0.54
C VAL E 470 -35.78 32.74 1.42
N GLU E 471 -34.64 33.27 0.97
CA GLU E 471 -33.42 33.17 1.75
C GLU E 471 -33.49 34.08 2.98
N GLY E 472 -32.55 33.86 3.89
CA GLY E 472 -32.49 34.65 5.12
C GLY E 472 -31.61 33.99 6.14
N PHE E 473 -32.02 34.08 7.40
CA PHE E 473 -31.32 33.40 8.48
C PHE E 473 -31.54 31.90 8.37
N ASN E 474 -30.44 31.15 8.22
CA ASN E 474 -30.47 29.69 8.06
C ASN E 474 -31.29 29.28 6.84
N CYS E 475 -31.23 30.09 5.79
CA CYS E 475 -31.87 29.78 4.52
C CYS E 475 -30.90 30.13 3.40
N TYR E 476 -30.57 29.14 2.57
CA TYR E 476 -29.57 29.32 1.54
C TYR E 476 -30.05 28.71 0.23
N PHE E 477 -29.64 29.32 -0.88
CA PHE E 477 -29.85 28.72 -2.18
C PHE E 477 -29.06 27.42 -2.29
N PRO E 478 -29.55 26.44 -3.06
CA PRO E 478 -28.75 25.23 -3.28
C PRO E 478 -27.52 25.47 -4.11
N LEU E 479 -27.45 26.61 -4.81
CA LEU E 479 -26.49 26.83 -5.89
C LEU E 479 -25.39 27.76 -5.41
N GLN E 480 -24.16 27.25 -5.37
CA GLN E 480 -22.98 28.10 -5.31
C GLN E 480 -22.23 28.04 -6.64
N SER E 481 -21.46 29.08 -6.91
CA SER E 481 -20.70 29.19 -8.15
C SER E 481 -19.23 28.91 -7.90
N TYR E 482 -18.55 28.38 -8.91
CA TYR E 482 -17.16 28.00 -8.81
C TYR E 482 -16.31 29.01 -9.57
N GLY E 483 -15.28 29.52 -8.90
CA GLY E 483 -14.41 30.52 -9.51
C GLY E 483 -13.34 29.92 -10.40
N PHE E 484 -13.73 29.39 -11.55
CA PHE E 484 -12.77 28.85 -12.49
C PHE E 484 -11.99 29.98 -13.15
N GLN E 485 -10.69 30.04 -12.88
CA GLN E 485 -9.79 31.05 -13.41
C GLN E 485 -8.53 30.38 -13.93
N PRO E 486 -7.87 30.99 -14.92
CA PRO E 486 -6.67 30.35 -15.49
C PRO E 486 -5.45 30.41 -14.58
N THR E 487 -5.50 31.20 -13.50
CA THR E 487 -4.42 31.27 -12.53
C THR E 487 -4.62 30.33 -11.35
N ASN E 488 -5.70 29.56 -11.34
CA ASN E 488 -5.97 28.65 -10.24
C ASN E 488 -4.98 27.50 -10.24
N GLY E 489 -4.81 26.89 -9.06
CA GLY E 489 -3.92 25.76 -8.91
C GLY E 489 -4.52 24.48 -9.48
N VAL E 490 -3.74 23.40 -9.35
CA VAL E 490 -4.17 22.11 -9.88
C VAL E 490 -5.44 21.65 -9.18
N GLY E 491 -5.58 21.93 -7.88
CA GLY E 491 -6.74 21.49 -7.15
C GLY E 491 -8.02 22.21 -7.52
N TYR E 492 -7.90 23.42 -8.09
CA TYR E 492 -9.07 24.25 -8.37
C TYR E 492 -9.32 24.51 -9.84
N GLN E 493 -8.49 23.98 -10.74
CA GLN E 493 -8.74 24.16 -12.16
C GLN E 493 -9.88 23.24 -12.61
N PRO E 494 -10.57 23.60 -13.69
CA PRO E 494 -11.66 22.74 -14.17
C PRO E 494 -11.14 21.52 -14.91
N TYR E 495 -11.95 20.46 -14.87
CA TYR E 495 -11.62 19.17 -15.47
C TYR E 495 -12.85 18.68 -16.21
N ARG E 496 -12.68 18.32 -17.48
CA ARG E 496 -13.78 17.78 -18.27
C ARG E 496 -13.81 16.27 -18.11
N VAL E 497 -14.97 15.75 -17.70
CA VAL E 497 -15.13 14.36 -17.28
C VAL E 497 -16.26 13.74 -18.07
N VAL E 498 -16.02 12.55 -18.61
CA VAL E 498 -17.03 11.73 -19.25
C VAL E 498 -17.07 10.38 -18.53
N VAL E 499 -18.25 10.02 -18.05
CA VAL E 499 -18.50 8.71 -17.45
C VAL E 499 -19.23 7.86 -18.48
N LEU E 500 -18.57 6.83 -18.97
CA LEU E 500 -19.13 5.91 -19.96
C LEU E 500 -19.59 4.67 -19.22
N SER E 501 -20.90 4.54 -19.04
CA SER E 501 -21.50 3.35 -18.45
C SER E 501 -21.88 2.40 -19.57
N PHE E 502 -21.29 1.21 -19.55
CA PHE E 502 -21.51 0.17 -20.55
C PHE E 502 -22.55 -0.79 -20.00
N GLU E 503 -23.50 -1.23 -20.82
CA GLU E 503 -24.49 -2.18 -20.35
C GLU E 503 -24.30 -3.54 -21.01
N LEU E 504 -24.09 -4.56 -20.19
CA LEU E 504 -23.92 -5.95 -20.62
C LEU E 504 -25.11 -6.74 -20.10
N LEU E 505 -26.11 -6.94 -20.95
CA LEU E 505 -27.31 -7.69 -20.59
C LEU E 505 -27.56 -8.79 -21.61
N HIS E 506 -28.54 -9.63 -21.32
CA HIS E 506 -28.95 -10.70 -22.23
C HIS E 506 -29.88 -10.15 -23.30
N ALA E 507 -29.35 -9.16 -24.04
CA ALA E 507 -30.07 -8.45 -25.07
C ALA E 507 -29.10 -8.20 -26.22
N PRO E 508 -29.61 -8.04 -27.45
CA PRO E 508 -28.70 -7.81 -28.57
C PRO E 508 -27.98 -6.48 -28.44
N ALA E 509 -26.72 -6.46 -28.91
CA ALA E 509 -25.85 -5.32 -28.76
C ALA E 509 -26.02 -4.34 -29.92
N THR E 510 -25.77 -3.07 -29.63
CA THR E 510 -25.88 -2.01 -30.62
C THR E 510 -24.63 -1.16 -30.75
N VAL E 511 -23.70 -1.23 -29.79
CA VAL E 511 -22.46 -0.45 -29.84
C VAL E 511 -21.29 -1.39 -29.97
N CYS E 512 -21.48 -2.48 -30.73
CA CYS E 512 -20.41 -3.44 -30.98
C CYS E 512 -19.13 -2.72 -31.42
N GLY E 513 -18.00 -3.14 -30.86
CA GLY E 513 -16.74 -2.48 -31.13
C GLY E 513 -16.22 -2.80 -32.51
N PRO E 514 -15.05 -2.23 -32.82
CA PRO E 514 -14.45 -2.41 -34.15
C PRO E 514 -13.77 -3.77 -34.32
N LYS E 515 -14.59 -4.79 -34.48
CA LYS E 515 -14.15 -6.14 -34.77
C LYS E 515 -14.50 -6.45 -36.22
N LYS E 516 -14.13 -7.64 -36.68
CA LYS E 516 -14.34 -8.02 -38.07
C LYS E 516 -15.06 -9.36 -38.09
N SER E 517 -16.35 -9.33 -38.45
CA SER E 517 -17.13 -10.56 -38.54
C SER E 517 -16.58 -11.47 -39.62
N THR E 518 -16.59 -12.78 -39.37
CA THR E 518 -16.01 -13.77 -40.25
C THR E 518 -17.12 -14.66 -40.83
N ASN E 519 -16.70 -15.68 -41.58
CA ASN E 519 -17.61 -16.59 -42.25
C ASN E 519 -18.13 -17.65 -41.28
N LEU E 520 -18.85 -18.64 -41.81
CA LEU E 520 -19.52 -19.66 -41.00
C LEU E 520 -18.90 -21.02 -41.26
N VAL E 521 -18.55 -21.73 -40.20
CA VAL E 521 -18.11 -23.12 -40.27
C VAL E 521 -19.07 -23.94 -39.45
N LYS E 522 -19.92 -24.71 -40.11
CA LYS E 522 -20.93 -25.52 -39.45
C LYS E 522 -20.40 -26.92 -39.15
N ASN E 523 -20.95 -27.52 -38.10
CA ASN E 523 -20.68 -28.91 -37.75
C ASN E 523 -19.20 -29.18 -37.50
N LYS E 524 -18.47 -28.15 -37.05
CA LYS E 524 -17.05 -28.29 -36.75
C LYS E 524 -16.75 -27.58 -35.44
N CYS E 525 -15.78 -28.12 -34.71
CA CYS E 525 -15.37 -27.50 -33.45
C CYS E 525 -14.72 -26.15 -33.73
N VAL E 526 -15.11 -25.14 -32.98
CA VAL E 526 -14.63 -23.79 -33.23
C VAL E 526 -14.77 -22.95 -31.97
N ASN E 527 -13.85 -21.99 -31.82
CA ASN E 527 -14.06 -20.86 -30.94
C ASN E 527 -15.04 -19.90 -31.60
N PHE E 528 -16.10 -19.54 -30.88
CA PHE E 528 -17.16 -18.72 -31.47
C PHE E 528 -17.44 -17.50 -30.60
N ASN E 529 -17.97 -16.48 -31.27
CA ASN E 529 -18.31 -15.20 -30.63
C ASN E 529 -19.61 -14.70 -31.27
N PHE E 530 -20.70 -14.85 -30.54
CA PHE E 530 -22.03 -14.43 -31.01
C PHE E 530 -22.45 -13.21 -30.22
N ASN E 531 -22.44 -12.05 -30.87
CA ASN E 531 -22.88 -10.76 -30.33
C ASN E 531 -22.20 -10.41 -29.00
N GLY E 532 -21.05 -11.01 -28.72
CA GLY E 532 -20.31 -10.78 -27.50
C GLY E 532 -20.13 -12.01 -26.64
N LEU E 533 -20.99 -13.01 -26.77
CA LEU E 533 -20.84 -14.26 -26.06
C LEU E 533 -19.71 -15.06 -26.70
N THR E 534 -18.61 -15.25 -25.97
CA THR E 534 -17.45 -15.99 -26.45
C THR E 534 -17.40 -17.37 -25.80
N GLY E 535 -17.07 -18.37 -26.60
CA GLY E 535 -17.00 -19.72 -26.07
C GLY E 535 -16.38 -20.66 -27.08
N THR E 536 -16.42 -21.95 -26.73
CA THR E 536 -15.84 -23.01 -27.56
C THR E 536 -16.86 -24.13 -27.72
N GLY E 537 -17.06 -24.59 -28.95
CA GLY E 537 -17.95 -25.72 -29.15
C GLY E 537 -18.22 -25.95 -30.63
N VAL E 538 -19.16 -26.85 -30.89
CA VAL E 538 -19.59 -27.19 -32.24
C VAL E 538 -21.03 -26.77 -32.39
N LEU E 539 -21.42 -26.45 -33.62
CA LEU E 539 -22.74 -25.91 -33.92
C LEU E 539 -23.50 -26.86 -34.84
N THR E 540 -24.78 -27.05 -34.56
CA THR E 540 -25.64 -27.84 -35.43
C THR E 540 -26.95 -27.11 -35.67
N GLU E 541 -27.62 -27.49 -36.74
CA GLU E 541 -28.91 -26.91 -37.08
C GLU E 541 -29.96 -27.39 -36.08
N SER E 542 -30.75 -26.45 -35.57
CA SER E 542 -31.70 -26.73 -34.50
C SER E 542 -33.12 -26.45 -34.98
N ASN E 543 -34.04 -27.34 -34.61
CA ASN E 543 -35.45 -27.18 -34.94
C ASN E 543 -36.19 -26.34 -33.91
N LYS E 544 -35.50 -25.83 -32.89
CA LYS E 544 -36.13 -24.97 -31.89
C LYS E 544 -36.62 -23.68 -32.53
N LYS E 545 -37.70 -23.14 -31.99
CA LYS E 545 -38.29 -21.90 -32.45
C LYS E 545 -38.09 -20.82 -31.39
N PHE E 546 -37.54 -19.69 -31.81
CA PHE E 546 -37.29 -18.56 -30.92
C PHE E 546 -38.35 -17.49 -31.15
N LEU E 547 -38.92 -16.99 -30.05
CA LEU E 547 -39.80 -15.85 -30.15
C LEU E 547 -39.00 -14.61 -30.49
N PRO E 548 -39.56 -13.70 -31.29
CA PRO E 548 -38.77 -12.56 -31.81
C PRO E 548 -37.92 -11.83 -30.79
N PHE E 549 -38.35 -11.79 -29.52
CA PHE E 549 -37.57 -11.11 -28.50
C PHE E 549 -36.48 -11.99 -27.89
N GLN E 550 -36.47 -13.29 -28.22
CA GLN E 550 -35.52 -14.23 -27.64
C GLN E 550 -34.28 -14.31 -28.50
N GLN E 551 -33.11 -14.21 -27.88
CA GLN E 551 -31.83 -14.26 -28.58
C GLN E 551 -30.97 -15.46 -28.18
N PHE E 552 -30.99 -15.86 -26.92
CA PHE E 552 -30.23 -16.99 -26.43
C PHE E 552 -31.16 -18.13 -26.03
N GLY E 553 -30.54 -19.23 -25.61
CA GLY E 553 -31.30 -20.37 -25.12
C GLY E 553 -30.55 -21.10 -24.03
N ARG E 554 -31.25 -21.50 -22.96
CA ARG E 554 -30.63 -22.22 -21.86
C ARG E 554 -31.67 -23.16 -21.27
N ASP E 555 -31.65 -24.42 -21.73
CA ASP E 555 -32.56 -25.42 -21.19
C ASP E 555 -32.11 -25.93 -19.83
N ILE E 556 -30.81 -25.84 -19.53
CA ILE E 556 -30.27 -26.31 -18.26
C ILE E 556 -29.90 -25.16 -17.33
N ALA E 557 -29.92 -23.92 -17.82
CA ALA E 557 -29.79 -22.65 -17.09
C ALA E 557 -28.36 -22.32 -16.68
N ASP E 558 -27.36 -23.12 -17.06
CA ASP E 558 -25.96 -22.76 -16.81
C ASP E 558 -25.08 -22.85 -18.04
N THR E 559 -25.56 -23.42 -19.15
CA THR E 559 -24.83 -23.41 -20.42
C THR E 559 -25.80 -23.02 -21.52
N THR E 560 -25.31 -22.22 -22.47
CA THR E 560 -26.12 -21.74 -23.59
C THR E 560 -26.16 -22.83 -24.66
N ASP E 561 -27.24 -23.60 -24.70
CA ASP E 561 -27.33 -24.70 -25.66
C ASP E 561 -27.62 -24.18 -27.07
N ALA E 562 -28.47 -23.17 -27.19
CA ALA E 562 -28.88 -22.66 -28.50
C ALA E 562 -28.62 -21.15 -28.56
N VAL E 563 -28.56 -20.64 -29.80
CA VAL E 563 -28.20 -19.26 -30.05
C VAL E 563 -28.84 -18.88 -31.39
N ARG E 564 -29.12 -17.58 -31.56
CA ARG E 564 -29.60 -17.04 -32.82
C ARG E 564 -28.46 -16.32 -33.52
N ASP E 565 -28.23 -16.68 -34.78
CA ASP E 565 -27.19 -16.03 -35.57
C ASP E 565 -27.62 -14.59 -35.85
N PRO E 566 -26.80 -13.58 -35.52
CA PRO E 566 -27.19 -12.20 -35.83
C PRO E 566 -27.33 -11.93 -37.32
N GLN E 567 -26.58 -12.60 -38.18
CA GLN E 567 -26.66 -12.31 -39.61
C GLN E 567 -27.85 -12.99 -40.26
N THR E 568 -27.90 -14.32 -40.22
CA THR E 568 -29.06 -15.07 -40.70
C THR E 568 -29.90 -15.50 -39.52
N LEU E 569 -31.21 -15.48 -39.68
CA LEU E 569 -32.12 -15.74 -38.56
C LEU E 569 -32.27 -17.22 -38.25
N GLU E 570 -31.38 -18.08 -38.74
CA GLU E 570 -31.45 -19.51 -38.47
C GLU E 570 -30.98 -19.75 -37.03
N ILE E 571 -31.66 -20.66 -36.35
CA ILE E 571 -31.39 -20.93 -34.94
C ILE E 571 -30.43 -22.11 -34.84
N LEU E 572 -29.24 -21.87 -34.30
CA LEU E 572 -28.18 -22.87 -34.25
C LEU E 572 -27.96 -23.30 -32.80
N ASP E 573 -27.92 -24.59 -32.55
CA ASP E 573 -27.67 -25.09 -31.20
C ASP E 573 -26.20 -25.44 -31.03
N ILE E 574 -25.72 -25.30 -29.79
CA ILE E 574 -24.31 -25.42 -29.47
C ILE E 574 -24.12 -26.66 -28.62
N THR E 575 -23.25 -27.56 -29.07
CA THR E 575 -22.84 -28.76 -28.36
C THR E 575 -21.39 -28.62 -27.90
N PRO E 576 -21.08 -29.03 -26.67
CA PRO E 576 -19.69 -28.95 -26.20
C PRO E 576 -18.75 -29.74 -27.10
N CYS E 577 -17.59 -29.16 -27.38
CA CYS E 577 -16.61 -29.81 -28.23
C CYS E 577 -16.08 -31.10 -27.62
N SER E 578 -15.79 -31.08 -26.32
CA SER E 578 -15.08 -32.18 -25.68
C SER E 578 -15.80 -33.50 -25.89
N PHE E 579 -15.08 -34.48 -26.40
CA PHE E 579 -15.64 -35.80 -26.66
C PHE E 579 -15.61 -36.62 -25.38
C1 NAG F . -31.72 11.24 33.69
C2 NAG F . -33.09 11.18 34.36
C3 NAG F . -32.95 11.01 35.88
C4 NAG F . -32.05 9.83 36.20
C5 NAG F . -30.70 10.00 35.49
C6 NAG F . -29.76 8.83 35.70
C7 NAG F . -34.63 12.47 32.96
C8 NAG F . -35.38 13.75 32.80
N2 NAG F . -33.88 12.36 34.05
O3 NAG F . -34.23 10.81 36.45
O4 NAG F . -31.83 9.75 37.61
O5 NAG F . -30.93 10.10 34.07
O6 NAG F . -29.69 8.01 34.55
O7 NAG F . -34.70 11.58 32.12
C1 NAG G . -12.62 25.86 13.82
C2 NAG G . -13.87 25.01 14.07
C3 NAG G . -14.76 24.98 12.83
C4 NAG G . -15.08 26.39 12.36
C5 NAG G . -13.79 27.17 12.16
C6 NAG G . -14.02 28.62 11.79
C7 NAG G . -14.11 22.99 15.45
C8 NAG G . -13.61 21.61 15.72
N2 NAG G . -13.50 23.66 14.46
O3 NAG G . -15.96 24.28 13.12
O4 NAG G . -15.81 26.35 11.14
O5 NAG G . -13.03 27.18 13.37
O6 NAG G . -14.50 28.75 10.46
O7 NAG G . -15.02 23.49 16.11
C1 NAG H . 36.83 -21.85 4.42
C2 NAG H . 37.65 -23.01 3.86
C3 NAG H . 38.13 -23.91 5.00
C4 NAG H . 38.86 -23.10 6.05
C5 NAG H . 38.00 -21.93 6.52
C6 NAG H . 38.70 -21.01 7.47
C7 NAG H . 37.45 -24.57 1.97
C8 NAG H . 36.50 -25.28 1.05
N2 NAG H . 36.89 -23.77 2.89
O3 NAG H . 38.99 -24.93 4.48
O4 NAG H . 39.19 -23.92 7.17
O5 NAG H . 37.60 -21.14 5.39
O6 NAG H . 39.54 -20.09 6.78
O7 NAG H . 38.67 -24.72 1.90
C1 NAG I . 43.46 1.79 3.15
C2 NAG I . 44.53 2.44 4.04
C3 NAG I . 43.97 2.90 5.41
C4 NAG I . 42.77 2.11 5.92
C5 NAG I . 41.97 1.45 4.82
C6 NAG I . 40.47 1.48 5.06
C7 NAG I . 46.57 1.34 3.24
C8 NAG I . 47.69 0.40 3.58
N2 NAG I . 45.67 1.56 4.20
O3 NAG I . 43.67 4.29 5.36
O4 NAG I . 43.18 1.13 6.87
O5 NAG I . 42.21 2.13 3.59
O6 NAG I . 40.12 0.64 6.15
O7 NAG I . 46.48 1.88 2.14
C1 NAG J . 3.96 22.60 40.06
C2 NAG J . 5.34 22.20 39.49
C3 NAG J . 6.30 23.41 39.45
C4 NAG J . 5.61 24.63 38.84
C5 NAG J . 4.25 24.86 39.48
C6 NAG J . 3.49 26.01 38.87
C7 NAG J . 6.34 20.96 41.48
C8 NAG J . 6.13 22.17 42.37
N2 NAG J . 5.95 21.06 40.19
O3 NAG J . 7.46 23.07 38.70
O4 NAG J . 6.43 25.77 39.06
O5 NAG J . 3.45 23.69 39.32
O6 NAG J . 2.95 25.66 37.60
O7 NAG J . 6.84 19.93 41.92
C1 NAG K . -27.11 -7.07 -42.98
C2 NAG K . -27.13 -8.52 -43.47
C3 NAG K . -28.46 -8.82 -44.15
C4 NAG K . -29.61 -8.49 -43.20
C5 NAG K . -29.48 -7.06 -42.67
C6 NAG K . -30.51 -6.72 -41.63
C7 NAG K . -25.15 -9.78 -44.20
C8 NAG K . -24.07 -9.90 -45.23
N2 NAG K . -26.02 -8.77 -44.38
O3 NAG K . -28.51 -10.19 -44.52
O4 NAG K . -30.85 -8.62 -43.90
O5 NAG K . -28.19 -6.86 -42.06
O6 NAG K . -31.65 -7.57 -41.74
O7 NAG K . -25.24 -10.55 -43.26
C1 NAG L . -10.84 15.97 -30.14
C2 NAG L . -10.60 14.52 -30.60
C3 NAG L . -9.12 14.18 -30.48
C4 NAG L . -8.26 15.20 -31.21
C5 NAG L . -8.60 16.60 -30.74
C6 NAG L . -7.87 17.67 -31.52
C7 NAG L . -12.64 13.23 -30.22
C8 NAG L . -13.35 12.26 -29.32
N2 NAG L . -11.42 13.60 -29.84
O3 NAG L . -8.90 12.87 -31.02
O4 NAG L . -6.88 14.93 -30.96
O5 NAG L . -10.00 16.86 -30.91
O6 NAG L . -6.49 17.71 -31.20
O7 NAG L . -13.17 13.66 -31.25
#